data_8RMH
# 
_entry.id   8RMH 
# 
_audit_conform.dict_name       mmcif_pdbx.dic 
_audit_conform.dict_version    5.400 
_audit_conform.dict_location   http://mmcif.pdb.org/dictionaries/ascii/mmcif_pdbx.dic 
# 
loop_
_database_2.database_id 
_database_2.database_code 
_database_2.pdbx_database_accession 
_database_2.pdbx_DOI 
PDB   8RMH         pdb_00008rmh 10.2210/pdb8rmh/pdb 
WWPDB D_1292135436 ?            ?                   
# 
_pdbx_audit_revision_history.ordinal             1 
_pdbx_audit_revision_history.data_content_type   'Structure model' 
_pdbx_audit_revision_history.major_revision      1 
_pdbx_audit_revision_history.minor_revision      0 
_pdbx_audit_revision_history.revision_date       2025-01-15 
# 
_pdbx_audit_revision_details.ordinal             1 
_pdbx_audit_revision_details.revision_ordinal    1 
_pdbx_audit_revision_details.data_content_type   'Structure model' 
_pdbx_audit_revision_details.provider            repository 
_pdbx_audit_revision_details.type                'Initial release' 
_pdbx_audit_revision_details.description         ? 
_pdbx_audit_revision_details.details             ? 
# 
_pdbx_database_status.status_code                     REL 
_pdbx_database_status.status_code_sf                  REL 
_pdbx_database_status.status_code_mr                  ? 
_pdbx_database_status.entry_id                        8RMH 
_pdbx_database_status.recvd_initial_deposition_date   2024-01-06 
_pdbx_database_status.SG_entry                        N 
_pdbx_database_status.deposit_site                    PDBE 
_pdbx_database_status.process_site                    PDBE 
_pdbx_database_status.status_code_cs                  ? 
_pdbx_database_status.status_code_nmr_data            ? 
_pdbx_database_status.methods_development_category    ? 
_pdbx_database_status.pdb_format_compatible           Y 
# 
_pdbx_contact_author.id                 3 
_pdbx_contact_author.email              james.hall@reading.ac.uk 
_pdbx_contact_author.name_first         James 
_pdbx_contact_author.name_last          Hall 
_pdbx_contact_author.name_mi            ? 
_pdbx_contact_author.role               'principal investigator/group leader' 
_pdbx_contact_author.identifier_ORCID   0000-0003-3716-4378 
# 
loop_
_audit_author.name 
_audit_author.pdbx_ordinal 
_audit_author.identifier_ORCID 
'Abdullrahman, A.'      1 0000-0002-4745-6852 
'El Omari, K.'          2 0000-0003-3506-6045 
'Paterson, N.'          3 0000-0003-4292-6971 
'Orr, C.'               4 0000-0002-6137-8969 
'Lambert, M.'           5 ?                   
'Cardin, C.J.'          6 0000-0002-2556-9995 
'Sanchez-Weatherby, J.' 7 ?                   
'Hall, J.P.'            8 0000-0003-3716-4378 
# 
_citation.abstract                  ? 
_citation.abstract_id_CAS           ? 
_citation.book_id_ISBN              ? 
_citation.book_publisher            ? 
_citation.book_publisher_city       ? 
_citation.book_title                ? 
_citation.coordinate_linkage        ? 
_citation.country                   ? 
_citation.database_id_Medline       ? 
_citation.details                   ? 
_citation.id                        primary 
_citation.journal_abbrev            'To Be Published' 
_citation.journal_id_ASTM           ? 
_citation.journal_id_CSD            0353 
_citation.journal_id_ISSN           ? 
_citation.journal_full              ? 
_citation.journal_issue             ? 
_citation.journal_volume            ? 
_citation.language                  ? 
_citation.page_first                ? 
_citation.page_last                 ? 
_citation.title                     'Crystal structure of parallel G-quadruplex containing T-tetrads and TG-octaplet' 
_citation.year                      ? 
_citation.database_id_CSD           ? 
_citation.pdbx_database_id_DOI      ? 
_citation.pdbx_database_id_PubMed   ? 
_citation.pdbx_database_id_patent   ? 
_citation.unpublished_flag          ? 
# 
loop_
_citation_author.citation_id 
_citation_author.name 
_citation_author.ordinal 
_citation_author.identifier_ORCID 
primary 'Abdullrahman, A.'      1  0000-0002-4745-6852 
primary 'El Omari, K.'          2  0000-0003-3506-6045 
primary 'Paterson, N.'          3  0000-0003-4292-6971 
primary 'Orr, C.'               4  0000-0002-6137-8969 
primary 'Lambert, M.'           5  ?                   
primary 'Sandy, J.'             6  ?                   
primary 'Mikolajek, H.'         7  0000-0003-0776-9974 
primary 'Cardin, C.J.'          8  0000-0002-2556-9995 
primary 'Sanchez-Weatherby, J.' 9  ?                   
primary 'Hall, J.P.'            10 0000-0003-3716-4378 
# 
loop_
_entity.id 
_entity.type 
_entity.src_method 
_entity.pdbx_description 
_entity.formula_weight 
_entity.pdbx_number_of_molecules 
_entity.pdbx_ec 
_entity.pdbx_mutation 
_entity.pdbx_fragment 
_entity.details 
1 polymer     syn 
;DNA (5'-D(*TP*GP*GP*TP*GP*GP*T)-3')
;
2184.444 2  ? ? ? ? 
2 non-polymer syn 'POTASSIUM ION'                       39.098   11 ? ? ? ? 
3 non-polymer syn 'MAGNESIUM ION'                       24.305   1  ? ? ? ? 
4 non-polymer syn 'SODIUM ION'                          22.990   2  ? ? ? ? 
5 water       nat water                                 18.015   60 ? ? ? ? 
# 
_entity_poly.entity_id                      1 
_entity_poly.type                           polydeoxyribonucleotide 
_entity_poly.nstd_linkage                   no 
_entity_poly.nstd_monomer                   no 
_entity_poly.pdbx_seq_one_letter_code       '(DT)(DG)(DG)(DT)(DG)(DG)(DT)' 
_entity_poly.pdbx_seq_one_letter_code_can   TGGTGGT 
_entity_poly.pdbx_strand_id                 A,B 
_entity_poly.pdbx_target_identifier         ? 
# 
loop_
_pdbx_entity_nonpoly.entity_id 
_pdbx_entity_nonpoly.name 
_pdbx_entity_nonpoly.comp_id 
2 'POTASSIUM ION' K   
3 'MAGNESIUM ION' MG  
4 'SODIUM ION'    NA  
5 water           HOH 
# 
loop_
_entity_poly_seq.entity_id 
_entity_poly_seq.num 
_entity_poly_seq.mon_id 
_entity_poly_seq.hetero 
1 1 DT n 
1 2 DG n 
1 3 DG n 
1 4 DT n 
1 5 DG n 
1 6 DG n 
1 7 DT n 
# 
_pdbx_entity_src_syn.entity_id              1 
_pdbx_entity_src_syn.pdbx_src_id            1 
_pdbx_entity_src_syn.pdbx_alt_source_flag   sample 
_pdbx_entity_src_syn.pdbx_beg_seq_num       1 
_pdbx_entity_src_syn.pdbx_end_seq_num       7 
_pdbx_entity_src_syn.organism_scientific    'synthetic construct' 
_pdbx_entity_src_syn.organism_common_name   ? 
_pdbx_entity_src_syn.ncbi_taxonomy_id       32630 
_pdbx_entity_src_syn.details                ? 
# 
loop_
_chem_comp.id 
_chem_comp.type 
_chem_comp.mon_nstd_flag 
_chem_comp.name 
_chem_comp.pdbx_synonyms 
_chem_comp.formula 
_chem_comp.formula_weight 
DG  'DNA linking' y "2'-DEOXYGUANOSINE-5'-MONOPHOSPHATE" ? 'C10 H14 N5 O7 P' 347.221 
DT  'DNA linking' y "THYMIDINE-5'-MONOPHOSPHATE"         ? 'C10 H15 N2 O8 P' 322.208 
HOH non-polymer   . WATER                                ? 'H2 O'            18.015  
K   non-polymer   . 'POTASSIUM ION'                      ? 'K 1'             39.098  
MG  non-polymer   . 'MAGNESIUM ION'                      ? 'Mg 2'            24.305  
NA  non-polymer   . 'SODIUM ION'                         ? 'Na 1'            22.990  
# 
loop_
_pdbx_poly_seq_scheme.asym_id 
_pdbx_poly_seq_scheme.entity_id 
_pdbx_poly_seq_scheme.seq_id 
_pdbx_poly_seq_scheme.mon_id 
_pdbx_poly_seq_scheme.ndb_seq_num 
_pdbx_poly_seq_scheme.pdb_seq_num 
_pdbx_poly_seq_scheme.auth_seq_num 
_pdbx_poly_seq_scheme.pdb_mon_id 
_pdbx_poly_seq_scheme.auth_mon_id 
_pdbx_poly_seq_scheme.pdb_strand_id 
_pdbx_poly_seq_scheme.pdb_ins_code 
_pdbx_poly_seq_scheme.hetero 
A 1 1 DT 1 1 1 DT DT A . n 
A 1 2 DG 2 2 2 DG DG A . n 
A 1 3 DG 3 3 3 DG DG A . n 
A 1 4 DT 4 4 4 DT DT A . n 
A 1 5 DG 5 5 5 DG DG A . n 
A 1 6 DG 6 6 6 DG DG A . n 
A 1 7 DT 7 7 7 DT DT A . n 
B 1 1 DT 1 1 1 DT DT B . n 
B 1 2 DG 2 2 2 DG DG B . n 
B 1 3 DG 3 3 3 DG DG B . n 
B 1 4 DT 4 4 4 DT DT B . n 
B 1 5 DG 5 5 5 DG DG B . n 
B 1 6 DG 6 6 6 DG DG B . n 
B 1 7 DT 7 7 7 DT DT B . n 
# 
loop_
_pdbx_entity_instance_feature.ordinal 
_pdbx_entity_instance_feature.comp_id 
_pdbx_entity_instance_feature.asym_id 
_pdbx_entity_instance_feature.seq_num 
_pdbx_entity_instance_feature.auth_comp_id 
_pdbx_entity_instance_feature.auth_asym_id 
_pdbx_entity_instance_feature.auth_seq_num 
_pdbx_entity_instance_feature.feature_type 
_pdbx_entity_instance_feature.details 
1 K  ? ? K  ? ? 'SUBJECT OF INVESTIGATION' ? 
2 MG ? ? MG ? ? 'SUBJECT OF INVESTIGATION' ? 
3 NA ? ? NA ? ? 'SUBJECT OF INVESTIGATION' ? 
# 
loop_
_pdbx_nonpoly_scheme.asym_id 
_pdbx_nonpoly_scheme.entity_id 
_pdbx_nonpoly_scheme.mon_id 
_pdbx_nonpoly_scheme.ndb_seq_num 
_pdbx_nonpoly_scheme.pdb_seq_num 
_pdbx_nonpoly_scheme.auth_seq_num 
_pdbx_nonpoly_scheme.pdb_mon_id 
_pdbx_nonpoly_scheme.auth_mon_id 
_pdbx_nonpoly_scheme.pdb_strand_id 
_pdbx_nonpoly_scheme.pdb_ins_code 
C 2 K   1  101 1  K   K   A . 
D 2 K   1  102 2  K   K   A . 
E 2 K   1  103 3  K   K   A . 
F 2 K   1  104 4  K   K   A . 
G 2 K   1  105 5  K   K   A . 
H 2 K   1  106 6  K   K   A . 
I 2 K   1  107 10 K   K   A . 
J 3 MG  1  108 11 MG  MG  A . 
K 4 NA  1  109 12 NA  NA  A . 
L 4 NA  1  110 13 NA  NA  A . 
M 2 K   1  101 7  K   K   B . 
N 2 K   1  102 8  K   K   B . 
O 2 K   1  103 9  K   K   B . 
P 2 K   1  104 1  K   K   B . 
Q 5 HOH 1  201 52 HOH HOH A . 
Q 5 HOH 2  202 31 HOH HOH A . 
Q 5 HOH 3  203 15 HOH HOH A . 
Q 5 HOH 4  204 19 HOH HOH A . 
Q 5 HOH 5  205 14 HOH HOH A . 
Q 5 HOH 6  206 35 HOH HOH A . 
Q 5 HOH 7  207 50 HOH HOH A . 
Q 5 HOH 8  208 47 HOH HOH A . 
Q 5 HOH 9  209 17 HOH HOH A . 
Q 5 HOH 10 210 16 HOH HOH A . 
Q 5 HOH 11 211 46 HOH HOH A . 
Q 5 HOH 12 212 60 HOH HOH A . 
Q 5 HOH 13 213 8  HOH HOH A . 
Q 5 HOH 14 214 68 HOH HOH A . 
Q 5 HOH 15 215 58 HOH HOH A . 
Q 5 HOH 16 216 42 HOH HOH A . 
R 5 HOH 1  201 21 HOH HOH B . 
R 5 HOH 2  202 12 HOH HOH B . 
R 5 HOH 3  203 7  HOH HOH B . 
R 5 HOH 4  204 41 HOH HOH B . 
R 5 HOH 5  205 24 HOH HOH B . 
R 5 HOH 6  206 6  HOH HOH B . 
R 5 HOH 7  207 23 HOH HOH B . 
R 5 HOH 8  208 18 HOH HOH B . 
R 5 HOH 9  209 1  HOH HOH B . 
R 5 HOH 10 210 40 HOH HOH B . 
R 5 HOH 11 211 39 HOH HOH B . 
R 5 HOH 12 212 38 HOH HOH B . 
R 5 HOH 13 213 5  HOH HOH B . 
R 5 HOH 14 214 27 HOH HOH B . 
R 5 HOH 15 215 3  HOH HOH B . 
R 5 HOH 16 216 25 HOH HOH B . 
R 5 HOH 17 217 62 HOH HOH B . 
R 5 HOH 18 218 2  HOH HOH B . 
R 5 HOH 19 219 11 HOH HOH B . 
R 5 HOH 20 220 26 HOH HOH B . 
R 5 HOH 21 221 22 HOH HOH B . 
R 5 HOH 22 222 43 HOH HOH B . 
R 5 HOH 23 223 28 HOH HOH B . 
R 5 HOH 24 224 4  HOH HOH B . 
R 5 HOH 25 225 13 HOH HOH B . 
R 5 HOH 26 226 49 HOH HOH B . 
R 5 HOH 27 227 57 HOH HOH B . 
R 5 HOH 28 228 10 HOH HOH B . 
R 5 HOH 29 229 20 HOH HOH B . 
R 5 HOH 30 230 59 HOH HOH B . 
R 5 HOH 31 231 63 HOH HOH B . 
R 5 HOH 32 232 48 HOH HOH B . 
R 5 HOH 33 233 37 HOH HOH B . 
R 5 HOH 34 234 54 HOH HOH B . 
R 5 HOH 35 235 55 HOH HOH B . 
R 5 HOH 36 236 77 HOH HOH B . 
R 5 HOH 37 237 44 HOH HOH B . 
R 5 HOH 38 238 70 HOH HOH B . 
R 5 HOH 39 239 76 HOH HOH B . 
R 5 HOH 40 240 74 HOH HOH B . 
R 5 HOH 41 241 67 HOH HOH B . 
R 5 HOH 42 242 56 HOH HOH B . 
R 5 HOH 43 243 72 HOH HOH B . 
R 5 HOH 44 244 64 HOH HOH B . 
# 
loop_
_software.citation_id 
_software.classification 
_software.compiler_name 
_software.compiler_version 
_software.contact_author 
_software.contact_author_email 
_software.date 
_software.description 
_software.dependencies 
_software.hardware 
_software.language 
_software.location 
_software.mods 
_software.name 
_software.os 
_software.os_version 
_software.type 
_software.version 
_software.pdbx_ordinal 
? refinement       ? ? ? ? ? ? ? ? ? ? ? PHENIX ? ? ? 1.20.1_4487 1 
? 'data reduction' ? ? ? ? ? ? ? ? ? ? ? DIALS  ? ? ? .           2 
? 'data scaling'   ? ? ? ? ? ? ? ? ? ? ? XSCALE ? ? ? .           3 
? phasing          ? ? ? ? ? ? ? ? ? ? ? ACORN  ? ? ? .           4 
# 
_cell.angle_alpha                  90.000 
_cell.angle_alpha_esd              ? 
_cell.angle_beta                   90.000 
_cell.angle_beta_esd               ? 
_cell.angle_gamma                  90.000 
_cell.angle_gamma_esd              ? 
_cell.entry_id                     8RMH 
_cell.details                      ? 
_cell.formula_units_Z              ? 
_cell.length_a                     40.436 
_cell.length_a_esd                 ? 
_cell.length_b                     40.436 
_cell.length_b_esd                 ? 
_cell.length_c                     40.479 
_cell.length_c_esd                 ? 
_cell.volume                       66186.002 
_cell.volume_esd                   ? 
_cell.Z_PDB                        16 
_cell.reciprocal_angle_alpha       ? 
_cell.reciprocal_angle_beta        ? 
_cell.reciprocal_angle_gamma       ? 
_cell.reciprocal_angle_alpha_esd   ? 
_cell.reciprocal_angle_beta_esd    ? 
_cell.reciprocal_angle_gamma_esd   ? 
_cell.reciprocal_length_a          ? 
_cell.reciprocal_length_b          ? 
_cell.reciprocal_length_c          ? 
_cell.reciprocal_length_a_esd      ? 
_cell.reciprocal_length_b_esd      ? 
_cell.reciprocal_length_c_esd      ? 
_cell.pdbx_unique_axis             ? 
_cell.pdbx_esd_method              ? 
# 
_symmetry.entry_id                         8RMH 
_symmetry.cell_setting                     ? 
_symmetry.Int_Tables_number                90 
_symmetry.space_group_name_Hall            'P 4ab 2ab' 
_symmetry.space_group_name_H-M             'P 4 21 2' 
_symmetry.pdbx_full_space_group_name_H-M   ? 
# 
_exptl.absorpt_coefficient_mu     ? 
_exptl.absorpt_correction_T_max   ? 
_exptl.absorpt_correction_T_min   ? 
_exptl.absorpt_correction_type    ? 
_exptl.absorpt_process_details    ? 
_exptl.entry_id                   8RMH 
_exptl.crystals_number            1 
_exptl.details                    ? 
_exptl.method                     'X-RAY DIFFRACTION' 
_exptl.method_details             ? 
# 
_exptl_crystal.colour                       ? 
_exptl_crystal.density_diffrn               ? 
_exptl_crystal.density_Matthews             1.89 
_exptl_crystal.density_method               ? 
_exptl_crystal.density_percent_sol          35.05 
_exptl_crystal.description                  ? 
_exptl_crystal.F_000                        ? 
_exptl_crystal.id                           1 
_exptl_crystal.preparation                  ? 
_exptl_crystal.size_max                     ? 
_exptl_crystal.size_mid                     ? 
_exptl_crystal.size_min                     ? 
_exptl_crystal.size_rad                     ? 
_exptl_crystal.colour_lustre                ? 
_exptl_crystal.colour_modifier              ? 
_exptl_crystal.colour_primary               ? 
_exptl_crystal.density_meas                 ? 
_exptl_crystal.density_meas_esd             ? 
_exptl_crystal.density_meas_gt              ? 
_exptl_crystal.density_meas_lt              ? 
_exptl_crystal.density_meas_temp            ? 
_exptl_crystal.density_meas_temp_esd        ? 
_exptl_crystal.density_meas_temp_gt         ? 
_exptl_crystal.density_meas_temp_lt         ? 
_exptl_crystal.pdbx_crystal_image_url       ? 
_exptl_crystal.pdbx_crystal_image_format    ? 
_exptl_crystal.pdbx_mosaicity               ? 
_exptl_crystal.pdbx_mosaicity_esd           ? 
_exptl_crystal.pdbx_mosaic_method           ? 
_exptl_crystal.pdbx_mosaic_block_size       ? 
_exptl_crystal.pdbx_mosaic_block_size_esd   ? 
# 
_exptl_crystal_grow.apparatus       ? 
_exptl_crystal_grow.atmosphere      ? 
_exptl_crystal_grow.crystal_id      1 
_exptl_crystal_grow.details         ? 
_exptl_crystal_grow.method          'VAPOR DIFFUSION, SITTING DROP' 
_exptl_crystal_grow.method_ref      ? 
_exptl_crystal_grow.pH              ? 
_exptl_crystal_grow.pressure        ? 
_exptl_crystal_grow.pressure_esd    ? 
_exptl_crystal_grow.seeding         ? 
_exptl_crystal_grow.seeding_ref     ? 
_exptl_crystal_grow.temp_details    ? 
_exptl_crystal_grow.temp_esd        ? 
_exptl_crystal_grow.time            ? 
_exptl_crystal_grow.pdbx_details    
;A solution containing DNA 1.8 mM, 0.02 M Sodium Cacodylate pH 5.5, 0.1 M NaCl, 0.01 mM MgCl2 was mixed 1:1 with a solution containing 0.2 M Potassium chloride, 0.05 M Sodium cacodylate trihydrate pH 5.9, 10% w/v Polyethylene glycol 4000 & 0.01 M Magnesium chloride hexahydrate.
;
_exptl_crystal_grow.pdbx_pH_range   ? 
_exptl_crystal_grow.temp            293.15 
# 
_diffrn.ambient_environment              ? 
_diffrn.ambient_temp                     293.15 
_diffrn.ambient_temp_details             ? 
_diffrn.ambient_temp_esd                 ? 
_diffrn.crystal_id                       1 
_diffrn.crystal_support                  ? 
_diffrn.crystal_treatment                ? 
_diffrn.details                          ? 
_diffrn.id                               1 
_diffrn.ambient_pressure                 ? 
_diffrn.ambient_pressure_esd             ? 
_diffrn.ambient_pressure_gt              ? 
_diffrn.ambient_pressure_lt              ? 
_diffrn.ambient_temp_gt                  ? 
_diffrn.ambient_temp_lt                  ? 
_diffrn.pdbx_serial_crystal_experiment   N 
# 
_diffrn_detector.details                      ? 
_diffrn_detector.detector                     PIXEL 
_diffrn_detector.diffrn_id                    1 
_diffrn_detector.type                         'DECTRIS PILATUS 12M' 
_diffrn_detector.area_resol_mean              ? 
_diffrn_detector.dtime                        ? 
_diffrn_detector.pdbx_frames_total            ? 
_diffrn_detector.pdbx_collection_time_total   ? 
_diffrn_detector.pdbx_collection_date         2023-09-18 
_diffrn_detector.pdbx_frequency               ? 
_diffrn_detector.id                           ? 
_diffrn_detector.number_of_axes               ? 
# 
_diffrn_radiation.collimation                      ? 
_diffrn_radiation.diffrn_id                        1 
_diffrn_radiation.filter_edge                      ? 
_diffrn_radiation.inhomogeneity                    ? 
_diffrn_radiation.monochromator                    ? 
_diffrn_radiation.polarisn_norm                    ? 
_diffrn_radiation.polarisn_ratio                   ? 
_diffrn_radiation.probe                            ? 
_diffrn_radiation.type                             ? 
_diffrn_radiation.xray_symbol                      ? 
_diffrn_radiation.wavelength_id                    1 
_diffrn_radiation.pdbx_monochromatic_or_laue_m_l   M 
_diffrn_radiation.pdbx_wavelength_list             ? 
_diffrn_radiation.pdbx_wavelength                  ? 
_diffrn_radiation.pdbx_diffrn_protocol             'SINGLE WAVELENGTH' 
_diffrn_radiation.pdbx_analyzer                    ? 
_diffrn_radiation.pdbx_scattering_type             x-ray 
# 
_diffrn_radiation_wavelength.id           1 
_diffrn_radiation_wavelength.wavelength   1.1271 
_diffrn_radiation_wavelength.wt           1.0 
# 
_diffrn_source.current                     ? 
_diffrn_source.details                     ? 
_diffrn_source.diffrn_id                   1 
_diffrn_source.power                       ? 
_diffrn_source.size                        ? 
_diffrn_source.source                      SYNCHROTRON 
_diffrn_source.target                      ? 
_diffrn_source.type                        'DIAMOND BEAMLINE I23' 
_diffrn_source.voltage                     ? 
_diffrn_source.take-off_angle              ? 
_diffrn_source.pdbx_wavelength_list        1.1271 
_diffrn_source.pdbx_wavelength             ? 
_diffrn_source.pdbx_synchrotron_beamline   I23 
_diffrn_source.pdbx_synchrotron_site       Diamond 
# 
_reflns.B_iso_Wilson_estimate                          10.52 
_reflns.entry_id                                       8RMH 
_reflns.data_reduction_details                         ? 
_reflns.data_reduction_method                          ? 
_reflns.d_resolution_high                              1.15 
_reflns.d_resolution_low                               40.48 
_reflns.details                                        ? 
_reflns.limit_h_max                                    ? 
_reflns.limit_h_min                                    ? 
_reflns.limit_k_max                                    ? 
_reflns.limit_k_min                                    ? 
_reflns.limit_l_max                                    ? 
_reflns.limit_l_min                                    ? 
_reflns.number_all                                     ? 
_reflns.number_obs                                     12480 
_reflns.observed_criterion                             ? 
_reflns.observed_criterion_F_max                       ? 
_reflns.observed_criterion_F_min                       ? 
_reflns.observed_criterion_I_max                       ? 
_reflns.observed_criterion_I_min                       ? 
_reflns.observed_criterion_sigma_F                     ? 
_reflns.observed_criterion_sigma_I                     ? 
_reflns.percent_possible_obs                           100 
_reflns.R_free_details                                 ? 
_reflns.Rmerge_F_all                                   ? 
_reflns.Rmerge_F_obs                                   ? 
_reflns.Friedel_coverage                               ? 
_reflns.number_gt                                      ? 
_reflns.threshold_expression                           ? 
_reflns.pdbx_redundancy                                126.9 
_reflns.pdbx_netI_over_av_sigmaI                       ? 
_reflns.pdbx_netI_over_sigmaI                          0.353 
_reflns.pdbx_res_netI_over_av_sigmaI_2                 ? 
_reflns.pdbx_res_netI_over_sigmaI_2                    ? 
_reflns.pdbx_chi_squared                               ? 
_reflns.pdbx_scaling_rejects                           ? 
_reflns.pdbx_d_res_high_opt                            ? 
_reflns.pdbx_d_res_low_opt                             ? 
_reflns.pdbx_d_res_opt_method                          ? 
_reflns.phase_calculation_details                      ? 
_reflns.pdbx_Rrim_I_all                                ? 
_reflns.pdbx_Rpim_I_all                                ? 
_reflns.pdbx_d_opt                                     ? 
_reflns.pdbx_number_measured_all                       ? 
_reflns.pdbx_diffrn_id                                 1 
_reflns.pdbx_ordinal                                   1 
_reflns.pdbx_CC_half                                   1.0 
_reflns.pdbx_CC_star                                   ? 
_reflns.pdbx_R_split                                   ? 
_reflns.pdbx_Rmerge_I_obs                              ? 
_reflns.pdbx_Rmerge_I_all                              ? 
_reflns.pdbx_Rsym_value                                ? 
_reflns.pdbx_CC_split_method                           ? 
_reflns.pdbx_aniso_diffraction_limit_axis_1_ortho[1]   ? 
_reflns.pdbx_aniso_diffraction_limit_axis_1_ortho[2]   ? 
_reflns.pdbx_aniso_diffraction_limit_axis_1_ortho[3]   ? 
_reflns.pdbx_aniso_diffraction_limit_axis_2_ortho[1]   ? 
_reflns.pdbx_aniso_diffraction_limit_axis_2_ortho[2]   ? 
_reflns.pdbx_aniso_diffraction_limit_axis_2_ortho[3]   ? 
_reflns.pdbx_aniso_diffraction_limit_axis_3_ortho[1]   ? 
_reflns.pdbx_aniso_diffraction_limit_axis_3_ortho[2]   ? 
_reflns.pdbx_aniso_diffraction_limit_axis_3_ortho[3]   ? 
_reflns.pdbx_aniso_diffraction_limit_1                 ? 
_reflns.pdbx_aniso_diffraction_limit_2                 ? 
_reflns.pdbx_aniso_diffraction_limit_3                 ? 
_reflns.pdbx_aniso_B_tensor_eigenvector_1_ortho[1]     ? 
_reflns.pdbx_aniso_B_tensor_eigenvector_1_ortho[2]     ? 
_reflns.pdbx_aniso_B_tensor_eigenvector_1_ortho[3]     ? 
_reflns.pdbx_aniso_B_tensor_eigenvector_2_ortho[1]     ? 
_reflns.pdbx_aniso_B_tensor_eigenvector_2_ortho[2]     ? 
_reflns.pdbx_aniso_B_tensor_eigenvector_2_ortho[3]     ? 
_reflns.pdbx_aniso_B_tensor_eigenvector_3_ortho[1]     ? 
_reflns.pdbx_aniso_B_tensor_eigenvector_3_ortho[2]     ? 
_reflns.pdbx_aniso_B_tensor_eigenvector_3_ortho[3]     ? 
_reflns.pdbx_aniso_B_tensor_eigenvalue_1               ? 
_reflns.pdbx_aniso_B_tensor_eigenvalue_2               ? 
_reflns.pdbx_aniso_B_tensor_eigenvalue_3               ? 
_reflns.pdbx_orthogonalization_convention              ? 
_reflns.pdbx_percent_possible_ellipsoidal              ? 
_reflns.pdbx_percent_possible_spherical                ? 
_reflns.pdbx_percent_possible_ellipsoidal_anomalous    ? 
_reflns.pdbx_percent_possible_spherical_anomalous      ? 
_reflns.pdbx_redundancy_anomalous                      ? 
_reflns.pdbx_CC_half_anomalous                         ? 
_reflns.pdbx_absDiff_over_sigma_anomalous              ? 
_reflns.pdbx_percent_possible_anomalous                ? 
_reflns.pdbx_observed_signal_threshold                 ? 
_reflns.pdbx_signal_type                               ? 
_reflns.pdbx_signal_details                            ? 
_reflns.pdbx_signal_software_id                        ? 
# 
_reflns_shell.d_res_high                                    1.15 
_reflns_shell.d_res_low                                     1.17 
_reflns_shell.meanI_over_sigI_all                           ? 
_reflns_shell.meanI_over_sigI_obs                           ? 
_reflns_shell.number_measured_all                           ? 
_reflns_shell.number_measured_obs                           ? 
_reflns_shell.number_possible                               ? 
_reflns_shell.number_unique_all                             ? 
_reflns_shell.number_unique_obs                             589 
_reflns_shell.percent_possible_obs                          ? 
_reflns_shell.Rmerge_F_all                                  ? 
_reflns_shell.Rmerge_F_obs                                  ? 
_reflns_shell.meanI_over_sigI_gt                            ? 
_reflns_shell.meanI_over_uI_all                             ? 
_reflns_shell.meanI_over_uI_gt                              ? 
_reflns_shell.number_measured_gt                            ? 
_reflns_shell.number_unique_gt                              ? 
_reflns_shell.percent_possible_gt                           ? 
_reflns_shell.Rmerge_F_gt                                   ? 
_reflns_shell.Rmerge_I_gt                                   ? 
_reflns_shell.pdbx_redundancy                               ? 
_reflns_shell.pdbx_chi_squared                              ? 
_reflns_shell.pdbx_netI_over_sigmaI_all                     ? 
_reflns_shell.pdbx_netI_over_sigmaI_obs                     ? 
_reflns_shell.pdbx_Rrim_I_all                               ? 
_reflns_shell.pdbx_Rpim_I_all                               ? 
_reflns_shell.pdbx_rejects                                  ? 
_reflns_shell.pdbx_ordinal                                  1 
_reflns_shell.pdbx_diffrn_id                                1 
_reflns_shell.pdbx_CC_half                                  0.567 
_reflns_shell.pdbx_CC_star                                  ? 
_reflns_shell.pdbx_R_split                                  ? 
_reflns_shell.percent_possible_all                          ? 
_reflns_shell.Rmerge_I_all                                  ? 
_reflns_shell.Rmerge_I_obs                                  ? 
_reflns_shell.pdbx_Rsym_value                               ? 
_reflns_shell.pdbx_percent_possible_ellipsoidal             ? 
_reflns_shell.pdbx_percent_possible_spherical               ? 
_reflns_shell.pdbx_percent_possible_ellipsoidal_anomalous   ? 
_reflns_shell.pdbx_percent_possible_spherical_anomalous     ? 
_reflns_shell.pdbx_redundancy_anomalous                     ? 
_reflns_shell.pdbx_CC_half_anomalous                        ? 
_reflns_shell.pdbx_absDiff_over_sigma_anomalous             ? 
_reflns_shell.pdbx_percent_possible_anomalous               ? 
# 
_refine.aniso_B[1][1]                            ? 
_refine.aniso_B[1][2]                            ? 
_refine.aniso_B[1][3]                            ? 
_refine.aniso_B[2][2]                            ? 
_refine.aniso_B[2][3]                            ? 
_refine.aniso_B[3][3]                            ? 
_refine.B_iso_max                                ? 
_refine.B_iso_mean                               21.33 
_refine.B_iso_min                                ? 
_refine.correlation_coeff_Fo_to_Fc               ? 
_refine.correlation_coeff_Fo_to_Fc_free          ? 
_refine.details                                  ? 
_refine.diff_density_max                         ? 
_refine.diff_density_max_esd                     ? 
_refine.diff_density_min                         ? 
_refine.diff_density_min_esd                     ? 
_refine.diff_density_rms                         ? 
_refine.diff_density_rms_esd                     ? 
_refine.entry_id                                 8RMH 
_refine.pdbx_refine_id                           'X-RAY DIFFRACTION' 
_refine.ls_abs_structure_details                 ? 
_refine.ls_abs_structure_Flack                   ? 
_refine.ls_abs_structure_Flack_esd               ? 
_refine.ls_abs_structure_Rogers                  ? 
_refine.ls_abs_structure_Rogers_esd              ? 
_refine.ls_d_res_high                            1.15 
_refine.ls_d_res_low                             40.48 
_refine.ls_extinction_coef                       ? 
_refine.ls_extinction_coef_esd                   ? 
_refine.ls_extinction_expression                 ? 
_refine.ls_extinction_method                     ? 
_refine.ls_goodness_of_fit_all                   ? 
_refine.ls_goodness_of_fit_all_esd               ? 
_refine.ls_goodness_of_fit_obs                   ? 
_refine.ls_goodness_of_fit_obs_esd               ? 
_refine.ls_hydrogen_treatment                    ? 
_refine.ls_matrix_type                           ? 
_refine.ls_number_constraints                    ? 
_refine.ls_number_parameters                     ? 
_refine.ls_number_reflns_all                     ? 
_refine.ls_number_reflns_obs                     12352 
_refine.ls_number_reflns_R_free                  1216 
_refine.ls_number_reflns_R_work                  21323 
_refine.ls_number_restraints                     ? 
_refine.ls_percent_reflns_obs                    98.83 
_refine.ls_percent_reflns_R_free                 5.40 
_refine.ls_R_factor_all                          ? 
_refine.ls_R_factor_obs                          0.1536 
_refine.ls_R_factor_R_free                       0.1900 
_refine.ls_R_factor_R_free_error                 ? 
_refine.ls_R_factor_R_free_error_details         ? 
_refine.ls_R_factor_R_work                       0.1514 
_refine.ls_R_Fsqd_factor_obs                     ? 
_refine.ls_R_I_factor_obs                        ? 
_refine.ls_redundancy_reflns_all                 ? 
_refine.ls_redundancy_reflns_obs                 ? 
_refine.ls_restrained_S_all                      ? 
_refine.ls_restrained_S_obs                      ? 
_refine.ls_shift_over_esd_max                    ? 
_refine.ls_shift_over_esd_mean                   ? 
_refine.ls_structure_factor_coef                 ? 
_refine.ls_weighting_details                     ? 
_refine.ls_weighting_scheme                      ? 
_refine.ls_wR_factor_all                         ? 
_refine.ls_wR_factor_obs                         ? 
_refine.ls_wR_factor_R_free                      ? 
_refine.ls_wR_factor_R_work                      ? 
_refine.occupancy_max                            ? 
_refine.occupancy_min                            ? 
_refine.solvent_model_details                    'FLAT BULK SOLVENT MODEL' 
_refine.solvent_model_param_bsol                 ? 
_refine.solvent_model_param_ksol                 ? 
_refine.pdbx_R_complete                          ? 
_refine.ls_R_factor_gt                           ? 
_refine.ls_goodness_of_fit_gt                    ? 
_refine.ls_goodness_of_fit_ref                   ? 
_refine.ls_shift_over_su_max                     ? 
_refine.ls_shift_over_su_max_lt                  ? 
_refine.ls_shift_over_su_mean                    ? 
_refine.ls_shift_over_su_mean_lt                 ? 
_refine.pdbx_ls_sigma_I                          ? 
_refine.pdbx_ls_sigma_F                          1.34 
_refine.pdbx_ls_sigma_Fsqd                       ? 
_refine.pdbx_data_cutoff_high_absF               ? 
_refine.pdbx_data_cutoff_high_rms_absF           ? 
_refine.pdbx_data_cutoff_low_absF                ? 
_refine.pdbx_isotropic_thermal_model             ? 
_refine.pdbx_ls_cross_valid_method               'FREE R-VALUE' 
_refine.pdbx_method_to_determine_struct          SAD 
_refine.pdbx_starting_model                      ? 
_refine.pdbx_stereochemistry_target_values       'GeoStd + Monomer Library + CDL v1.2' 
_refine.pdbx_R_Free_selection_details            ? 
_refine.pdbx_stereochem_target_val_spec_case     ? 
_refine.pdbx_overall_ESU_R                       ? 
_refine.pdbx_overall_ESU_R_Free                  ? 
_refine.pdbx_solvent_vdw_probe_radii             1.1000 
_refine.pdbx_solvent_ion_probe_radii             ? 
_refine.pdbx_solvent_shrinkage_radii             0.9000 
_refine.pdbx_real_space_R                        ? 
_refine.pdbx_density_correlation                 ? 
_refine.pdbx_pd_number_of_powder_patterns        ? 
_refine.pdbx_pd_number_of_points                 ? 
_refine.pdbx_pd_meas_number_of_points            ? 
_refine.pdbx_pd_proc_ls_prof_R_factor            ? 
_refine.pdbx_pd_proc_ls_prof_wR_factor           ? 
_refine.pdbx_pd_Marquardt_correlation_coeff      ? 
_refine.pdbx_pd_Fsqrd_R_factor                   ? 
_refine.pdbx_pd_ls_matrix_band_width             ? 
_refine.pdbx_overall_phase_error                 25.0320 
_refine.pdbx_overall_SU_R_free_Cruickshank_DPI   ? 
_refine.pdbx_overall_SU_R_free_Blow_DPI          ? 
_refine.pdbx_overall_SU_R_Blow_DPI               ? 
_refine.pdbx_TLS_residual_ADP_flag               ? 
_refine.pdbx_diffrn_id                           1 
_refine.overall_SU_B                             ? 
_refine.overall_SU_ML                            0.1731 
_refine.overall_SU_R_Cruickshank_DPI             ? 
_refine.overall_SU_R_free                        ? 
_refine.overall_FOM_free_R_set                   ? 
_refine.overall_FOM_work_R_set                   ? 
_refine.pdbx_average_fsc_overall                 ? 
_refine.pdbx_average_fsc_work                    ? 
_refine.pdbx_average_fsc_free                    ? 
# 
_refine_hist.pdbx_refine_id                   'X-RAY DIFFRACTION' 
_refine_hist.cycle_id                         LAST 
_refine_hist.details                          ? 
_refine_hist.d_res_high                       1.15 
_refine_hist.d_res_low                        40.48 
_refine_hist.number_atoms_solvent             60 
_refine_hist.number_atoms_total               364 
_refine_hist.number_reflns_all                ? 
_refine_hist.number_reflns_obs                ? 
_refine_hist.number_reflns_R_free             ? 
_refine_hist.number_reflns_R_work             ? 
_refine_hist.R_factor_all                     ? 
_refine_hist.R_factor_obs                     ? 
_refine_hist.R_factor_R_free                  ? 
_refine_hist.R_factor_R_work                  ? 
_refine_hist.pdbx_number_residues_total       ? 
_refine_hist.pdbx_B_iso_mean_ligand           ? 
_refine_hist.pdbx_B_iso_mean_solvent          ? 
_refine_hist.pdbx_number_atoms_protein        0 
_refine_hist.pdbx_number_atoms_nucleic_acid   290 
_refine_hist.pdbx_number_atoms_ligand         14 
_refine_hist.pdbx_number_atoms_lipid          ? 
_refine_hist.pdbx_number_atoms_carb           ? 
_refine_hist.pdbx_pseudo_atom_details         ? 
# 
loop_
_refine_ls_restr.pdbx_refine_id 
_refine_ls_restr.criterion 
_refine_ls_restr.dev_ideal 
_refine_ls_restr.dev_ideal_target 
_refine_ls_restr.number 
_refine_ls_restr.rejects 
_refine_ls_restr.type 
_refine_ls_restr.weight 
_refine_ls_restr.pdbx_restraint_function 
'X-RAY DIFFRACTION' ? 0.0112  ? 324 ? f_bond_d           ? ? 
'X-RAY DIFFRACTION' ? 1.2766  ? 500 ? f_angle_d          ? ? 
'X-RAY DIFFRACTION' ? 0.0522  ? 54  ? f_chiral_restr     ? ? 
'X-RAY DIFFRACTION' ? 0.0164  ? 14  ? f_plane_restr      ? ? 
'X-RAY DIFFRACTION' ? 33.3676 ? 132 ? f_dihedral_angle_d ? ? 
# 
loop_
_refine_ls_shell.pdbx_refine_id 
_refine_ls_shell.d_res_high 
_refine_ls_shell.d_res_low 
_refine_ls_shell.number_reflns_all 
_refine_ls_shell.number_reflns_obs 
_refine_ls_shell.number_reflns_R_free 
_refine_ls_shell.number_reflns_R_work 
_refine_ls_shell.percent_reflns_obs 
_refine_ls_shell.percent_reflns_R_free 
_refine_ls_shell.R_factor_all 
_refine_ls_shell.R_factor_obs 
_refine_ls_shell.R_factor_R_free_error 
_refine_ls_shell.R_factor_R_work 
_refine_ls_shell.redundancy_reflns_all 
_refine_ls_shell.redundancy_reflns_obs 
_refine_ls_shell.wR_factor_all 
_refine_ls_shell.wR_factor_obs 
_refine_ls_shell.wR_factor_R_free 
_refine_ls_shell.wR_factor_R_work 
_refine_ls_shell.pdbx_R_complete 
_refine_ls_shell.pdbx_total_number_of_bins_used 
_refine_ls_shell.pdbx_phase_error 
_refine_ls_shell.pdbx_fsc_work 
_refine_ls_shell.pdbx_fsc_free 
_refine_ls_shell.R_factor_R_free 
'X-RAY DIFFRACTION' 1.15 1.20  . . 109 2212 91.96  . . . . 0.3373 . . . . . . . . . . . 0.3302 
'X-RAY DIFFRACTION' 1.20 1.25  . . 131 2390 99.41  . . . . 0.3027 . . . . . . . . . . . 0.3700 
'X-RAY DIFFRACTION' 1.25 1.32  . . 120 2412 99.92  . . . . 0.2652 . . . . . . . . . . . 0.3377 
'X-RAY DIFFRACTION' 1.32 1.40  . . 108 2430 100.00 . . . . 0.2124 . . . . . . . . . . . 0.2740 
'X-RAY DIFFRACTION' 1.40 1.51  . . 136 2403 99.69  . . . . 0.1791 . . . . . . . . . . . 0.2147 
'X-RAY DIFFRACTION' 1.51 1.66  . . 173 2303 99.84  . . . . 0.1474 . . . . . . . . . . . 0.1966 
'X-RAY DIFFRACTION' 1.66 1.90  . . 153 2390 99.53  . . . . 0.1237 . . . . . . . . . . . 0.1450 
'X-RAY DIFFRACTION' 1.90 2.39  . . 131 2412 100.00 . . . . 0.1145 . . . . . . . . . . . 0.1597 
'X-RAY DIFFRACTION' 2.39 40.48 . . 155 2371 99.21  . . . . 0.1077 . . . . . . . . . . . 0.1576 
# 
_struct.entry_id                     8RMH 
_struct.title                        'Crystal structure of parallel G-quadruplex containing T-tetrads and TG-octaplet' 
_struct.pdbx_model_details           ? 
_struct.pdbx_formula_weight          ? 
_struct.pdbx_formula_weight_method   ? 
_struct.pdbx_model_type_details      ? 
_struct.pdbx_CASP_flag               N 
# 
_struct_keywords.entry_id        8RMH 
_struct_keywords.text            'DNA, Quadruplex, T-tetrad, Octaplet, Parallel' 
_struct_keywords.pdbx_keywords   DNA 
# 
loop_
_struct_asym.id 
_struct_asym.pdbx_blank_PDB_chainid_flag 
_struct_asym.pdbx_modified 
_struct_asym.entity_id 
_struct_asym.details 
A N N 1 ? 
B N N 1 ? 
C N N 2 ? 
D N N 2 ? 
E N N 2 ? 
F N N 2 ? 
G N N 2 ? 
H N N 2 ? 
I N N 2 ? 
J N N 3 ? 
K N N 4 ? 
L N N 4 ? 
M N N 2 ? 
N N N 2 ? 
O N N 2 ? 
P N N 2 ? 
Q N N 5 ? 
R N N 5 ? 
# 
_struct_ref.id                         1 
_struct_ref.db_name                    PDB 
_struct_ref.db_code                    8RMH 
_struct_ref.pdbx_db_accession          8RMH 
_struct_ref.pdbx_db_isoform            ? 
_struct_ref.entity_id                  1 
_struct_ref.pdbx_seq_one_letter_code   ? 
_struct_ref.pdbx_align_begin           1 
# 
loop_
_struct_ref_seq.align_id 
_struct_ref_seq.ref_id 
_struct_ref_seq.pdbx_PDB_id_code 
_struct_ref_seq.pdbx_strand_id 
_struct_ref_seq.seq_align_beg 
_struct_ref_seq.pdbx_seq_align_beg_ins_code 
_struct_ref_seq.seq_align_end 
_struct_ref_seq.pdbx_seq_align_end_ins_code 
_struct_ref_seq.pdbx_db_accession 
_struct_ref_seq.db_align_beg 
_struct_ref_seq.pdbx_db_align_beg_ins_code 
_struct_ref_seq.db_align_end 
_struct_ref_seq.pdbx_db_align_end_ins_code 
_struct_ref_seq.pdbx_auth_seq_align_beg 
_struct_ref_seq.pdbx_auth_seq_align_end 
1 1 8RMH A 1 ? 7 ? 8RMH 1 ? 7 ? 1 7 
2 1 8RMH B 1 ? 7 ? 8RMH 1 ? 7 ? 1 7 
# 
_pdbx_struct_assembly.id                   1 
_pdbx_struct_assembly.details              author_defined_assembly 
_pdbx_struct_assembly.method_details       ? 
_pdbx_struct_assembly.oligomeric_details   hexameric 
_pdbx_struct_assembly.oligomeric_count     6 
# 
loop_
_pdbx_struct_assembly_gen.assembly_id 
_pdbx_struct_assembly_gen.oper_expression 
_pdbx_struct_assembly_gen.asym_id_list 
1 1 A,B,C,D,E,F,G,H,I,J,K,L,M,N,O,P,Q,R 
1 2 A,B,C,D,E,F,G,H,I,J,K,L,M,N,O,P,Q,R 
1 3 A,B,C,D,E,F,G,H,I,J,K,L,M,N,O,P,Q,R 
# 
_pdbx_struct_assembly_auth_evidence.id                     1 
_pdbx_struct_assembly_auth_evidence.assembly_id            1 
_pdbx_struct_assembly_auth_evidence.experimental_support   none 
_pdbx_struct_assembly_auth_evidence.details                ? 
# 
loop_
_pdbx_struct_oper_list.id 
_pdbx_struct_oper_list.type 
_pdbx_struct_oper_list.name 
_pdbx_struct_oper_list.symmetry_operation 
_pdbx_struct_oper_list.matrix[1][1] 
_pdbx_struct_oper_list.matrix[1][2] 
_pdbx_struct_oper_list.matrix[1][3] 
_pdbx_struct_oper_list.vector[1] 
_pdbx_struct_oper_list.matrix[2][1] 
_pdbx_struct_oper_list.matrix[2][2] 
_pdbx_struct_oper_list.matrix[2][3] 
_pdbx_struct_oper_list.vector[2] 
_pdbx_struct_oper_list.matrix[3][1] 
_pdbx_struct_oper_list.matrix[3][2] 
_pdbx_struct_oper_list.matrix[3][3] 
_pdbx_struct_oper_list.vector[3] 
1 'identity operation'         1_555 x,y,z          1.0000000000 0.0000000000  0.0000000000 0.0000000000 0.0000000000  1.0000000000  0.0000000000  0.0000000000 0.0000000000  0.0000000000  1.0000000000  0.0000000000  
2 'crystal symmetry operation' 2_455 -x-1,-y,z      0.6925258284 -0.6395161242 0.3338069860 1.4495371150 -0.6395161242 -0.7583606310 -0.1261280309 0.4602460383 0.3338069860  -0.1261280309 -0.9341651973 -6.4679420568 
3 'crystal symmetry operation' 4_445 y-1/2,-x-1/2,z 0.8462629142 -0.1383265287 0.5144947537 1.8071170520 -0.5011895956 0.1208196845  0.8568614784  3.3366312852 -0.1806877677 -0.9829895093 0.0329174013  -2.7703517797 
# 
loop_
_struct_conn.id 
_struct_conn.conn_type_id 
_struct_conn.pdbx_leaving_atom_flag 
_struct_conn.pdbx_PDB_id 
_struct_conn.ptnr1_label_asym_id 
_struct_conn.ptnr1_label_comp_id 
_struct_conn.ptnr1_label_seq_id 
_struct_conn.ptnr1_label_atom_id 
_struct_conn.pdbx_ptnr1_label_alt_id 
_struct_conn.pdbx_ptnr1_PDB_ins_code 
_struct_conn.pdbx_ptnr1_standard_comp_id 
_struct_conn.ptnr1_symmetry 
_struct_conn.ptnr2_label_asym_id 
_struct_conn.ptnr2_label_comp_id 
_struct_conn.ptnr2_label_seq_id 
_struct_conn.ptnr2_label_atom_id 
_struct_conn.pdbx_ptnr2_label_alt_id 
_struct_conn.pdbx_ptnr2_PDB_ins_code 
_struct_conn.ptnr1_auth_asym_id 
_struct_conn.ptnr1_auth_comp_id 
_struct_conn.ptnr1_auth_seq_id 
_struct_conn.ptnr2_auth_asym_id 
_struct_conn.ptnr2_auth_comp_id 
_struct_conn.ptnr2_auth_seq_id 
_struct_conn.ptnr2_symmetry 
_struct_conn.pdbx_ptnr3_label_atom_id 
_struct_conn.pdbx_ptnr3_label_seq_id 
_struct_conn.pdbx_ptnr3_label_comp_id 
_struct_conn.pdbx_ptnr3_label_asym_id 
_struct_conn.pdbx_ptnr3_label_alt_id 
_struct_conn.pdbx_ptnr3_PDB_ins_code 
_struct_conn.details 
_struct_conn.pdbx_dist_value 
_struct_conn.pdbx_value_order 
_struct_conn.pdbx_role 
metalc1  metalc ? ? A DT  1 O4  ? ? ? 1_555 G K   . K  ? ? A DT  1   A K   105 1_555 ? ? ? ? ? ? ?               2.927 ? ? 
metalc2  metalc ? ? A DT  1 O4  ? ? ? 1_555 G K   . K  ? ? A DT  1   A K   105 4_445 ? ? ? ? ? ? ?               2.921 ? ? 
metalc3  metalc ? ? A DT  1 O4  ? ? ? 1_555 H K   . K  ? ? A DT  1   A K   106 1_555 ? ? ? ? ? ? ?               2.872 ? ? 
metalc4  metalc ? ? A DT  1 O4  ? ? ? 1_555 H K   . K  ? ? A DT  1   A K   106 3_455 ? ? ? ? ? ? ?               2.872 ? ? 
metalc5  metalc ? ? A DG  2 O6  ? ? ? 1_555 F K   . K  ? ? A DG  2   A K   104 1_555 ? ? ? ? ? ? ?               2.930 ? ? 
metalc6  metalc ? ? A DG  2 O6  ? ? ? 1_555 F K   . K  ? ? A DG  2   A K   104 3_455 ? ? ? ? ? ? ?               2.930 ? ? 
metalc7  metalc ? ? A DG  2 O6  ? ? ? 1_555 G K   . K  ? ? A DG  2   A K   105 1_555 ? ? ? ? ? ? ?               2.750 ? ? 
metalc8  metalc ? ? A DG  2 O6  ? ? ? 1_555 G K   . K  ? ? A DG  2   A K   105 2_455 ? ? ? ? ? ? ?               2.741 ? ? 
metalc9  metalc ? ? A DG  3 O6  ? ? ? 1_555 F K   . K  ? ? A DG  3   A K   104 1_555 ? ? ? ? ? ? ?               2.727 ? ? 
metalc10 metalc ? ? A DG  3 O6  ? ? ? 1_555 F K   . K  ? ? A DG  3   A K   104 3_455 ? ? ? ? ? ? ?               2.727 ? ? 
metalc11 metalc ? ? A DG  3 O6  ? ? ? 1_555 L NA  . NA ? ? A DG  3   A NA  110 1_555 ? ? ? ? ? ? ?               3.190 ? ? 
metalc12 metalc ? ? A DG  3 O6  ? ? ? 1_555 L NA  . NA ? ? A DG  3   A NA  110 3_455 ? ? ? ? ? ? ?               3.190 ? ? 
metalc13 metalc ? ? A DT  4 O4  ? ? ? 1_555 E K   . K  ? ? A DT  4   A K   103 1_555 ? ? ? ? ? ? ?               2.920 ? ? 
metalc14 metalc ? ? A DT  4 O4  ? ? ? 1_555 E K   . K  ? ? A DT  4   A K   103 3_455 ? ? ? ? ? ? ?               2.920 ? ? 
metalc15 metalc ? ? A DT  4 O4  ? ? ? 1_555 L NA  . NA ? ? A DT  4   A NA  110 1_555 ? ? ? ? ? ? ?               3.101 ? ? 
metalc16 metalc ? ? A DT  4 O4  ? ? ? 1_555 L NA  . NA ? ? A DT  4   A NA  110 3_455 ? ? ? ? ? ? ?               3.101 ? ? 
metalc17 metalc ? ? A DG  5 O6  ? ? ? 1_555 D K   . K  ? ? A DG  5   A K   102 1_555 ? ? ? ? ? ? ?               2.835 ? ? 
metalc18 metalc ? ? A DG  5 O6  ? ? ? 1_555 D K   . K  ? ? A DG  5   A K   102 3_455 ? ? ? ? ? ? ?               2.835 ? ? 
metalc19 metalc ? ? A DG  5 O6  ? ? ? 1_555 E K   . K  ? ? A DG  5   A K   103 1_555 ? ? ? ? ? ? ?               3.010 ? ? 
metalc20 metalc ? ? A DG  5 O6  ? ? ? 1_555 E K   . K  ? ? A DG  5   A K   103 3_455 ? ? ? ? ? ? ?               3.010 ? ? 
metalc21 metalc ? ? A DG  6 O6  ? ? ? 1_555 C K   . K  ? ? A DG  6   A K   101 1_555 ? ? ? ? ? ? ?               3.155 ? ? 
metalc22 metalc ? ? A DG  6 O6  ? ? ? 1_555 C K   . K  ? ? A DG  6   A K   101 3_455 ? ? ? ? ? ? ?               3.155 ? ? 
metalc23 metalc ? ? A DG  6 O6  ? ? ? 1_555 D K   . K  ? ? A DG  6   A K   102 1_555 ? ? ? ? ? ? ?               2.793 ? ? 
metalc24 metalc ? ? A DG  6 O6  ? ? ? 1_555 D K   . K  ? ? A DG  6   A K   102 3_455 ? ? ? ? ? ? ?               2.793 ? ? 
metalc25 metalc ? ? A DT  7 O4  ? ? ? 1_555 C K   . K  ? ? A DT  7   A K   101 1_555 ? ? ? ? ? ? ?               2.990 ? ? 
metalc26 metalc ? ? A DT  7 O4  ? ? ? 1_555 C K   . K  ? ? A DT  7   A K   101 3_455 ? ? ? ? ? ? ?               2.990 ? ? 
metalc27 metalc ? ? H K   . K   ? ? ? 1_555 B DG  6 O6 ? ? A K   106 B DG  6   1_555 ? ? ? ? ? ? ?               2.774 ? ? 
metalc28 metalc ? ? H K   . K   ? ? ? 3_455 B DG  6 O6 ? ? A K   106 B DG  6   1_555 ? ? ? ? ? ? ?               2.774 ? ? 
metalc29 metalc ? ? I K   . K   ? ? ? 3_456 B DT  1 O4 ? ? A K   107 B DT  1   1_555 ? ? ? ? ? ? ?               2.888 ? ? 
metalc30 metalc ? ? I K   . K   ? ? ? 3_456 B DG  2 O6 ? ? A K   107 B DG  2   1_555 ? ? ? ? ? ? ?               2.984 ? ? 
metalc31 metalc ? ? J MG  . MG  ? ? ? 1_555 Q HOH . O  ? ? A MG  108 A HOH 213 1_555 ? ? ? ? ? ? ?               2.076 ? ? 
metalc32 metalc ? ? J MG  . MG  ? ? ? 1_555 Q HOH . O  ? ? A MG  108 A HOH 213 7_555 ? ? ? ? ? ? ?               2.076 ? ? 
metalc33 metalc ? ? J MG  . MG  ? ? ? 1_555 R HOH . O  ? ? A MG  108 B HOH 203 1_555 ? ? ? ? ? ? ?               2.085 ? ? 
metalc34 metalc ? ? J MG  . MG  ? ? ? 1_555 R HOH . O  ? ? A MG  108 B HOH 203 7_555 ? ? ? ? ? ? ?               2.085 ? ? 
metalc35 metalc ? ? J MG  . MG  ? ? ? 1_555 R HOH . O  ? ? A MG  108 B HOH 233 1_555 ? ? ? ? ? ? ?               2.136 ? ? 
metalc36 metalc ? ? J MG  . MG  ? ? ? 1_555 R HOH . O  ? ? A MG  108 B HOH 233 7_555 ? ? ? ? ? ? ?               2.136 ? ? 
metalc37 metalc ? ? Q HOH . O   ? ? ? 7_555 P K   . K  ? ? A HOH 204 B K   104 1_555 ? ? ? ? ? ? ?               2.642 ? ? 
metalc38 metalc ? ? Q HOH . O   ? ? ? 7_555 P K   . K  ? ? A HOH 209 B K   104 1_555 ? ? ? ? ? ? ?               3.462 ? ? 
metalc39 metalc ? ? B DG  2 O6  ? ? ? 1_555 O K   . K  ? ? B DG  2   B K   103 1_555 ? ? ? ? ? ? ?               2.766 ? ? 
metalc40 metalc ? ? B DG  2 O6  ? ? ? 1_555 O K   . K  ? ? B DG  2   B K   103 3_455 ? ? ? ? ? ? ?               2.766 ? ? 
metalc41 metalc ? ? B DG  3 O6  ? ? ? 1_555 N K   . K  ? ? B DG  3   B K   102 1_555 ? ? ? ? ? ? ?               2.856 ? ? 
metalc42 metalc ? ? B DG  3 O6  ? ? ? 1_555 N K   . K  ? ? B DG  3   B K   102 3_455 ? ? ? ? ? ? ?               2.856 ? ? 
metalc43 metalc ? ? B DG  3 O6  ? ? ? 1_555 O K   . K  ? ? B DG  3   B K   103 1_555 ? ? ? ? ? ? ?               2.827 ? ? 
metalc44 metalc ? ? B DG  3 O6  ? ? ? 1_555 O K   . K  ? ? B DG  3   B K   103 3_455 ? ? ? ? ? ? ?               2.827 ? ? 
metalc45 metalc ? ? B DG  5 O6  ? ? ? 1_555 M K   . K  ? ? B DG  5   B K   101 1_555 ? ? ? ? ? ? ?               2.823 ? ? 
metalc46 metalc ? ? B DG  5 O6  ? ? ? 1_555 M K   . K  ? ? B DG  5   B K   101 3_455 ? ? ? ? ? ? ?               2.823 ? ? 
metalc47 metalc ? ? B DG  5 O6  ? ? ? 1_555 N K   . K  ? ? B DG  5   B K   102 1_555 ? ? ? ? ? ? ?               2.829 ? ? 
metalc48 metalc ? ? B DG  5 O6  ? ? ? 1_555 N K   . K  ? ? B DG  5   B K   102 3_455 ? ? ? ? ? ? ?               2.829 ? ? 
metalc49 metalc ? ? B DG  6 O6  ? ? ? 1_555 M K   . K  ? ? B DG  6   B K   101 1_555 ? ? ? ? ? ? ?               2.845 ? ? 
metalc50 metalc ? ? B DG  6 O6  ? ? ? 1_555 M K   . K  ? ? B DG  6   B K   101 3_455 ? ? ? ? ? ? ?               2.845 ? ? 
metalc51 metalc ? ? B DG  6 OP1 ? ? ? 1_555 P K   . K  ? ? B DG  6   B K   104 1_555 ? ? ? ? ? ? ?               2.541 ? ? 
metalc52 metalc ? ? P K   . K   ? ? ? 1_555 R HOH . O  ? ? B K   104 B HOH 214 4_445 ? ? ? ? ? ? ?               2.736 ? ? 
metalc53 metalc ? ? P K   . K   ? ? ? 1_555 R HOH . O  ? ? B K   104 B HOH 217 4_445 ? ? ? ? ? ? ?               2.722 ? ? 
metalc54 metalc ? ? P K   . K   ? ? ? 1_555 R HOH . O  B ? B K   104 B HOH 220 1_555 ? ? ? ? ? ? ?               3.370 ? ? 
metalc55 metalc ? ? P K   . K   ? ? ? 1_555 R HOH . O  ? ? B K   104 B HOH 239 1_555 ? ? ? ? ? ? ?               2.613 ? ? 
hydrog1  hydrog ? ? A DT  1 N3  ? ? ? 1_555 A DT  1 O4 ? ? A DT  1   A DT  1   4_445 ? ? ? ? ? ? 'DT-DT MISPAIR' ?     ? ? 
hydrog2  hydrog ? ? A DT  1 O4  ? ? ? 1_555 A DT  1 N3 ? ? A DT  1   A DT  1   3_455 ? ? ? ? ? ? 'DT-DT MISPAIR' ?     ? ? 
hydrog3  hydrog ? ? A DG  2 N1  ? ? ? 1_555 A DG  2 O6 ? ? A DG  2   A DG  2   4_445 ? ? ? ? ? ? TYPE_6_PAIR     ?     ? ? 
hydrog4  hydrog ? ? A DG  2 N2  ? ? ? 1_555 A DG  2 N7 ? ? A DG  2   A DG  2   4_445 ? ? ? ? ? ? TYPE_6_PAIR     ?     ? ? 
hydrog5  hydrog ? ? A DG  2 N7  ? ? ? 1_555 A DG  2 N2 ? ? A DG  2   A DG  2   3_455 ? ? ? ? ? ? TYPE_6_PAIR     ?     ? ? 
hydrog6  hydrog ? ? A DG  2 O6  ? ? ? 1_555 A DG  2 N1 ? ? A DG  2   A DG  2   3_455 ? ? ? ? ? ? TYPE_6_PAIR     ?     ? ? 
hydrog7  hydrog ? ? A DG  2 N2  ? ? ? 1_555 B DT  7 O4 ? ? A DG  2   B DT  7   1_555 ? ? ? ? ? ? 'DG-DT MISPAIR' ?     ? ? 
hydrog8  hydrog ? ? A DG  3 N1  ? ? ? 1_555 A DG  3 O6 ? ? A DG  3   A DG  3   4_445 ? ? ? ? ? ? TYPE_6_PAIR     ?     ? ? 
hydrog9  hydrog ? ? A DG  3 N2  ? ? ? 1_555 A DG  3 N7 ? ? A DG  3   A DG  3   4_445 ? ? ? ? ? ? TYPE_6_PAIR     ?     ? ? 
hydrog10 hydrog ? ? A DG  3 N7  ? ? ? 1_555 A DG  3 N2 ? ? A DG  3   A DG  3   3_455 ? ? ? ? ? ? TYPE_6_PAIR     ?     ? ? 
hydrog11 hydrog ? ? A DG  3 O6  ? ? ? 1_555 A DG  3 N1 ? ? A DG  3   A DG  3   3_455 ? ? ? ? ? ? TYPE_6_PAIR     ?     ? ? 
hydrog12 hydrog ? ? A DT  4 N3  ? ? ? 1_555 A DT  4 O4 ? ? A DT  4   A DT  4   4_445 ? ? ? ? ? ? 'DT-DT MISPAIR' ?     ? ? 
hydrog13 hydrog ? ? A DT  4 O4  ? ? ? 1_555 A DT  4 N3 ? ? A DT  4   A DT  4   3_455 ? ? ? ? ? ? 'DT-DT MISPAIR' ?     ? ? 
hydrog14 hydrog ? ? A DG  5 N1  ? ? ? 1_555 A DG  5 O6 ? ? A DG  5   A DG  5   4_445 ? ? ? ? ? ? TYPE_6_PAIR     ?     ? ? 
hydrog15 hydrog ? ? A DG  5 N2  ? ? ? 1_555 A DG  5 N7 ? ? A DG  5   A DG  5   4_445 ? ? ? ? ? ? TYPE_6_PAIR     ?     ? ? 
hydrog16 hydrog ? ? A DG  5 N7  ? ? ? 1_555 A DG  5 N2 ? ? A DG  5   A DG  5   3_455 ? ? ? ? ? ? TYPE_6_PAIR     ?     ? ? 
hydrog17 hydrog ? ? A DG  5 O6  ? ? ? 1_555 A DG  5 N1 ? ? A DG  5   A DG  5   3_455 ? ? ? ? ? ? TYPE_6_PAIR     ?     ? ? 
hydrog18 hydrog ? ? A DG  6 N1  ? ? ? 1_555 A DG  6 O6 ? ? A DG  6   A DG  6   4_445 ? ? ? ? ? ? TYPE_6_PAIR     ?     ? ? 
hydrog19 hydrog ? ? A DG  6 N2  ? ? ? 1_555 A DG  6 N7 ? ? A DG  6   A DG  6   4_445 ? ? ? ? ? ? TYPE_6_PAIR     ?     ? ? 
hydrog20 hydrog ? ? A DG  6 N7  ? ? ? 1_555 A DG  6 N2 ? ? A DG  6   A DG  6   3_455 ? ? ? ? ? ? TYPE_6_PAIR     ?     ? ? 
hydrog21 hydrog ? ? A DG  6 O6  ? ? ? 1_555 A DG  6 N1 ? ? A DG  6   A DG  6   3_455 ? ? ? ? ? ? TYPE_6_PAIR     ?     ? ? 
hydrog22 hydrog ? ? A DT  7 N3  ? ? ? 1_555 A DT  7 O4 ? ? A DT  7   A DT  7   4_445 ? ? ? ? ? ? 'DT-DT MISPAIR' ?     ? ? 
hydrog23 hydrog ? ? A DT  7 O4  ? ? ? 1_555 A DT  7 N3 ? ? A DT  7   A DT  7   3_455 ? ? ? ? ? ? 'DT-DT MISPAIR' ?     ? ? 
hydrog24 hydrog ? ? B DT  1 N3  ? ? ? 1_555 B DT  1 O4 ? ? B DT  1   B DT  1   4_445 ? ? ? ? ? ? 'DT-DT MISPAIR' ?     ? ? 
hydrog25 hydrog ? ? B DT  1 O4  ? ? ? 1_555 B DT  1 N3 ? ? B DT  1   B DT  1   3_455 ? ? ? ? ? ? 'DT-DT MISPAIR' ?     ? ? 
hydrog26 hydrog ? ? B DG  2 N1  ? ? ? 1_555 B DG  2 O6 ? ? B DG  2   B DG  2   4_445 ? ? ? ? ? ? TYPE_6_PAIR     ?     ? ? 
hydrog27 hydrog ? ? B DG  2 N2  ? ? ? 1_555 B DG  2 N7 ? ? B DG  2   B DG  2   4_445 ? ? ? ? ? ? TYPE_6_PAIR     ?     ? ? 
hydrog28 hydrog ? ? B DG  2 N7  ? ? ? 1_555 B DG  2 N2 ? ? B DG  2   B DG  2   3_455 ? ? ? ? ? ? TYPE_6_PAIR     ?     ? ? 
hydrog29 hydrog ? ? B DG  2 O6  ? ? ? 1_555 B DG  2 N1 ? ? B DG  2   B DG  2   3_455 ? ? ? ? ? ? TYPE_6_PAIR     ?     ? ? 
hydrog30 hydrog ? ? B DG  3 N1  ? ? ? 1_555 B DG  3 O6 ? ? B DG  3   B DG  3   4_445 ? ? ? ? ? ? TYPE_6_PAIR     ?     ? ? 
hydrog31 hydrog ? ? B DG  3 N2  ? ? ? 1_555 B DG  3 N7 ? ? B DG  3   B DG  3   4_445 ? ? ? ? ? ? TYPE_6_PAIR     ?     ? ? 
hydrog32 hydrog ? ? B DG  3 N7  ? ? ? 1_555 B DG  3 N2 ? ? B DG  3   B DG  3   3_455 ? ? ? ? ? ? TYPE_6_PAIR     ?     ? ? 
hydrog33 hydrog ? ? B DG  3 O6  ? ? ? 1_555 B DG  3 N1 ? ? B DG  3   B DG  3   3_455 ? ? ? ? ? ? TYPE_6_PAIR     ?     ? ? 
hydrog34 hydrog ? ? B DG  5 N1  ? ? ? 1_555 B DG  5 O6 ? ? B DG  5   B DG  5   4_445 ? ? ? ? ? ? TYPE_6_PAIR     ?     ? ? 
hydrog35 hydrog ? ? B DG  5 N2  ? ? ? 1_555 B DG  5 N7 ? ? B DG  5   B DG  5   4_445 ? ? ? ? ? ? TYPE_6_PAIR     ?     ? ? 
hydrog36 hydrog ? ? B DG  5 N7  ? ? ? 1_555 B DG  5 N2 ? ? B DG  5   B DG  5   3_455 ? ? ? ? ? ? TYPE_6_PAIR     ?     ? ? 
hydrog37 hydrog ? ? B DG  5 O6  ? ? ? 1_555 B DG  5 N1 ? ? B DG  5   B DG  5   3_455 ? ? ? ? ? ? TYPE_6_PAIR     ?     ? ? 
hydrog38 hydrog ? ? B DG  6 N1  ? ? ? 1_555 B DG  6 O6 ? ? B DG  6   B DG  6   4_445 ? ? ? ? ? ? TYPE_6_PAIR     ?     ? ? 
hydrog39 hydrog ? ? B DG  6 N2  ? ? ? 1_555 B DG  6 N7 ? ? B DG  6   B DG  6   4_445 ? ? ? ? ? ? TYPE_6_PAIR     ?     ? ? 
hydrog40 hydrog ? ? B DG  6 N7  ? ? ? 1_555 B DG  6 N2 ? ? B DG  6   B DG  6   3_455 ? ? ? ? ? ? TYPE_6_PAIR     ?     ? ? 
hydrog41 hydrog ? ? B DG  6 O6  ? ? ? 1_555 B DG  6 N1 ? ? B DG  6   B DG  6   3_455 ? ? ? ? ? ? TYPE_6_PAIR     ?     ? ? 
# 
loop_
_struct_conn_type.id 
_struct_conn_type.criteria 
_struct_conn_type.reference 
metalc ? ? 
hydrog ? ? 
# 
loop_
_pdbx_struct_conn_angle.id 
_pdbx_struct_conn_angle.ptnr1_label_atom_id 
_pdbx_struct_conn_angle.ptnr1_label_alt_id 
_pdbx_struct_conn_angle.ptnr1_label_asym_id 
_pdbx_struct_conn_angle.ptnr1_label_comp_id 
_pdbx_struct_conn_angle.ptnr1_label_seq_id 
_pdbx_struct_conn_angle.ptnr1_auth_atom_id 
_pdbx_struct_conn_angle.ptnr1_auth_asym_id 
_pdbx_struct_conn_angle.ptnr1_auth_comp_id 
_pdbx_struct_conn_angle.ptnr1_auth_seq_id 
_pdbx_struct_conn_angle.ptnr1_PDB_ins_code 
_pdbx_struct_conn_angle.ptnr1_symmetry 
_pdbx_struct_conn_angle.ptnr2_label_atom_id 
_pdbx_struct_conn_angle.ptnr2_label_alt_id 
_pdbx_struct_conn_angle.ptnr2_label_asym_id 
_pdbx_struct_conn_angle.ptnr2_label_comp_id 
_pdbx_struct_conn_angle.ptnr2_label_seq_id 
_pdbx_struct_conn_angle.ptnr2_auth_atom_id 
_pdbx_struct_conn_angle.ptnr2_auth_asym_id 
_pdbx_struct_conn_angle.ptnr2_auth_comp_id 
_pdbx_struct_conn_angle.ptnr2_auth_seq_id 
_pdbx_struct_conn_angle.ptnr2_PDB_ins_code 
_pdbx_struct_conn_angle.ptnr2_symmetry 
_pdbx_struct_conn_angle.ptnr3_label_atom_id 
_pdbx_struct_conn_angle.ptnr3_label_alt_id 
_pdbx_struct_conn_angle.ptnr3_label_asym_id 
_pdbx_struct_conn_angle.ptnr3_label_comp_id 
_pdbx_struct_conn_angle.ptnr3_label_seq_id 
_pdbx_struct_conn_angle.ptnr3_auth_atom_id 
_pdbx_struct_conn_angle.ptnr3_auth_asym_id 
_pdbx_struct_conn_angle.ptnr3_auth_comp_id 
_pdbx_struct_conn_angle.ptnr3_auth_seq_id 
_pdbx_struct_conn_angle.ptnr3_PDB_ins_code 
_pdbx_struct_conn_angle.ptnr3_symmetry 
_pdbx_struct_conn_angle.value 
_pdbx_struct_conn_angle.value_esd 
1  O4  ? A DT  1 ? A DT  1   ? 1_555 K  ? G K  . ? A K  105 ? 1_555 O4  ? A DT  1 ? A DT  1   ? 1_555 0.0   ? 
2  O4  ? A DT  1 ? A DT  1   ? 1_555 K  ? G K  . ? A K  105 ? 1_555 O6  ? A DG  2 ? A DG  2   ? 1_555 81.0  ? 
3  O4  ? A DT  1 ? A DT  1   ? 1_555 K  ? G K  . ? A K  105 ? 1_555 O6  ? A DG  2 ? A DG  2   ? 1_555 81.0  ? 
4  O4  ? A DT  1 ? A DT  1   ? 1_555 K  ? G K  . ? A K  105 ? 1_555 O6  ? A DG  2 ? A DG  2   ? 1_555 81.0  ? 
5  O4  ? A DT  1 ? A DT  1   ? 1_555 K  ? G K  . ? A K  105 ? 1_555 O6  ? A DG  2 ? A DG  2   ? 1_555 81.0  ? 
6  O6  ? A DG  2 ? A DG  2   ? 1_555 K  ? G K  . ? A K  105 ? 1_555 O6  ? A DG  2 ? A DG  2   ? 1_555 0.0   ? 
7  O4  ? A DT  1 ? A DT  1   ? 1_555 K  ? H K  . ? A K  106 ? 1_555 O4  ? A DT  1 ? A DT  1   ? 1_555 0.0   ? 
8  O4  ? A DT  1 ? A DT  1   ? 1_555 K  ? H K  . ? A K  106 ? 1_555 O6  ? B DG  6 ? B DG  6   ? 1_555 77.9  ? 
9  O4  ? A DT  1 ? A DT  1   ? 1_555 K  ? H K  . ? A K  106 ? 1_555 O6  ? B DG  6 ? B DG  6   ? 1_555 77.9  ? 
10 O4  ? A DT  1 ? A DT  1   ? 1_555 K  ? H K  . ? A K  106 ? 1_555 O6  ? B DG  6 ? B DG  6   ? 1_555 77.9  ? 
11 O4  ? A DT  1 ? A DT  1   ? 1_555 K  ? H K  . ? A K  106 ? 1_555 O6  ? B DG  6 ? B DG  6   ? 1_555 77.9  ? 
12 O6  ? B DG  6 ? B DG  6   ? 1_555 K  ? H K  . ? A K  106 ? 1_555 O6  ? B DG  6 ? B DG  6   ? 1_555 0.0   ? 
13 O6  ? A DG  2 ? A DG  2   ? 1_555 K  ? F K  . ? A K  104 ? 1_555 O6  ? A DG  2 ? A DG  2   ? 1_555 0.0   ? 
14 O6  ? A DG  2 ? A DG  2   ? 1_555 K  ? F K  . ? A K  104 ? 1_555 O6  ? A DG  3 ? A DG  3   ? 1_555 73.7  ? 
15 O6  ? A DG  2 ? A DG  2   ? 1_555 K  ? F K  . ? A K  104 ? 1_555 O6  ? A DG  3 ? A DG  3   ? 1_555 73.7  ? 
16 O6  ? A DG  2 ? A DG  2   ? 1_555 K  ? F K  . ? A K  104 ? 1_555 O6  ? A DG  3 ? A DG  3   ? 1_555 73.7  ? 
17 O6  ? A DG  2 ? A DG  2   ? 1_555 K  ? F K  . ? A K  104 ? 1_555 O6  ? A DG  3 ? A DG  3   ? 1_555 73.7  ? 
18 O6  ? A DG  3 ? A DG  3   ? 1_555 K  ? F K  . ? A K  104 ? 1_555 O6  ? A DG  3 ? A DG  3   ? 1_555 0.0   ? 
19 O6  ? A DG  3 ? A DG  3   ? 1_555 NA ? L NA . ? A NA 110 ? 1_555 O6  ? A DG  3 ? A DG  3   ? 1_555 0.0   ? 
20 O6  ? A DG  3 ? A DG  3   ? 1_555 NA ? L NA . ? A NA 110 ? 1_555 O4  ? A DT  4 ? A DT  4   ? 1_555 73.0  ? 
21 O6  ? A DG  3 ? A DG  3   ? 1_555 NA ? L NA . ? A NA 110 ? 1_555 O4  ? A DT  4 ? A DT  4   ? 1_555 73.0  ? 
22 O6  ? A DG  3 ? A DG  3   ? 1_555 NA ? L NA . ? A NA 110 ? 1_555 O4  ? A DT  4 ? A DT  4   ? 1_555 73.0  ? 
23 O6  ? A DG  3 ? A DG  3   ? 1_555 NA ? L NA . ? A NA 110 ? 1_555 O4  ? A DT  4 ? A DT  4   ? 1_555 73.0  ? 
24 O4  ? A DT  4 ? A DT  4   ? 1_555 NA ? L NA . ? A NA 110 ? 1_555 O4  ? A DT  4 ? A DT  4   ? 1_555 0.0   ? 
25 O4  ? A DT  4 ? A DT  4   ? 1_555 K  ? E K  . ? A K  103 ? 1_555 O4  ? A DT  4 ? A DT  4   ? 1_555 0.0   ? 
26 O4  ? A DT  4 ? A DT  4   ? 1_555 K  ? E K  . ? A K  103 ? 1_555 O6  ? A DG  5 ? A DG  5   ? 1_555 78.7  ? 
27 O4  ? A DT  4 ? A DT  4   ? 1_555 K  ? E K  . ? A K  103 ? 1_555 O6  ? A DG  5 ? A DG  5   ? 1_555 78.7  ? 
28 O4  ? A DT  4 ? A DT  4   ? 1_555 K  ? E K  . ? A K  103 ? 1_555 O6  ? A DG  5 ? A DG  5   ? 1_555 78.7  ? 
29 O4  ? A DT  4 ? A DT  4   ? 1_555 K  ? E K  . ? A K  103 ? 1_555 O6  ? A DG  5 ? A DG  5   ? 1_555 78.7  ? 
30 O6  ? A DG  5 ? A DG  5   ? 1_555 K  ? E K  . ? A K  103 ? 1_555 O6  ? A DG  5 ? A DG  5   ? 1_555 0.0   ? 
31 O6  ? A DG  5 ? A DG  5   ? 1_555 K  ? D K  . ? A K  102 ? 1_555 O6  ? A DG  5 ? A DG  5   ? 1_555 0.0   ? 
32 O6  ? A DG  5 ? A DG  5   ? 1_555 K  ? D K  . ? A K  102 ? 1_555 O6  ? A DG  6 ? A DG  6   ? 1_555 77.2  ? 
33 O6  ? A DG  5 ? A DG  5   ? 1_555 K  ? D K  . ? A K  102 ? 1_555 O6  ? A DG  6 ? A DG  6   ? 1_555 77.2  ? 
34 O6  ? A DG  5 ? A DG  5   ? 1_555 K  ? D K  . ? A K  102 ? 1_555 O6  ? A DG  6 ? A DG  6   ? 1_555 77.2  ? 
35 O6  ? A DG  5 ? A DG  5   ? 1_555 K  ? D K  . ? A K  102 ? 1_555 O6  ? A DG  6 ? A DG  6   ? 1_555 77.2  ? 
36 O6  ? A DG  6 ? A DG  6   ? 1_555 K  ? D K  . ? A K  102 ? 1_555 O6  ? A DG  6 ? A DG  6   ? 1_555 0.0   ? 
37 O6  ? A DG  6 ? A DG  6   ? 1_555 K  ? C K  . ? A K  101 ? 1_555 O6  ? A DG  6 ? A DG  6   ? 1_555 0.0   ? 
38 O6  ? A DG  6 ? A DG  6   ? 1_555 K  ? C K  . ? A K  101 ? 1_555 O4  ? A DT  7 ? A DT  7   ? 1_555 69.0  ? 
39 O6  ? A DG  6 ? A DG  6   ? 1_555 K  ? C K  . ? A K  101 ? 1_555 O4  ? A DT  7 ? A DT  7   ? 1_555 69.0  ? 
40 O6  ? A DG  6 ? A DG  6   ? 1_555 K  ? C K  . ? A K  101 ? 1_555 O4  ? A DT  7 ? A DT  7   ? 1_555 69.0  ? 
41 O6  ? A DG  6 ? A DG  6   ? 1_555 K  ? C K  . ? A K  101 ? 1_555 O4  ? A DT  7 ? A DT  7   ? 1_555 69.0  ? 
42 O4  ? A DT  7 ? A DT  7   ? 1_555 K  ? C K  . ? A K  101 ? 1_555 O4  ? A DT  7 ? A DT  7   ? 1_555 0.0   ? 
43 O4  ? B DT  1 ? B DT  1   ? 1_555 K  ? I K  . ? A K  107 ? 3_456 O6  ? B DG  2 ? B DG  2   ? 1_555 86.3  ? 
44 O   ? Q HOH . ? A HOH 213 ? 1_555 MG ? J MG . ? A MG 108 ? 1_555 O   ? Q HOH . ? A HOH 213 ? 7_555 87.5  ? 
45 O   ? Q HOH . ? A HOH 213 ? 1_555 MG ? J MG . ? A MG 108 ? 1_555 O   ? R HOH . ? B HOH 203 ? 1_555 92.9  ? 
46 O   ? Q HOH . ? A HOH 213 ? 7_555 MG ? J MG . ? A MG 108 ? 1_555 O   ? R HOH . ? B HOH 203 ? 1_555 87.5  ? 
47 O   ? Q HOH . ? A HOH 213 ? 1_555 MG ? J MG . ? A MG 108 ? 1_555 O   ? R HOH . ? B HOH 203 ? 7_555 87.5  ? 
48 O   ? Q HOH . ? A HOH 213 ? 7_555 MG ? J MG . ? A MG 108 ? 1_555 O   ? R HOH . ? B HOH 203 ? 7_555 92.9  ? 
49 O   ? R HOH . ? B HOH 203 ? 1_555 MG ? J MG . ? A MG 108 ? 1_555 O   ? R HOH . ? B HOH 203 ? 7_555 179.5 ? 
50 O   ? Q HOH . ? A HOH 213 ? 1_555 MG ? J MG . ? A MG 108 ? 1_555 O   ? R HOH . ? B HOH 233 ? 1_555 178.7 ? 
51 O   ? Q HOH . ? A HOH 213 ? 7_555 MG ? J MG . ? A MG 108 ? 1_555 O   ? R HOH . ? B HOH 233 ? 1_555 92.0  ? 
52 O   ? R HOH . ? B HOH 203 ? 1_555 MG ? J MG . ? A MG 108 ? 1_555 O   ? R HOH . ? B HOH 233 ? 1_555 85.8  ? 
53 O   ? R HOH . ? B HOH 203 ? 7_555 MG ? J MG . ? A MG 108 ? 1_555 O   ? R HOH . ? B HOH 233 ? 1_555 93.8  ? 
54 O   ? Q HOH . ? A HOH 213 ? 1_555 MG ? J MG . ? A MG 108 ? 1_555 O   ? R HOH . ? B HOH 233 ? 7_555 92.0  ? 
55 O   ? Q HOH . ? A HOH 213 ? 7_555 MG ? J MG . ? A MG 108 ? 1_555 O   ? R HOH . ? B HOH 233 ? 7_555 178.7 ? 
56 O   ? R HOH . ? B HOH 203 ? 1_555 MG ? J MG . ? A MG 108 ? 1_555 O   ? R HOH . ? B HOH 233 ? 7_555 93.8  ? 
57 O   ? R HOH . ? B HOH 203 ? 7_555 MG ? J MG . ? A MG 108 ? 1_555 O   ? R HOH . ? B HOH 233 ? 7_555 85.8  ? 
58 O   ? R HOH . ? B HOH 233 ? 1_555 MG ? J MG . ? A MG 108 ? 1_555 O   ? R HOH . ? B HOH 233 ? 7_555 88.5  ? 
59 O   ? Q HOH . ? A HOH 204 ? 7_555 K  ? P K  . ? B K  104 ? 1_555 O   ? Q HOH . ? A HOH 209 ? 7_555 72.3  ? 
60 O   ? Q HOH . ? A HOH 204 ? 7_555 K  ? P K  . ? B K  104 ? 1_555 OP1 ? B DG  6 ? B DG  6   ? 1_555 78.8  ? 
61 O   ? Q HOH . ? A HOH 209 ? 7_555 K  ? P K  . ? B K  104 ? 1_555 OP1 ? B DG  6 ? B DG  6   ? 1_555 127.8 ? 
62 O   ? Q HOH . ? A HOH 204 ? 7_555 K  ? P K  . ? B K  104 ? 1_555 O   ? R HOH . ? B HOH 214 ? 4_445 175.1 ? 
63 O   ? Q HOH . ? A HOH 209 ? 7_555 K  ? P K  . ? B K  104 ? 1_555 O   ? R HOH . ? B HOH 214 ? 4_445 109.4 ? 
64 OP1 ? B DG  6 ? B DG  6   ? 1_555 K  ? P K  . ? B K  104 ? 1_555 O   ? R HOH . ? B HOH 214 ? 4_445 96.7  ? 
65 O   ? Q HOH . ? A HOH 204 ? 7_555 K  ? P K  . ? B K  104 ? 1_555 O   ? R HOH . ? B HOH 217 ? 4_445 110.4 ? 
66 O   ? Q HOH . ? A HOH 209 ? 7_555 K  ? P K  . ? B K  104 ? 1_555 O   ? R HOH . ? B HOH 217 ? 4_445 117.5 ? 
67 OP1 ? B DG  6 ? B DG  6   ? 1_555 K  ? P K  . ? B K  104 ? 1_555 O   ? R HOH . ? B HOH 217 ? 4_445 113.0 ? 
68 O   ? R HOH . ? B HOH 214 ? 4_445 K  ? P K  . ? B K  104 ? 1_555 O   ? R HOH . ? B HOH 217 ? 4_445 73.1  ? 
69 O   ? Q HOH . ? A HOH 204 ? 7_555 K  ? P K  . ? B K  104 ? 1_555 O   B R HOH . ? B HOH 220 ? 1_555 123.4 ? 
70 O   ? Q HOH . ? A HOH 209 ? 7_555 K  ? P K  . ? B K  104 ? 1_555 O   B R HOH . ? B HOH 220 ? 1_555 114.6 ? 
71 OP1 ? B DG  6 ? B DG  6   ? 1_555 K  ? P K  . ? B K  104 ? 1_555 O   B R HOH . ? B HOH 220 ? 1_555 51.7  ? 
72 O   ? R HOH . ? B HOH 214 ? 4_445 K  ? P K  . ? B K  104 ? 1_555 O   B R HOH . ? B HOH 220 ? 1_555 51.8  ? 
73 O   ? R HOH . ? B HOH 217 ? 4_445 K  ? P K  . ? B K  104 ? 1_555 O   B R HOH . ? B HOH 220 ? 1_555 113.1 ? 
74 O   ? Q HOH . ? A HOH 204 ? 7_555 K  ? P K  . ? B K  104 ? 1_555 O   ? R HOH . ? B HOH 239 ? 1_555 119.2 ? 
75 O   ? Q HOH . ? A HOH 209 ? 7_555 K  ? P K  . ? B K  104 ? 1_555 O   ? R HOH . ? B HOH 239 ? 1_555 50.8  ? 
76 OP1 ? B DG  6 ? B DG  6   ? 1_555 K  ? P K  . ? B K  104 ? 1_555 O   ? R HOH . ? B HOH 239 ? 1_555 151.4 ? 
77 O   ? R HOH . ? B HOH 214 ? 4_445 K  ? P K  . ? B K  104 ? 1_555 O   ? R HOH . ? B HOH 239 ? 1_555 64.1  ? 
78 O   ? R HOH . ? B HOH 217 ? 4_445 K  ? P K  . ? B K  104 ? 1_555 O   ? R HOH . ? B HOH 239 ? 1_555 82.9  ? 
79 O   B R HOH . ? B HOH 220 ? 1_555 K  ? P K  . ? B K  104 ? 1_555 O   ? R HOH . ? B HOH 239 ? 1_555 100.7 ? 
80 O6  ? B DG  2 ? B DG  2   ? 1_555 K  ? O K  . ? B K  103 ? 1_555 O6  ? B DG  2 ? B DG  2   ? 1_555 0.0   ? 
81 O6  ? B DG  2 ? B DG  2   ? 1_555 K  ? O K  . ? B K  103 ? 1_555 O6  ? B DG  3 ? B DG  3   ? 1_555 75.0  ? 
82 O6  ? B DG  2 ? B DG  2   ? 1_555 K  ? O K  . ? B K  103 ? 1_555 O6  ? B DG  3 ? B DG  3   ? 1_555 75.0  ? 
83 O6  ? B DG  2 ? B DG  2   ? 1_555 K  ? O K  . ? B K  103 ? 1_555 O6  ? B DG  3 ? B DG  3   ? 1_555 75.0  ? 
84 O6  ? B DG  2 ? B DG  2   ? 1_555 K  ? O K  . ? B K  103 ? 1_555 O6  ? B DG  3 ? B DG  3   ? 1_555 75.0  ? 
85 O6  ? B DG  3 ? B DG  3   ? 1_555 K  ? O K  . ? B K  103 ? 1_555 O6  ? B DG  3 ? B DG  3   ? 1_555 0.0   ? 
86 O6  ? B DG  3 ? B DG  3   ? 1_555 K  ? N K  . ? B K  102 ? 1_555 O6  ? B DG  3 ? B DG  3   ? 1_555 0.0   ? 
87 O6  ? B DG  3 ? B DG  3   ? 1_555 K  ? N K  . ? B K  102 ? 1_555 O6  ? B DG  5 ? B DG  5   ? 1_555 90.0  ? 
88 O6  ? B DG  3 ? B DG  3   ? 1_555 K  ? N K  . ? B K  102 ? 1_555 O6  ? B DG  5 ? B DG  5   ? 1_555 90.0  ? 
89 O6  ? B DG  3 ? B DG  3   ? 1_555 K  ? N K  . ? B K  102 ? 1_555 O6  ? B DG  5 ? B DG  5   ? 1_555 90.0  ? 
90 O6  ? B DG  3 ? B DG  3   ? 1_555 K  ? N K  . ? B K  102 ? 1_555 O6  ? B DG  5 ? B DG  5   ? 1_555 90.0  ? 
91 O6  ? B DG  5 ? B DG  5   ? 1_555 K  ? N K  . ? B K  102 ? 1_555 O6  ? B DG  5 ? B DG  5   ? 1_555 0.0   ? 
92 O6  ? B DG  5 ? B DG  5   ? 1_555 K  ? M K  . ? B K  101 ? 1_555 O6  ? B DG  5 ? B DG  5   ? 1_555 0.0   ? 
93 O6  ? B DG  5 ? B DG  5   ? 1_555 K  ? M K  . ? B K  101 ? 1_555 O6  ? B DG  6 ? B DG  6   ? 1_555 80.9  ? 
94 O6  ? B DG  5 ? B DG  5   ? 1_555 K  ? M K  . ? B K  101 ? 1_555 O6  ? B DG  6 ? B DG  6   ? 1_555 80.9  ? 
95 O6  ? B DG  5 ? B DG  5   ? 1_555 K  ? M K  . ? B K  101 ? 1_555 O6  ? B DG  6 ? B DG  6   ? 1_555 80.9  ? 
96 O6  ? B DG  5 ? B DG  5   ? 1_555 K  ? M K  . ? B K  101 ? 1_555 O6  ? B DG  6 ? B DG  6   ? 1_555 80.9  ? 
97 O6  ? B DG  6 ? B DG  6   ? 1_555 K  ? M K  . ? B K  101 ? 1_555 O6  ? B DG  6 ? B DG  6   ? 1_555 0.0   ? 
# 
_pdbx_entry_details.entry_id                   8RMH 
_pdbx_entry_details.has_ligand_of_interest     Y 
_pdbx_entry_details.compound_details           ? 
_pdbx_entry_details.source_details             ? 
_pdbx_entry_details.nonpolymer_details         ? 
_pdbx_entry_details.sequence_details           ? 
_pdbx_entry_details.has_protein_modification   N 
# 
_pdbx_validate_symm_contact.id                1 
_pdbx_validate_symm_contact.PDB_model_num     1 
_pdbx_validate_symm_contact.auth_atom_id_1    OP2 
_pdbx_validate_symm_contact.auth_asym_id_1    A 
_pdbx_validate_symm_contact.auth_comp_id_1    DT 
_pdbx_validate_symm_contact.auth_seq_id_1     7 
_pdbx_validate_symm_contact.PDB_ins_code_1    ? 
_pdbx_validate_symm_contact.label_alt_id_1    ? 
_pdbx_validate_symm_contact.site_symmetry_1   1_555 
_pdbx_validate_symm_contact.auth_atom_id_2    O 
_pdbx_validate_symm_contact.auth_asym_id_2    B 
_pdbx_validate_symm_contact.auth_comp_id_2    HOH 
_pdbx_validate_symm_contact.auth_seq_id_2     235 
_pdbx_validate_symm_contact.PDB_ins_code_2    ? 
_pdbx_validate_symm_contact.label_alt_id_2    ? 
_pdbx_validate_symm_contact.site_symmetry_2   3_454 
_pdbx_validate_symm_contact.dist              2.10 
# 
loop_
_pdbx_validate_rmsd_angle.id 
_pdbx_validate_rmsd_angle.PDB_model_num 
_pdbx_validate_rmsd_angle.auth_atom_id_1 
_pdbx_validate_rmsd_angle.auth_asym_id_1 
_pdbx_validate_rmsd_angle.auth_comp_id_1 
_pdbx_validate_rmsd_angle.auth_seq_id_1 
_pdbx_validate_rmsd_angle.PDB_ins_code_1 
_pdbx_validate_rmsd_angle.label_alt_id_1 
_pdbx_validate_rmsd_angle.auth_atom_id_2 
_pdbx_validate_rmsd_angle.auth_asym_id_2 
_pdbx_validate_rmsd_angle.auth_comp_id_2 
_pdbx_validate_rmsd_angle.auth_seq_id_2 
_pdbx_validate_rmsd_angle.PDB_ins_code_2 
_pdbx_validate_rmsd_angle.label_alt_id_2 
_pdbx_validate_rmsd_angle.auth_atom_id_3 
_pdbx_validate_rmsd_angle.auth_asym_id_3 
_pdbx_validate_rmsd_angle.auth_comp_id_3 
_pdbx_validate_rmsd_angle.auth_seq_id_3 
_pdbx_validate_rmsd_angle.PDB_ins_code_3 
_pdbx_validate_rmsd_angle.label_alt_id_3 
_pdbx_validate_rmsd_angle.angle_value 
_pdbx_validate_rmsd_angle.angle_target_value 
_pdbx_validate_rmsd_angle.angle_deviation 
_pdbx_validate_rmsd_angle.angle_standard_deviation 
_pdbx_validate_rmsd_angle.linker_flag 
1 1 "O4'" B DG 3 ? ? "C1'" B DG 3 ? ? N9 B DG 3 ? ? 110.60 108.30 2.30 0.30 N 
2 1 "O4'" B DT 4 ? ? "C1'" B DT 4 ? ? N1 B DT 4 ? ? 110.38 108.30 2.08 0.30 N 
# 
loop_
_pdbx_struct_special_symmetry.id 
_pdbx_struct_special_symmetry.PDB_model_num 
_pdbx_struct_special_symmetry.auth_asym_id 
_pdbx_struct_special_symmetry.auth_comp_id 
_pdbx_struct_special_symmetry.auth_seq_id 
_pdbx_struct_special_symmetry.PDB_ins_code 
_pdbx_struct_special_symmetry.label_asym_id 
_pdbx_struct_special_symmetry.label_comp_id 
_pdbx_struct_special_symmetry.label_seq_id 
1  1 A K   101 ? C K   . 
2  1 A K   102 ? D K   . 
3  1 A K   103 ? E K   . 
4  1 A K   104 ? F K   . 
5  1 A K   105 ? G K   . 
6  1 A K   106 ? H K   . 
7  1 A K   107 ? I K   . 
8  1 A MG  108 ? J MG  . 
9  1 A NA  109 ? K NA  . 
10 1 A NA  110 ? L NA  . 
11 1 B K   101 ? M K   . 
12 1 B K   102 ? N K   . 
13 1 B K   103 ? O K   . 
14 1 A HOH 216 ? Q HOH . 
# 
loop_
_space_group_symop.id 
_space_group_symop.operation_xyz 
1 x,y,z           
2 -y+1/2,x+1/2,z  
3 y+1/2,-x+1/2,z  
4 x+1/2,-y+1/2,-z 
5 -x+1/2,y+1/2,-z 
6 -x,-y,z         
7 y,x,-z          
8 -y,-x,-z        
# 
loop_
_pdbx_distant_solvent_atoms.id 
_pdbx_distant_solvent_atoms.PDB_model_num 
_pdbx_distant_solvent_atoms.auth_atom_id 
_pdbx_distant_solvent_atoms.label_alt_id 
_pdbx_distant_solvent_atoms.auth_asym_id 
_pdbx_distant_solvent_atoms.auth_comp_id 
_pdbx_distant_solvent_atoms.auth_seq_id 
_pdbx_distant_solvent_atoms.PDB_ins_code 
_pdbx_distant_solvent_atoms.neighbor_macromolecule_distance 
_pdbx_distant_solvent_atoms.neighbor_ligand_distance 
1 1 O ? B HOH 243 ? 6.11 . 
2 1 O ? B HOH 244 ? 7.00 . 
# 
loop_
_chem_comp_atom.comp_id 
_chem_comp_atom.atom_id 
_chem_comp_atom.type_symbol 
_chem_comp_atom.pdbx_aromatic_flag 
_chem_comp_atom.pdbx_stereo_config 
_chem_comp_atom.pdbx_ordinal 
DG  OP3    O  N N 1  
DG  P      P  N N 2  
DG  OP1    O  N N 3  
DG  OP2    O  N N 4  
DG  "O5'"  O  N N 5  
DG  "C5'"  C  N N 6  
DG  "C4'"  C  N R 7  
DG  "O4'"  O  N N 8  
DG  "C3'"  C  N S 9  
DG  "O3'"  O  N N 10 
DG  "C2'"  C  N N 11 
DG  "C1'"  C  N R 12 
DG  N9     N  Y N 13 
DG  C8     C  Y N 14 
DG  N7     N  Y N 15 
DG  C5     C  Y N 16 
DG  C6     C  N N 17 
DG  O6     O  N N 18 
DG  N1     N  N N 19 
DG  C2     C  N N 20 
DG  N2     N  N N 21 
DG  N3     N  N N 22 
DG  C4     C  Y N 23 
DG  HOP3   H  N N 24 
DG  HOP2   H  N N 25 
DG  "H5'"  H  N N 26 
DG  "H5''" H  N N 27 
DG  "H4'"  H  N N 28 
DG  "H3'"  H  N N 29 
DG  "HO3'" H  N N 30 
DG  "H2'"  H  N N 31 
DG  "H2''" H  N N 32 
DG  "H1'"  H  N N 33 
DG  H8     H  N N 34 
DG  H1     H  N N 35 
DG  H21    H  N N 36 
DG  H22    H  N N 37 
DT  OP3    O  N N 38 
DT  P      P  N N 39 
DT  OP1    O  N N 40 
DT  OP2    O  N N 41 
DT  "O5'"  O  N N 42 
DT  "C5'"  C  N N 43 
DT  "C4'"  C  N R 44 
DT  "O4'"  O  N N 45 
DT  "C3'"  C  N S 46 
DT  "O3'"  O  N N 47 
DT  "C2'"  C  N N 48 
DT  "C1'"  C  N R 49 
DT  N1     N  N N 50 
DT  C2     C  N N 51 
DT  O2     O  N N 52 
DT  N3     N  N N 53 
DT  C4     C  N N 54 
DT  O4     O  N N 55 
DT  C5     C  N N 56 
DT  C7     C  N N 57 
DT  C6     C  N N 58 
DT  HOP3   H  N N 59 
DT  HOP2   H  N N 60 
DT  "H5'"  H  N N 61 
DT  "H5''" H  N N 62 
DT  "H4'"  H  N N 63 
DT  "H3'"  H  N N 64 
DT  "HO3'" H  N N 65 
DT  "H2'"  H  N N 66 
DT  "H2''" H  N N 67 
DT  "H1'"  H  N N 68 
DT  H3     H  N N 69 
DT  H71    H  N N 70 
DT  H72    H  N N 71 
DT  H73    H  N N 72 
DT  H6     H  N N 73 
HOH O      O  N N 74 
HOH H1     H  N N 75 
HOH H2     H  N N 76 
K   K      K  N N 77 
MG  MG     MG N N 78 
NA  NA     NA N N 79 
# 
loop_
_chem_comp_bond.comp_id 
_chem_comp_bond.atom_id_1 
_chem_comp_bond.atom_id_2 
_chem_comp_bond.value_order 
_chem_comp_bond.pdbx_aromatic_flag 
_chem_comp_bond.pdbx_stereo_config 
_chem_comp_bond.pdbx_ordinal 
DG  OP3   P      sing N N 1  
DG  OP3   HOP3   sing N N 2  
DG  P     OP1    doub N N 3  
DG  P     OP2    sing N N 4  
DG  P     "O5'"  sing N N 5  
DG  OP2   HOP2   sing N N 6  
DG  "O5'" "C5'"  sing N N 7  
DG  "C5'" "C4'"  sing N N 8  
DG  "C5'" "H5'"  sing N N 9  
DG  "C5'" "H5''" sing N N 10 
DG  "C4'" "O4'"  sing N N 11 
DG  "C4'" "C3'"  sing N N 12 
DG  "C4'" "H4'"  sing N N 13 
DG  "O4'" "C1'"  sing N N 14 
DG  "C3'" "O3'"  sing N N 15 
DG  "C3'" "C2'"  sing N N 16 
DG  "C3'" "H3'"  sing N N 17 
DG  "O3'" "HO3'" sing N N 18 
DG  "C2'" "C1'"  sing N N 19 
DG  "C2'" "H2'"  sing N N 20 
DG  "C2'" "H2''" sing N N 21 
DG  "C1'" N9     sing N N 22 
DG  "C1'" "H1'"  sing N N 23 
DG  N9    C8     sing Y N 24 
DG  N9    C4     sing Y N 25 
DG  C8    N7     doub Y N 26 
DG  C8    H8     sing N N 27 
DG  N7    C5     sing Y N 28 
DG  C5    C6     sing N N 29 
DG  C5    C4     doub Y N 30 
DG  C6    O6     doub N N 31 
DG  C6    N1     sing N N 32 
DG  N1    C2     sing N N 33 
DG  N1    H1     sing N N 34 
DG  C2    N2     sing N N 35 
DG  C2    N3     doub N N 36 
DG  N2    H21    sing N N 37 
DG  N2    H22    sing N N 38 
DG  N3    C4     sing N N 39 
DT  OP3   P      sing N N 40 
DT  OP3   HOP3   sing N N 41 
DT  P     OP1    doub N N 42 
DT  P     OP2    sing N N 43 
DT  P     "O5'"  sing N N 44 
DT  OP2   HOP2   sing N N 45 
DT  "O5'" "C5'"  sing N N 46 
DT  "C5'" "C4'"  sing N N 47 
DT  "C5'" "H5'"  sing N N 48 
DT  "C5'" "H5''" sing N N 49 
DT  "C4'" "O4'"  sing N N 50 
DT  "C4'" "C3'"  sing N N 51 
DT  "C4'" "H4'"  sing N N 52 
DT  "O4'" "C1'"  sing N N 53 
DT  "C3'" "O3'"  sing N N 54 
DT  "C3'" "C2'"  sing N N 55 
DT  "C3'" "H3'"  sing N N 56 
DT  "O3'" "HO3'" sing N N 57 
DT  "C2'" "C1'"  sing N N 58 
DT  "C2'" "H2'"  sing N N 59 
DT  "C2'" "H2''" sing N N 60 
DT  "C1'" N1     sing N N 61 
DT  "C1'" "H1'"  sing N N 62 
DT  N1    C2     sing N N 63 
DT  N1    C6     sing N N 64 
DT  C2    O2     doub N N 65 
DT  C2    N3     sing N N 66 
DT  N3    C4     sing N N 67 
DT  N3    H3     sing N N 68 
DT  C4    O4     doub N N 69 
DT  C4    C5     sing N N 70 
DT  C5    C7     sing N N 71 
DT  C5    C6     doub N N 72 
DT  C7    H71    sing N N 73 
DT  C7    H72    sing N N 74 
DT  C7    H73    sing N N 75 
DT  C6    H6     sing N N 76 
HOH O     H1     sing N N 77 
HOH O     H2     sing N N 78 
# 
loop_
_ndb_struct_conf_na.entry_id 
_ndb_struct_conf_na.feature 
8RMH 'double helix' 
8RMH 'triple helix' 
# 
loop_
_ndb_struct_na_base_pair.model_number 
_ndb_struct_na_base_pair.i_label_asym_id 
_ndb_struct_na_base_pair.i_label_comp_id 
_ndb_struct_na_base_pair.i_label_seq_id 
_ndb_struct_na_base_pair.i_symmetry 
_ndb_struct_na_base_pair.j_label_asym_id 
_ndb_struct_na_base_pair.j_label_comp_id 
_ndb_struct_na_base_pair.j_label_seq_id 
_ndb_struct_na_base_pair.j_symmetry 
_ndb_struct_na_base_pair.shear 
_ndb_struct_na_base_pair.stretch 
_ndb_struct_na_base_pair.stagger 
_ndb_struct_na_base_pair.buckle 
_ndb_struct_na_base_pair.propeller 
_ndb_struct_na_base_pair.opening 
_ndb_struct_na_base_pair.pair_number 
_ndb_struct_na_base_pair.pair_name 
_ndb_struct_na_base_pair.i_auth_asym_id 
_ndb_struct_na_base_pair.i_auth_seq_id 
_ndb_struct_na_base_pair.i_PDB_ins_code 
_ndb_struct_na_base_pair.j_auth_asym_id 
_ndb_struct_na_base_pair.j_auth_seq_id 
_ndb_struct_na_base_pair.j_PDB_ins_code 
_ndb_struct_na_base_pair.hbond_type_28 
_ndb_struct_na_base_pair.hbond_type_12 
1 A DG 2 1_555 B DT 7 1_555 3.504  1.180  -0.407 18.711 28.329 103.610 1  A_DG2:DT7_B A 2 ? B 7 ? ? 5 
1 A DT 1 1_555 A DT 1 3_455 -0.186 -3.803 0.153  0.373  4.599  89.907  2  A_DT1:DT1_A A 1 ? A 1 ? ? ? 
1 A DG 2 1_555 A DG 2 3_455 -1.502 -3.536 0.052  -2.706 2.846  89.933  3  A_DG2:DG2_A A 2 ? A 2 ? 6 3 
1 A DG 3 1_555 A DG 3 3_455 -1.722 -3.491 -0.012 -5.117 2.142  89.866  4  A_DG3:DG3_A A 3 ? A 3 ? 6 3 
1 A DT 4 1_555 A DT 4 3_455 -0.715 -3.337 -0.013 -1.467 -0.139 89.991  5  A_DT4:DT4_A A 4 ? A 4 ? ? ? 
1 A DG 5 1_555 A DG 5 3_455 -1.587 -3.403 0.034  -6.410 4.121  89.746  6  A_DG5:DG5_A A 5 ? A 5 ? 6 3 
1 A DG 6 1_555 A DG 6 3_455 -1.561 -3.462 0.088  -4.853 5.080  89.784  7  A_DG6:DG6_A A 6 ? A 6 ? 6 3 
1 A DT 7 1_555 A DT 7 3_455 -0.816 -3.137 0.266  0.753  9.453  89.606  8  A_DT7:DT7_A A 7 ? A 7 ? ? ? 
1 A DT 1 1_555 A DT 1 4_445 0.186  3.803  -0.153 -0.373 -4.599 -89.907 9  A_DT1:DT1_A A 1 ? A 1 ? ? ? 
1 A DG 2 1_555 A DG 2 4_445 1.502  3.536  -0.052 2.706  -2.846 -89.933 10 A_DG2:DG2_A A 2 ? A 2 ? 6 3 
1 A DG 3 1_555 A DG 3 4_445 1.722  3.491  0.012  5.117  -2.142 -89.866 11 A_DG3:DG3_A A 3 ? A 3 ? 6 3 
1 A DT 4 1_555 A DT 4 4_445 0.715  3.337  0.013  1.467  0.139  -89.991 12 A_DT4:DT4_A A 4 ? A 4 ? ? ? 
1 A DG 5 1_555 A DG 5 4_445 1.587  3.403  -0.034 6.410  -4.121 -89.746 13 A_DG5:DG5_A A 5 ? A 5 ? 6 3 
1 A DG 6 1_555 A DG 6 4_445 1.561  3.462  -0.088 4.853  -5.080 -89.784 14 A_DG6:DG6_A A 6 ? A 6 ? 6 3 
1 A DT 7 1_555 A DT 7 4_445 0.816  3.137  -0.266 -0.753 -9.453 -89.606 15 A_DT7:DT7_A A 7 ? A 7 ? ? ? 
1 B DT 1 1_555 B DT 1 3_455 -0.616 -2.994 0.097  0.285  3.660  89.941  16 B_DT1:DT1_B B 1 ? B 1 ? ? ? 
1 B DG 2 1_555 B DG 2 3_455 -1.519 -3.537 -0.027 -3.693 0.700  89.938  17 B_DG2:DG2_B B 2 ? B 2 ? 6 3 
1 B DG 3 1_555 B DG 3 3_455 -1.581 -3.533 0.104  -4.673 5.453  89.774  18 B_DG3:DG3_B B 3 ? B 3 ? 6 3 
1 B DG 5 1_555 B DG 5 3_455 -1.526 -3.554 0.066  -2.570 3.243  89.925  19 B_DG5:DG5_B B 5 ? B 5 ? 6 3 
1 B DG 6 1_555 B DG 6 3_455 -1.500 -3.573 0.080  3.052  1.282  89.952  20 B_DG6:DG6_B B 6 ? B 6 ? 6 3 
1 B DT 1 1_555 B DT 1 4_445 0.616  2.994  -0.097 -0.285 -3.660 -89.941 21 B_DT1:DT1_B B 1 ? B 1 ? ? ? 
1 B DG 2 1_555 B DG 2 4_445 1.519  3.537  0.027  3.693  -0.700 -89.938 22 B_DG2:DG2_B B 2 ? B 2 ? 6 3 
1 B DG 3 1_555 B DG 3 4_445 1.581  3.533  -0.104 4.673  -5.453 -89.774 23 B_DG3:DG3_B B 3 ? B 3 ? 6 3 
1 B DG 5 1_555 B DG 5 4_445 1.526  3.554  -0.066 2.570  -3.243 -89.925 24 B_DG5:DG5_B B 5 ? B 5 ? 6 3 
1 B DG 6 1_555 B DG 6 4_445 1.500  3.573  -0.080 -3.052 -1.282 -89.952 25 B_DG6:DG6_B B 6 ? B 6 ? 6 3 
# 
loop_
_ndb_struct_na_base_pair_step.model_number 
_ndb_struct_na_base_pair_step.i_label_asym_id_1 
_ndb_struct_na_base_pair_step.i_label_comp_id_1 
_ndb_struct_na_base_pair_step.i_label_seq_id_1 
_ndb_struct_na_base_pair_step.i_symmetry_1 
_ndb_struct_na_base_pair_step.j_label_asym_id_1 
_ndb_struct_na_base_pair_step.j_label_comp_id_1 
_ndb_struct_na_base_pair_step.j_label_seq_id_1 
_ndb_struct_na_base_pair_step.j_symmetry_1 
_ndb_struct_na_base_pair_step.i_label_asym_id_2 
_ndb_struct_na_base_pair_step.i_label_comp_id_2 
_ndb_struct_na_base_pair_step.i_label_seq_id_2 
_ndb_struct_na_base_pair_step.i_symmetry_2 
_ndb_struct_na_base_pair_step.j_label_asym_id_2 
_ndb_struct_na_base_pair_step.j_label_comp_id_2 
_ndb_struct_na_base_pair_step.j_label_seq_id_2 
_ndb_struct_na_base_pair_step.j_symmetry_2 
_ndb_struct_na_base_pair_step.shift 
_ndb_struct_na_base_pair_step.slide 
_ndb_struct_na_base_pair_step.rise 
_ndb_struct_na_base_pair_step.tilt 
_ndb_struct_na_base_pair_step.roll 
_ndb_struct_na_base_pair_step.twist 
_ndb_struct_na_base_pair_step.x_displacement 
_ndb_struct_na_base_pair_step.y_displacement 
_ndb_struct_na_base_pair_step.helical_rise 
_ndb_struct_na_base_pair_step.inclination 
_ndb_struct_na_base_pair_step.tip 
_ndb_struct_na_base_pair_step.helical_twist 
_ndb_struct_na_base_pair_step.step_number 
_ndb_struct_na_base_pair_step.step_name 
_ndb_struct_na_base_pair_step.i_auth_asym_id_1 
_ndb_struct_na_base_pair_step.i_auth_seq_id_1 
_ndb_struct_na_base_pair_step.i_PDB_ins_code_1 
_ndb_struct_na_base_pair_step.j_auth_asym_id_1 
_ndb_struct_na_base_pair_step.j_auth_seq_id_1 
_ndb_struct_na_base_pair_step.j_PDB_ins_code_1 
_ndb_struct_na_base_pair_step.i_auth_asym_id_2 
_ndb_struct_na_base_pair_step.i_auth_seq_id_2 
_ndb_struct_na_base_pair_step.i_PDB_ins_code_2 
_ndb_struct_na_base_pair_step.j_auth_asym_id_2 
_ndb_struct_na_base_pair_step.j_auth_seq_id_2 
_ndb_struct_na_base_pair_step.j_PDB_ins_code_2 
1 A DT 1 1_555 A DT 1 3_455 A DG 2 1_555 A DG 2 3_455 -0.154 -0.394 3.495 -1.190 2.598  35.307 -1.055 0.066 3.461 4.275  1.959  
35.418 1  AA_DT1DG2:DG2DT1_AA A 1 ? A 1 ? A 2 ? A 2 ? 
1 A DG 2 1_555 A DG 2 3_455 A DG 3 1_555 A DG 3 3_455 -0.452 -0.631 3.293 -1.234 1.744  26.297 -1.850 0.660 3.262 3.826  2.707  
26.382 2  AA_DG2DG3:DG3DG2_AA A 2 ? A 2 ? A 3 ? A 3 ? 
1 A DG 3 1_555 A DG 3 3_455 A DT 4 1_555 A DT 4 3_455 -0.285 -1.194 3.623 -1.834 -1.565 25.259 -2.212 0.055 3.700 -3.567 4.183  
25.372 3  AA_DG3DT4:DT4DG3_AA A 3 ? A 3 ? A 4 ? A 4 ? 
1 A DT 4 1_555 A DT 4 3_455 A DG 5 1_555 A DG 5 3_455 -0.497 -0.556 3.185 0.863  2.961  34.647 -1.365 0.958 3.115 4.959  -1.445 
34.780 4  AA_DT4DG5:DG5DT4_AA A 4 ? A 4 ? A 5 ? A 5 ? 
1 A DG 5 1_555 A DG 5 3_455 A DG 6 1_555 A DG 6 3_455 -0.544 -0.647 3.327 -0.796 0.272  25.874 -1.521 0.990 3.335 0.606  1.778  
25.887 5  AA_DG5DG6:DG6DG5_AA A 5 ? A 5 ? A 6 ? A 6 ? 
1 A DG 6 1_555 A DG 6 3_455 A DT 7 1_555 A DT 7 3_455 -0.235 -1.024 3.189 1.571  -0.766 30.930 -1.773 0.735 3.198 -1.435 -2.944 
30.978 6  AA_DG6DT7:DT7DG6_AA A 6 ? A 6 ? A 7 ? A 7 ? 
1 A DT 1 1_555 A DT 1 4_445 A DG 2 1_555 A DG 2 4_445 -0.154 -0.394 3.495 -1.190 2.598  35.307 -1.055 0.066 3.461 4.275  1.959  
35.418 7  AA_DT1DG2:DG2DT1_AA A 1 ? A 1 ? A 2 ? A 2 ? 
1 A DG 2 1_555 A DG 2 4_445 A DG 3 1_555 A DG 3 4_445 -0.452 -0.631 3.293 -1.234 1.744  26.297 -1.850 0.660 3.262 3.826  2.707  
26.382 8  AA_DG2DG3:DG3DG2_AA A 2 ? A 2 ? A 3 ? A 3 ? 
1 A DG 3 1_555 A DG 3 4_445 A DT 4 1_555 A DT 4 4_445 -0.285 -1.194 3.623 -1.834 -1.565 25.259 -2.212 0.055 3.700 -3.567 4.183  
25.372 9  AA_DG3DT4:DT4DG3_AA A 3 ? A 3 ? A 4 ? A 4 ? 
1 A DT 4 1_555 A DT 4 4_445 A DG 5 1_555 A DG 5 4_445 -0.497 -0.556 3.185 0.863  2.961  34.647 -1.365 0.958 3.115 4.959  -1.445 
34.780 10 AA_DT4DG5:DG5DT4_AA A 4 ? A 4 ? A 5 ? A 5 ? 
1 A DG 5 1_555 A DG 5 4_445 A DG 6 1_555 A DG 6 4_445 -0.544 -0.647 3.327 -0.796 0.272  25.874 -1.521 0.990 3.335 0.606  1.778  
25.887 11 AA_DG5DG6:DG6DG5_AA A 5 ? A 5 ? A 6 ? A 6 ? 
1 A DG 6 1_555 A DG 6 4_445 A DT 7 1_555 A DT 7 4_445 -0.235 -1.024 3.189 1.571  -0.766 30.930 -1.773 0.735 3.198 -1.435 -2.944 
30.978 12 AA_DG6DT7:DT7DG6_AA A 6 ? A 6 ? A 7 ? A 7 ? 
1 B DT 1 1_555 B DT 1 3_455 B DG 2 1_555 B DG 2 3_455 -0.622 -0.532 3.449 -1.934 2.564  35.829 -1.246 0.716 3.432 4.158  3.136  
35.968 13 BB_DT1DG2:DG2DT1_BB B 1 ? B 1 ? B 2 ? B 2 ? 
1 B DG 2 1_555 B DG 2 3_455 B DG 3 1_555 B DG 3 3_455 -0.391 -0.487 3.265 1.636  1.010  19.559 -1.908 1.928 3.193 2.963  -4.801 
19.652 14 BB_DG2DG3:DG3DG2_BB B 2 ? B 2 ? B 3 ? B 3 ? 
1 B DG 3 1_555 B DG 3 3_455 B DG 5 1_555 B DG 5 3_455 -0.795 -1.501 3.476 -2.634 1.035  53.915 -1.722 0.703 3.481 1.140  2.903  
53.984 15 BB_DG3DG5:DG5DG3_BB B 3 ? B 3 ? B 5 ? B 5 ? 
1 B DG 5 1_555 B DG 5 3_455 B DG 6 1_555 B DG 6 3_455 -0.422 -0.933 3.414 -0.873 -2.056 32.934 -1.275 0.587 3.474 -3.621 1.537  
33.007 16 BB_DG5DG6:DG6DG5_BB B 5 ? B 5 ? B 6 ? B 6 ? 
1 B DT 1 1_555 B DT 1 4_445 B DG 2 1_555 B DG 2 4_445 -0.622 -0.532 3.449 -1.934 2.564  35.829 -1.246 0.716 3.432 4.158  3.136  
35.968 17 BB_DT1DG2:DG2DT1_BB B 1 ? B 1 ? B 2 ? B 2 ? 
1 B DG 2 1_555 B DG 2 4_445 B DG 3 1_555 B DG 3 4_445 -0.391 -0.487 3.265 1.636  1.010  19.559 -1.908 1.928 3.193 2.963  -4.801 
19.652 18 BB_DG2DG3:DG3DG2_BB B 2 ? B 2 ? B 3 ? B 3 ? 
1 B DG 3 1_555 B DG 3 4_445 B DG 5 1_555 B DG 5 4_445 -0.795 -1.501 3.476 -2.634 1.035  53.915 -1.722 0.703 3.481 1.140  2.903  
53.984 19 BB_DG3DG5:DG5DG3_BB B 3 ? B 3 ? B 5 ? B 5 ? 
1 B DG 5 1_555 B DG 5 4_445 B DG 6 1_555 B DG 6 4_445 -0.422 -0.933 3.414 -0.873 -2.056 32.934 -1.275 0.587 3.474 -3.621 1.537  
33.007 20 BB_DG5DG6:DG6DG5_BB B 5 ? B 5 ? B 6 ? B 6 ? 
# 
_pdbx_audit_support.funding_organization   'H2020 Marie Curie Actions of the European Commission' 
_pdbx_audit_support.country                'European Union' 
_pdbx_audit_support.grant_number           H2020-MSCA-INT-2019-861 
_pdbx_audit_support.ordinal                1 
# 
_space_group.name_H-M_alt     'P 4 21 2' 
_space_group.name_Hall        'P 4ab 2ab' 
_space_group.IT_number        90 
_space_group.crystal_system   tetragonal 
_space_group.id               1 
# 
_atom_sites.entry_id                    8RMH 
_atom_sites.Cartn_transf_matrix[1][1]   ? 
_atom_sites.Cartn_transf_matrix[1][2]   ? 
_atom_sites.Cartn_transf_matrix[1][3]   ? 
_atom_sites.Cartn_transf_matrix[2][1]   ? 
_atom_sites.Cartn_transf_matrix[2][2]   ? 
_atom_sites.Cartn_transf_matrix[2][3]   ? 
_atom_sites.Cartn_transf_matrix[3][1]   ? 
_atom_sites.Cartn_transf_matrix[3][2]   ? 
_atom_sites.Cartn_transf_matrix[3][3]   ? 
_atom_sites.Cartn_transf_vector[1]      ? 
_atom_sites.Cartn_transf_vector[2]      ? 
_atom_sites.Cartn_transf_vector[3]      ? 
_atom_sites.Cartn_transform_axes        ? 
_atom_sites.fract_transf_matrix[1][1]   -0.00957897 
_atom_sites.fract_transf_matrix[1][2]   -0.02169933 
_atom_sites.fract_transf_matrix[1][3]   0.00699680 
_atom_sites.fract_transf_matrix[2][1]   0.00150492 
_atom_sites.fract_transf_matrix[2][2]   -0.00817446 
_atom_sites.fract_transf_matrix[2][3]   -0.02329134 
_atom_sites.fract_transf_matrix[3][1]   0.02272584 
_atom_sites.fract_transf_matrix[3][2]   -0.00858689 
_atom_sites.fract_transf_matrix[3][3]   0.00448208 
_atom_sites.fract_transf_vector[1]      -0.465428 
_atom_sites.fract_transf_vector[2]      -0.074533 
_atom_sites.fract_transf_vector[3]      -0.044075 
_atom_sites.solution_primary            ? 
_atom_sites.solution_secondary          ? 
_atom_sites.solution_hydrogens          ? 
_atom_sites.special_details             ? 
# 
loop_
_atom_type.symbol 
_atom_type.scat_dispersion_real 
_atom_type.scat_dispersion_imag 
_atom_type.scat_Cromer_Mann_a1 
_atom_type.scat_Cromer_Mann_a2 
_atom_type.scat_Cromer_Mann_a3 
_atom_type.scat_Cromer_Mann_a4 
_atom_type.scat_Cromer_Mann_b1 
_atom_type.scat_Cromer_Mann_b2 
_atom_type.scat_Cromer_Mann_b3 
_atom_type.scat_Cromer_Mann_b4 
_atom_type.scat_Cromer_Mann_c 
_atom_type.scat_source 
_atom_type.scat_dispersion_source 
C  ? ? 3.54356 2.42580 ?       ? 25.62398 1.50364  ?         ? 0.0 
;2-Gaussian fit: Grosse-Kunstleve RW, Sauter NK, Adams PD: Newsletter of the IUCr Commission on Crystallographic Computing 2004, 3, 22-31.
;
? 
H  ? ? 0.51345 0.48472 ?       ? 24.73122 6.32584  ?         ? 0.0 
;2-Gaussian fit: Grosse-Kunstleve RW, Sauter NK, Adams PD: Newsletter of the IUCr Commission on Crystallographic Computing 2004, 3, 22-31.
;
? 
K  ? ? 8.66788 8.58341 1.68052 ? 12.31593 0.56275  110.00227 ? 0.0 
;3-Gaussian fit: Grosse-Kunstleve RW, Sauter NK, Adams PD: Newsletter of the IUCr Commission on Crystallographic Computing 2004, 3, 22-31.
;
? 
MG ? ? 9.41153 2.53737 ?       ? 2.59044  63.03566 ?         ? 0.0 
;2-Gaussian fit: Grosse-Kunstleve RW, Sauter NK, Adams PD: Newsletter of the IUCr Commission on Crystallographic Computing 2004, 3, 22-31.
;
? 
N  ? ? 4.01032 2.96436 ?       ? 19.97189 1.75589  ?         ? 0.0 
;2-Gaussian fit: Grosse-Kunstleve RW, Sauter NK, Adams PD: Newsletter of the IUCr Commission on Crystallographic Computing 2004, 3, 22-31.
;
? 
NA ? ? 6.63511 3.01293 1.30238 ? 5.54423  0.54580  90.85902  ? 0.0 
;3-Gaussian fit: Grosse-Kunstleve RW, Sauter NK, Adams PD: Newsletter of the IUCr Commission on Crystallographic Computing 2004, 3, 22-31.
;
? 
O  ? ? 4.49882 3.47563 ?       ? 15.80542 1.70748  ?         ? 0.0 
;2-Gaussian fit: Grosse-Kunstleve RW, Sauter NK, Adams PD: Newsletter of the IUCr Commission on Crystallographic Computing 2004, 3, 22-31.
;
? 
P  ? ? 9.51135 5.44231 ?       ? 1.42069  35.72801 ?         ? 0.0 
;2-Gaussian fit: Grosse-Kunstleve RW, Sauter NK, Adams PD: Newsletter of the IUCr Commission on Crystallographic Computing 2004, 3, 22-31.
;
? 
# 
loop_
_atom_site.group_PDB 
_atom_site.id 
_atom_site.type_symbol 
_atom_site.label_atom_id 
_atom_site.label_alt_id 
_atom_site.label_comp_id 
_atom_site.label_asym_id 
_atom_site.label_entity_id 
_atom_site.label_seq_id 
_atom_site.pdbx_PDB_ins_code 
_atom_site.Cartn_x 
_atom_site.Cartn_y 
_atom_site.Cartn_z 
_atom_site.occupancy 
_atom_site.B_iso_or_equiv 
_atom_site.pdbx_formal_charge 
_atom_site.auth_seq_id 
_atom_site.auth_comp_id 
_atom_site.auth_asym_id 
_atom_site.auth_atom_id 
_atom_site.pdbx_PDB_model_num 
ATOM   1   O  "O5'"  . DT  A 1 1 ? -1.71977  -4.54975  4.03300   1.000 11.94881 ? 1   DT  A "O5'"  1 
ATOM   2   C  "C5'"  . DT  A 1 1 ? -1.01278  -4.46566  5.27233   1.000 10.40839 ? 1   DT  A "C5'"  1 
ATOM   3   C  "C4'"  . DT  A 1 1 ? -0.70962  -3.04180  5.66390   1.000 11.13649 ? 1   DT  A "C4'"  1 
ATOM   4   O  "O4'"  . DT  A 1 1 ? 0.15137   -2.40220  4.67325   1.000 10.68177 ? 1   DT  A "O4'"  1 
ATOM   5   C  "C3'"  . DT  A 1 1 ? -1.93003  -2.14207  5.81502   1.000 11.74808 ? 1   DT  A "C3'"  1 
ATOM   6   O  "O3'"  . DT  A 1 1 ? -1.71845  -1.25633  6.90768   1.000 12.21910 ? 1   DT  A "O3'"  1 
ATOM   7   C  "C2'"  . DT  A 1 1 ? -2.00543  -1.43481  4.47680   1.000 12.08681 ? 1   DT  A "C2'"  1 
ATOM   8   C  "C1'"  . DT  A 1 1 ? -0.52391  -1.28085  4.10546   1.000 11.32398 ? 1   DT  A "C1'"  1 
ATOM   9   N  N1     . DT  A 1 1 ? -0.24458  -1.25828  2.63867   1.000 9.27467  ? 1   DT  A N1     1 
ATOM   10  C  C2     . DT  A 1 1 ? 0.38380   -0.16976  2.08913   1.000 8.82564  ? 1   DT  A C2     1 
ATOM   11  O  O2     . DT  A 1 1 ? 0.68183   0.81246   2.72987   1.000 9.93449  ? 1   DT  A O2     1 
ATOM   12  N  N3     . DT  A 1 1 ? 0.63776   -0.27917  0.72966   1.000 9.08582  ? 1   DT  A N3     1 
ATOM   13  C  C4     . DT  A 1 1 ? 0.35307   -1.35946  -0.08390  1.000 9.61564  ? 1   DT  A C4     1 
ATOM   14  O  O4     . DT  A 1 1 ? 0.61555   -1.34926  -1.29049  1.000 9.57698  ? 1   DT  A O4     1 
ATOM   15  C  C5     . DT  A 1 1 ? -0.29207  -2.48625  0.58204   1.000 7.85954  ? 1   DT  A C5     1 
ATOM   16  C  C7     . DT  A 1 1 ? -0.64315  -3.73394  -0.17707  1.000 8.58473  ? 1   DT  A C7     1 
ATOM   17  C  C6     . DT  A 1 1 ? -0.53957  -2.37654  1.89828   1.000 9.22109  ? 1   DT  A C6     1 
ATOM   18  H  "H5'"  . DT  A 1 1 ? -0.17792  -4.95363  5.19174   1.000 12.49045 ? 1   DT  A "H5'"  1 
ATOM   19  H  "H5''" . DT  A 1 1 ? -1.54934  -4.87503  5.96849   1.000 12.49045 ? 1   DT  A "H5''" 1 
ATOM   20  H  "H4'"  . DT  A 1 1 ? -0.23739  -3.05559  6.51151   1.000 13.36416 ? 1   DT  A "H4'"  1 
ATOM   21  H  "H3'"  . DT  A 1 1 ? -2.72578  -2.67610  5.96059   1.000 14.09807 ? 1   DT  A "H3'"  1 
ATOM   22  H  "H2'"  . DT  A 1 1 ? -2.47024  -1.98138  3.82422   1.000 14.50454 ? 1   DT  A "H2'"  1 
ATOM   23  H  "H2''" . DT  A 1 1 ? -2.42949  -0.56727  4.56857   1.000 14.50454 ? 1   DT  A "H2''" 1 
ATOM   24  H  "H1'"  . DT  A 1 1 ? -0.18004  -0.46883  4.50736   1.000 13.58915 ? 1   DT  A "H1'"  1 
ATOM   25  H  H3     . DT  A 1 1 ? 1.01399   0.39643   0.35335   1.000 10.90337 ? 1   DT  A H3     1 
ATOM   26  H  H71    . DT  A 1 1 ? -0.99614  -4.39693  0.43628   1.000 10.30206 ? 1   DT  A H71    1 
ATOM   27  H  H72    . DT  A 1 1 ? -1.31079  -3.52714  -0.84915  1.000 10.30206 ? 1   DT  A H72    1 
ATOM   28  H  H73    . DT  A 1 1 ? 0.15127   -4.08379  -0.60922  1.000 10.30206 ? 1   DT  A H73    1 
ATOM   29  H  H6     . DT  A 1 1 ? -0.93842  -3.09680  2.33129   1.000 11.06568 ? 1   DT  A H6     1 
ATOM   30  H  "HO5'" . DT  A 1 1 ? -1.83448  -5.29611  3.66428   1.000 14.33895 ? 1   DT  A "HO5'" 1 
ATOM   31  P  P      . DG  A 1 2 ? -2.88457  -0.27357  7.38355   1.000 14.44377 ? 2   DG  A P      1 
ATOM   32  O  OP1    . DG  A 1 2 ? -2.60469  -0.01559  8.81774   1.000 15.96533 ? 2   DG  A OP1    1 
ATOM   33  O  OP2    . DG  A 1 2 ? -4.20414  -0.79877  6.96660   1.000 15.40966 ? 2   DG  A OP2    1 
ATOM   34  O  "O5'"  . DG  A 1 2 ? -2.62826  1.06288   6.57750   1.000 12.77616 ? 2   DG  A "O5'"  1 
ATOM   35  C  "C5'"  . DG  A 1 2 ? -1.53544  1.86563   6.91212   1.000 12.25928 ? 2   DG  A "C5'"  1 
ATOM   36  C  "C4'"  . DG  A 1 2 ? -1.62387  3.19756   6.21385   1.000 11.93679 ? 2   DG  A "C4'"  1 
ATOM   37  O  "O4'"  . DG  A 1 2 ? -1.35890  3.01772   4.79593   1.000 11.22255 ? 2   DG  A "O4'"  1 
ATOM   38  C  "C3'"  . DG  A 1 2 ? -2.98238  3.89890   6.29933   1.000 12.00189 ? 2   DG  A "C3'"  1 
ATOM   39  O  "O3'"  . DG  A 1 2 ? -2.79500  5.27548   6.69682   1.000 12.16855 ? 2   DG  A "O3'"  1 
ATOM   40  C  "C2'"  . DG  A 1 2 ? -3.57401  3.75772   4.87832   1.000 11.36092 ? 2   DG  A "C2'"  1 
ATOM   41  C  "C1'"  . DG  A 1 2 ? -2.32998  3.70490   4.01422   1.000 10.82399 ? 2   DG  A "C1'"  1 
ATOM   42  N  N9     . DG  A 1 2 ? -2.42417  2.93571   2.77569   1.000 9.85736  ? 2   DG  A N9     1 
ATOM   43  C  C8     . DG  A 1 2 ? -2.82510  1.62663   2.66985   1.000 10.41514 ? 2   DG  A C8     1 
ATOM   44  N  N7     . DG  A 1 2 ? -2.73518  1.15547   1.47664   1.000 10.24519 ? 2   DG  A N7     1 
ATOM   45  C  C5     . DG  A 1 2 ? -2.18216  2.19386   0.73916   1.000 9.53989  ? 2   DG  A C5     1 
ATOM   46  C  C6     . DG  A 1 2 ? -1.82564  2.23901   -0.64032  1.000 8.61008  ? 2   DG  A C6     1 
ATOM   47  O  O6     . DG  A 1 2 ? -1.90918  1.33488   -1.48042  1.000 9.33144  ? 2   DG  A O6     1 
ATOM   48  N  N1     . DG  A 1 2 ? -1.27616  3.47948   -0.98922  1.000 10.44215 ? 2   DG  A N1     1 
ATOM   49  C  C2     . DG  A 1 2 ? -1.12558  4.54762   -0.11422  1.000 9.51586  ? 2   DG  A C2     1 
ATOM   50  N  N2     . DG  A 1 2 ? -0.63867  5.68735   -0.64203  1.000 9.46651  ? 2   DG  A N2     1 
ATOM   51  N  N3     . DG  A 1 2 ? -1.46040  4.50192   1.18722   1.000 9.80212  ? 2   DG  A N3     1 
ATOM   52  C  C4     . DG  A 1 2 ? -1.97613  3.29600   1.53042   1.000 9.75865  ? 2   DG  A C4     1 
ATOM   53  H  "H5'"  . DG  A 1 2 ? -0.71704  1.41862   6.64621   1.000 14.71151 ? 2   DG  A "H5'"  1 
ATOM   54  H  "H5''" . DG  A 1 2 ? -1.52445  2.00726   7.87180   1.000 14.71151 ? 2   DG  A "H5''" 1 
ATOM   55  H  "H4'"  . DG  A 1 2 ? -0.94718  3.78631   6.58395   1.000 14.32453 ? 2   DG  A "H4'"  1 
ATOM   56  H  "H3'"  . DG  A 1 2 ? -3.54955  3.44322   6.94075   1.000 14.40265 ? 2   DG  A "H3'"  1 
ATOM   57  H  "H2'"  . DG  A 1 2 ? -4.08451  2.93712   4.79782   1.000 13.63348 ? 2   DG  A "H2'"  1 
ATOM   58  H  "H2''" . DG  A 1 2 ? -4.11750  4.52876   4.65223   1.000 13.63348 ? 2   DG  A "H2''" 1 
ATOM   59  H  "H1'"  . DG  A 1 2 ? -2.02088  4.60418   3.82263   1.000 12.98917 ? 2   DG  A "H1'"  1 
ATOM   60  H  H8     . DG  A 1 2 ? -3.16005  1.13698   3.38598   1.000 12.49855 ? 2   DG  A H8     1 
ATOM   61  H  H1     . DG  A 1 2 ? -1.06701  3.60582   -1.81319  1.000 12.53096 ? 2   DG  A H1     1 
ATOM   62  H  H21    . DG  A 1 2 ? -0.54283  6.38375   -0.14657  1.000 11.36019 ? 2   DG  A H21    1 
ATOM   63  H  H22    . DG  A 1 2 ? -0.42364  5.71830   -1.47461  1.000 11.36019 ? 2   DG  A H22    1 
ATOM   64  P  P      . DG  A 1 3 ? -4.02201  6.29179   6.87880   1.000 14.46697 ? 3   DG  A P      1 
ATOM   65  O  OP1    . DG  A 1 3 ? -3.61229  7.20668   7.97616   1.000 15.83250 ? 3   DG  A OP1    1 
ATOM   66  O  OP2    . DG  A 1 3 ? -5.31081  5.52958   6.97067   1.000 15.93729 ? 3   DG  A OP2    1 
ATOM   67  O  "O5'"  . DG  A 1 3 ? -4.04108  7.09468   5.50429   1.000 13.30013 ? 3   DG  A "O5'"  1 
ATOM   68  C  "C5'"  . DG  A 1 3 ? -2.95290  7.92279   5.17247   1.000 13.37231 ? 3   DG  A "C5'"  1 
ATOM   69  C  "C4'"  . DG  A 1 3 ? -3.16877  8.53588   3.80938   1.000 13.90724 ? 3   DG  A "C4'"  1 
ATOM   70  O  "O4'"  . DG  A 1 3 ? -3.09548  7.50720   2.81184   1.000 14.79567 ? 3   DG  A "O4'"  1 
ATOM   71  C  "C3'"  . DG  A 1 3 ? -4.52587  9.23524   3.59729   1.000 15.40498 ? 3   DG  A "C3'"  1 
ATOM   72  O  "O3'"  . DG  A 1 3 ? -4.27876  10.59266  3.27488   1.000 18.59359 ? 3   DG  A "O3'"  1 
ATOM   73  C  "C2'"  . DG  A 1 3 ? -5.19001  8.46103   2.45005   1.000 14.59735 ? 3   DG  A "C2'"  1 
ATOM   74  C  "C1'"  . DG  A 1 3 ? -4.00126  7.82576   1.76449   1.000 14.08263 ? 3   DG  A "C1'"  1 
ATOM   75  N  N9     . DG  A 1 3 ? -4.27153  6.59915   1.03294   1.000 13.25783 ? 3   DG  A N9     1 
ATOM   76  C  C8     . DG  A 1 3 ? -4.73020  5.41443   1.55182   1.000 12.79761 ? 3   DG  A C8     1 
ATOM   77  N  N7     . DG  A 1 3 ? -4.83349  4.46082   0.66199   1.000 12.09944 ? 3   DG  A N7     1 
ATOM   78  C  C5     . DG  A 1 3 ? -4.38190  5.05417   -0.51302  1.000 11.19873 ? 3   DG  A C5     1 
ATOM   79  C  C6     . DG  A 1 3 ? -4.28882  4.52013   -1.82623  1.000 11.53431 ? 3   DG  A C6     1 
ATOM   80  O  O6     . DG  A 1 3 ? -4.54123  3.35448   -2.20640  1.000 12.17647 ? 3   DG  A O6     1 
ATOM   81  N  N1     . DG  A 1 3 ? -3.78149  5.45879   -2.72703  1.000 11.39937 ? 3   DG  A N1     1 
ATOM   82  C  C2     . DG  A 1 3 ? -3.48891  6.77726   -2.40108  1.000 11.50382 ? 3   DG  A C2     1 
ATOM   83  N  N2     . DG  A 1 3 ? -3.03104  7.55713   -3.38844  1.000 12.33017 ? 3   DG  A N2     1 
ATOM   84  N  N3     . DG  A 1 3 ? -3.56592  7.26393   -1.17745  1.000 12.70074 ? 3   DG  A N3     1 
ATOM   85  C  C4     . DG  A 1 3 ? -4.04384  6.36534   -0.29943  1.000 12.04831 ? 3   DG  A C4     1 
ATOM   86  H  "H5'"  . DG  A 1 3 ? -2.13903  7.39649   5.16344   1.000 16.04714 ? 3   DG  A "H5'"  1 
ATOM   87  H  "H5''" . DG  A 1 3 ? -2.87226  8.62807   5.83372   1.000 16.04714 ? 3   DG  A "H5''" 1 
ATOM   88  H  "H4'"  . DG  A 1 3 ? -2.46069  9.17871   3.64439   1.000 16.68906 ? 3   DG  A "H4'"  1 
ATOM   89  H  "H3'"  . DG  A 1 3 ? -5.06458  9.17262   4.40096   1.000 18.48635 ? 3   DG  A "H3'"  1 
ATOM   90  H  "H2'"  . DG  A 1 3 ? -5.79253  7.78278   2.79462   1.000 17.51720 ? 3   DG  A "H2'"  1 
ATOM   91  H  "H2''" . DG  A 1 3 ? -5.65331  9.06420   1.84848   1.000 17.51720 ? 3   DG  A "H2''" 1 
ATOM   92  H  "H1'"  . DG  A 1 3 ? -3.58963  8.47212   1.16926   1.000 16.89953 ? 3   DG  A "H1'"  1 
ATOM   93  H  H8     . DG  A 1 3 ? -4.94521  5.29975   2.44989   1.000 15.35750 ? 3   DG  A H8     1 
ATOM   94  H  H1     . DG  A 1 3 ? -3.70023  5.22154   -3.54951  1.000 13.67962 ? 3   DG  A H1     1 
ATOM   95  H  H21    . DG  A 1 3 ? -2.79114  8.36555   -3.22135  1.000 14.79658 ? 3   DG  A H21    1 
ATOM   96  H  H22    . DG  A 1 3 ? -2.97749  7.24885   -4.18991  1.000 14.79658 ? 3   DG  A H22    1 
ATOM   97  P  P      . DT  A 1 4 ? -5.46756  11.62670  2.97743   1.000 23.09746 ? 4   DT  A P      1 
ATOM   98  O  OP1    . DT  A 1 4 ? -4.85833  12.94375  3.26594   1.000 27.11415 ? 4   DT  A OP1    1 
ATOM   99  O  OP2    . DT  A 1 4 ? -6.71149  11.15124  3.61711   1.000 24.97780 ? 4   DT  A OP2    1 
ATOM   100 O  "O5'"  . DT  A 1 4 ? -5.67505  11.53320  1.40313   1.000 24.31059 ? 4   DT  A "O5'"  1 
ATOM   101 C  "C5'"  . DT  A 1 4 ? -4.62054  11.92843  0.59462   1.000 27.00662 ? 4   DT  A "C5'"  1 
ATOM   102 C  "C4'"  . DT  A 1 4 ? -4.94815  11.78687  -0.87608  1.000 28.17423 ? 4   DT  A "C4'"  1 
ATOM   103 O  "O4'"  . DT  A 1 4 ? -5.06869  10.39037  -1.22618  1.000 25.98465 ? 4   DT  A "O4'"  1 
ATOM   104 C  "C3'"  . DT  A 1 4 ? -6.25613  12.44290  -1.33205  1.000 31.67533 ? 4   DT  A "C3'"  1 
ATOM   105 O  "O3'"  . DT  A 1 4 ? -5.99242  13.41533  -2.32734  1.000 37.36969 ? 4   DT  A "O3'"  1 
ATOM   106 C  "C2'"  . DT  A 1 4 ? -7.05687  11.28076  -1.87949  1.000 29.11340 ? 4   DT  A "C2'"  1 
ATOM   107 C  "C1'"  . DT  A 1 4 ? -5.96271  10.32174  -2.28127  1.000 27.18154 ? 4   DT  A "C1'"  1 
ATOM   108 N  N1     . DT  A 1 4 ? -6.40879  8.95116   -2.45233  1.000 24.39965 ? 4   DT  A N1     1 
ATOM   109 C  C2     . DT  A 1 4 ? -6.38081  8.39659   -3.70626  1.000 24.01116 ? 4   DT  A C2     1 
ATOM   110 O  O2     . DT  A 1 4 ? -5.99208  9.00968   -4.70114  1.000 23.91654 ? 4   DT  A O2     1 
ATOM   111 N  N3     . DT  A 1 4 ? -6.83351  7.10157   -3.76517  1.000 22.59807 ? 4   DT  A N3     1 
ATOM   112 C  C4     . DT  A 1 4 ? -7.31088  6.33504   -2.70305  1.000 21.38680 ? 4   DT  A C4     1 
ATOM   113 O  O4     . DT  A 1 4 ? -7.73684  5.18940   -2.85938  1.000 22.49340 ? 4   DT  A O4     1 
ATOM   114 C  C5     . DT  A 1 4 ? -7.30255  7.00410   -1.40839  1.000 22.67688 ? 4   DT  A C5     1 
ATOM   115 C  C7     . DT  A 1 4 ? -7.77884  6.31198   -0.17058  1.000 21.93752 ? 4   DT  A C7     1 
ATOM   116 C  C6     . DT  A 1 4 ? -6.86570  8.25965   -1.35576  1.000 23.37480 ? 4   DT  A C6     1 
ATOM   117 H  "H5'"  . DT  A 1 4 ? -3.84542  11.38184  0.79831   1.000 32.40832 ? 4   DT  A "H5'"  1 
ATOM   118 H  "H5''" . DT  A 1 4 ? -4.41007  12.85683  0.78247   1.000 32.40832 ? 4   DT  A "H5''" 1 
ATOM   119 H  "H4'"  . DT  A 1 4 ? -4.21975  12.16949  -1.38907  1.000 33.80945 ? 4   DT  A "H4'"  1 
ATOM   120 H  "H3'"  . DT  A 1 4 ? -6.71434  12.84430  -0.57668  1.000 38.01077 ? 4   DT  A "H3'"  1 
ATOM   121 H  "H2'"  . DT  A 1 4 ? -7.62203  10.89509  -1.19137  1.000 34.93646 ? 4   DT  A "H2'"  1 
ATOM   122 H  "H2''" . DT  A 1 4 ? -7.57948  11.55251  -2.64994  1.000 34.93646 ? 4   DT  A "H2''" 1 
ATOM   123 H  "H1'"  . DT  A 1 4 ? -5.53443  10.63458  -3.09283  1.000 32.61823 ? 4   DT  A "H1'"  1 
ATOM   124 H  H3     . DT  A 1 4 ? -6.84460  6.73284   -4.54216  1.000 27.11806 ? 4   DT  A H3     1 
ATOM   125 H  H71    . DT  A 1 4 ? -7.16996  6.50115   0.56047   1.000 26.32540 ? 4   DT  A H71    1 
ATOM   126 H  H72    . DT  A 1 4 ? -8.66656  6.63005   0.05647   1.000 26.32540 ? 4   DT  A H72    1 
ATOM   127 H  H73    . DT  A 1 4 ? -7.80810  5.35576   -0.32741  1.000 26.32540 ? 4   DT  A H73    1 
ATOM   128 H  H6     . DT  A 1 4 ? -6.85581  8.68772   -0.53066  1.000 28.05014 ? 4   DT  A H6     1 
ATOM   129 P  P      . DG  A 1 5 ? -7.11998  14.46119  -2.76938  1.000 42.31527 ? 5   DG  A P      1 
ATOM   130 O  OP1    . DG  A 1 5 ? -6.50650  15.78466  -2.63893  1.000 45.99663 ? 5   DG  A OP1    1 
ATOM   131 O  OP2    . DG  A 1 5 ? -8.41357  14.11098  -2.14502  1.000 44.92401 ? 5   DG  A OP2    1 
ATOM   132 O  "O5'"  . DG  A 1 5 ? -7.30718  14.14736  -4.30646  1.000 41.21686 ? 5   DG  A "O5'"  1 
ATOM   133 C  "C5'"  . DG  A 1 5 ? -6.19296  13.74718  -5.04005  1.000 38.18091 ? 5   DG  A "C5'"  1 
ATOM   134 C  "C4'"  . DG  A 1 5 ? -6.52221  13.62079  -6.51193  1.000 33.90067 ? 5   DG  A "C4'"  1 
ATOM   135 O  "O4'"  . DG  A 1 5 ? -6.83450  12.24384  -6.80589  1.000 29.96568 ? 5   DG  A "O4'"  1 
ATOM   136 C  "C3'"  . DG  A 1 5 ? -7.73229  14.42483  -6.99335  1.000 33.30130 ? 5   DG  A "C3'"  1 
ATOM   137 O  "O3'"  . DG  A 1 5 ? -7.56095  14.82821  -8.34595  1.000 37.51279 ? 5   DG  A "O3'"  1 
ATOM   138 C  "C2'"  . DG  A 1 5 ? -8.87292  13.43780  -6.82682  1.000 29.85420 ? 5   DG  A "C2'"  1 
ATOM   139 C  "C1'"  . DG  A 1 5 ? -8.19978  12.11305  -7.16142  1.000 27.47853 ? 5   DG  A "C1'"  1 
ATOM   140 N  N9     . DG  A 1 5 ? -8.70248  10.94770  -6.44833  1.000 22.86288 ? 5   DG  A N9     1 
ATOM   141 C  C8     . DG  A 1 5 ? -8.89840  10.81237  -5.09690  1.000 21.37077 ? 5   DG  A C8     1 
ATOM   142 N  N7     . DG  A 1 5 ? -9.30620  9.63108   -4.75219  1.000 18.88271 ? 5   DG  A N7     1 
ATOM   143 C  C5     . DG  A 1 5 ? -9.34307  8.92298   -5.93838  1.000 19.40949 ? 5   DG  A C5     1 
ATOM   144 C  C6     . DG  A 1 5 ? -9.70276  7.57338   -6.18766  1.000 17.84307 ? 5   DG  A C6     1 
ATOM   145 O  O6     . DG  A 1 5 ? -10.06970 6.71720   -5.38318  1.000 18.17030 ? 5   DG  A O6     1 
ATOM   146 N  N1     . DG  A 1 5 ? -9.59183  7.25570   -7.54061  1.000 17.91827 ? 5   DG  A N1     1 
ATOM   147 C  C2     . DG  A 1 5 ? -9.21213  8.14129   -8.52978  1.000 19.28630 ? 5   DG  A C2     1 
ATOM   148 N  N2     . DG  A 1 5 ? -9.19584  7.66435   -9.78516  1.000 19.17877 ? 5   DG  A N2     1 
ATOM   149 N  N3     . DG  A 1 5 ? -8.86781  9.40781   -8.30117  1.000 20.69405 ? 5   DG  A N3     1 
ATOM   150 C  C4     . DG  A 1 5 ? -8.96707  9.72250   -6.99101  1.000 20.15556 ? 5   DG  A C4     1 
ATOM   151 H  "H5'"  . DG  A 1 5 ? -5.88582  12.88857  -4.70931  1.000 45.81747 ? 5   DG  A "H5'"  1 
ATOM   152 H  "H5''" . DG  A 1 5 ? -5.48596  14.40230  -4.92806  1.000 45.81747 ? 5   DG  A "H5''" 1 
ATOM   153 H  "H4'"  . DG  A 1 5 ? -5.74563  13.88341  -7.03066  1.000 40.68118 ? 5   DG  A "H4'"  1 
ATOM   154 H  "H3'"  . DG  A 1 5 ? -7.87078  15.19825  -6.42433  1.000 39.96193 ? 5   DG  A "H3'"  1 
ATOM   155 H  "H2'"  . DG  A 1 5 ? -9.19940  13.43867  -5.91386  1.000 35.82541 ? 5   DG  A "H2'"  1 
ATOM   156 H  "H2''" . DG  A 1 5 ? -9.58847  13.62822  -7.45271  1.000 35.82541 ? 5   DG  A "H2''" 1 
ATOM   157 H  "H1'"  . DG  A 1 5 ? -8.26576  11.95525  -8.11580  1.000 32.97461 ? 5   DG  A "H1'"  1 
ATOM   158 H  H8     . DG  A 1 5 ? -8.77904  11.50770  -4.49124  1.000 25.64530 ? 5   DG  A H8     1 
ATOM   159 H  H1     . DG  A 1 5 ? -9.81399  6.46092   -7.78248  1.000 21.50230 ? 5   DG  A H1     1 
ATOM   160 H  H21    . DG  A 1 5 ? -8.96428  8.17620   -10.43614 1.000 23.01490 ? 5   DG  A H21    1 
ATOM   161 H  H22    . DG  A 1 5 ? -9.41674  6.84772   -9.93754  1.000 23.01490 ? 5   DG  A H22    1 
ATOM   162 P  P      . DG  A 1 6 ? -8.65207  15.75923  -9.06598  1.000 40.73664 ? 6   DG  A P      1 
ATOM   163 O  OP1    . DG  A 1 6 ? -7.88605  16.71668  -9.88659  1.000 43.37941 ? 6   DG  A OP1    1 
ATOM   164 O  OP2    . DG  A 1 6 ? -9.65806  16.18363  -8.06315  1.000 43.56466 ? 6   DG  A OP2    1 
ATOM   165 O  "O5'"  . DG  A 1 6 ? -9.44035  14.76843  -10.02632 1.000 38.04645 ? 6   DG  A "O5'"  1 
ATOM   166 C  "C5'"  . DG  A 1 6 ? -8.72729  14.11203  -11.00806 1.000 35.49718 ? 6   DG  A "C5'"  1 
ATOM   167 C  "C4'"  . DG  A 1 6 ? -9.58270  13.11822  -11.75507 1.000 32.35948 ? 6   DG  A "C4'"  1 
ATOM   168 O  "O4'"  . DG  A 1 6 ? -9.89034  11.98448  -10.90668 1.000 28.28761 ? 6   DG  A "O4'"  1 
ATOM   169 C  "C3'"  . DG  A 1 6 ? -10.91820 13.65254  -12.25505 1.000 32.28455 ? 6   DG  A "C3'"  1 
ATOM   170 O  "O3'"  . DG  A 1 6 ? -11.04917 13.27862  -13.60814 1.000 36.27876 ? 6   DG  A "O3'"  1 
ATOM   171 C  "C2'"  . DG  A 1 6 ? -11.93589 12.96964  -11.34107 1.000 29.10895 ? 6   DG  A "C2'"  1 
ATOM   172 C  "C1'"  . DG  A 1 6 ? -11.24457 11.64725  -11.07438 1.000 26.21802 ? 6   DG  A "C1'"  1 
ATOM   173 N  N9     . DG  A 1 6 ? -11.67949 10.91675  -9.88838  1.000 22.56885 ? 6   DG  A N9     1 
ATOM   174 C  C8     . DG  A 1 6 ? -11.68136 11.35979  -8.59468  1.000 20.77764 ? 6   DG  A C8     1 
ATOM   175 N  N7     . DG  A 1 6 ? -12.07633 10.46435  -7.74532  1.000 19.16984 ? 6   DG  A N7     1 
ATOM   176 C  C5     . DG  A 1 6 ? -12.31436 9.35025   -8.51852  1.000 19.21884 ? 6   DG  A C5     1 
ATOM   177 C  C6     . DG  A 1 6 ? -12.77244 8.06573   -8.13871  1.000 19.56715 ? 6   DG  A C6     1 
ATOM   178 O  O6     . DG  A 1 6 ? -13.04364 7.65741   -6.99469  1.000 19.00764 ? 6   DG  A O6     1 
ATOM   179 N  N1     . DG  A 1 6 ? -12.88231 7.21548   -9.24362  1.000 18.68534 ? 6   DG  A N1     1 
ATOM   180 C  C2     . DG  A 1 6 ? -12.60204 7.58539   -10.54027 1.000 18.98329 ? 6   DG  A C2     1 
ATOM   181 N  N2     . DG  A 1 6 ? -12.76830 6.65361   -11.47688 1.000 18.66739 ? 6   DG  A N2     1 
ATOM   182 N  N3     . DG  A 1 6 ? -12.18413 8.79060   -10.89591 1.000 19.78231 ? 6   DG  A N3     1 
ATOM   183 C  C4     . DG  A 1 6 ? -12.06526 9.61163   -9.83749  1.000 19.28060 ? 6   DG  A C4     1 
ATOM   184 H  "H5'"  . DG  A 1 6 ? -7.98432  13.64279  -10.59788 1.000 42.59699 ? 6   DG  A "H5'"  1 
ATOM   185 H  "H5''" . DG  A 1 6 ? -8.38058  14.76499  -11.63635 1.000 42.59699 ? 6   DG  A "H5''" 1 
ATOM   186 H  "H4'"  . DG  A 1 6 ? -9.07878  12.79867  -12.51924 1.000 38.83175 ? 6   DG  A "H4'"  1 
ATOM   187 H  "H3'"  . DG  A 1 6 ? -10.95932 14.61650  -12.15645 1.000 38.74184 ? 6   DG  A "H3'"  1 
ATOM   188 H  "H2'"  . DG  A 1 6 ? -12.05757 13.47068  -10.51929 1.000 34.93112 ? 6   DG  A "H2'"  1 
ATOM   189 H  "H2''" . DG  A 1 6 ? -12.78033 12.83447  -11.79945 1.000 34.93112 ? 6   DG  A "H2''" 1 
ATOM   190 H  "H1'"  . DG  A 1 6 ? -11.33698 11.07693  -11.85277 1.000 31.46200 ? 6   DG  A "H1'"  1 
ATOM   191 H  H8     . DG  A 1 6 ? -11.44666 12.22581  -8.35152  1.000 24.93354 ? 6   DG  A H8     1 
ATOM   192 H  H1     . DG  A 1 6 ? -13.15647 6.41224   -9.10578  1.000 22.42278 ? 6   DG  A H1     1 
ATOM   193 H  H21    . DG  A 1 6 ? -12.60473 6.83773   -12.30071 1.000 22.40125 ? 6   DG  A H21    1 
ATOM   194 H  H22    . DG  A 1 6 ? -13.03912 5.86716   -11.25765 1.000 22.40125 ? 6   DG  A H22    1 
ATOM   195 P  P      . DT  A 1 7 ? -12.22946 13.81996  -14.54542 1.000 40.19866 ? 7   DT  A P      1 
ATOM   196 O  OP1    . DT  A 1 7 ? -11.56157 14.02935  -15.85519 1.000 41.11230 ? 7   DT  A OP1    1 
ATOM   197 O  OP2    . DT  A 1 7 ? -12.90967 14.95430  -13.86732 1.000 40.18272 ? 7   DT  A OP2    1 
ATOM   198 O  "O5'"  . DT  A 1 7 ? -13.23633 12.55649  -14.66077 1.000 39.94179 ? 7   DT  A "O5'"  1 
ATOM   199 C  "C5'"  . DT  A 1 7 ? -12.84309 11.37821  -15.41207 1.000 38.94740 ? 7   DT  A "C5'"  1 
ATOM   200 C  "C4'"  . DT  A 1 7 ? -13.89871 10.27074  -15.35066 1.000 37.64720 ? 7   DT  A "C4'"  1 
ATOM   201 O  "O4'"  . DT  A 1 7 ? -13.91959 9.69141   -14.02321 1.000 34.83690 ? 7   DT  A "O4'"  1 
ATOM   202 C  "C3'"  . DT  A 1 7 ? -15.35158 10.70185  -15.63513 1.000 37.11534 ? 7   DT  A "C3'"  1 
ATOM   203 O  "O3'"  . DT  A 1 7 ? -15.74730 10.34107  -16.96003 1.000 37.77377 ? 7   DT  A "O3'"  1 
ATOM   204 C  "C2'"  . DT  A 1 7 ? -16.19630 9.96786   -14.58269 1.000 35.31357 ? 7   DT  A "C2'"  1 
ATOM   205 C  "C1'"  . DT  A 1 7 ? -15.19757 9.10097   -13.81150 1.000 33.66002 ? 7   DT  A "C1'"  1 
ATOM   206 N  N1     . DT  A 1 7 ? -15.45326 9.02237   -12.31289 1.000 29.10057 ? 7   DT  A N1     1 
ATOM   207 C  C2     . DT  A 1 7 ? -15.84248 7.82310   -11.74407 1.000 28.73192 ? 7   DT  A C2     1 
ATOM   208 O  O2     . DT  A 1 7 ? -16.02829 6.80870   -12.39812 1.000 30.73953 ? 7   DT  A O2     1 
ATOM   209 N  N3     . DT  A 1 7 ? -16.01331 7.86146   -10.37447 1.000 25.56206 ? 7   DT  A N3     1 
ATOM   210 C  C4     . DT  A 1 7 ? -15.84120 8.96732   -9.54742  1.000 24.46272 ? 7   DT  A C4     1 
ATOM   211 O  O4     . DT  A 1 7 ? -16.00441 8.91704   -8.32566  1.000 24.35048 ? 7   DT  A O4     1 
ATOM   212 C  C5     . DT  A 1 7 ? -15.42693 10.18227  -10.22419 1.000 22.94120 ? 7   DT  A C5     1 
ATOM   213 C  C7     . DT  A 1 7 ? -15.21514 11.43038  -9.46361  1.000 22.03424 ? 7   DT  A C7     1 
ATOM   214 C  C6     . DT  A 1 7 ? -15.26055 10.15052  -11.54755 1.000 24.95310 ? 7   DT  A C6     1 
ATOM   215 H  "H5'"  . DT  A 1 7 ? -12.01021 11.03839  -15.04999 1.000 46.73726 ? 7   DT  A "H5'"  1 
ATOM   216 H  "H5''" . DT  A 1 7 ? -12.70368 11.62856  -16.33928 1.000 46.73726 ? 7   DT  A "H5''" 1 
ATOM   217 H  "H4'"  . DT  A 1 7 ? -13.65362 9.57856   -15.98484 1.000 45.17702 ? 7   DT  A "H4'"  1 
ATOM   218 H  "H3'"  . DT  A 1 7 ? -15.43925 11.66017  -15.51526 1.000 44.53878 ? 7   DT  A "H3'"  1 
ATOM   219 H  "HO3'" . DT  A 1 7 ? -16.39947 9.82506   -17.07801 1.000 45.32890 ? 7   DT  A "HO3'" 1 
ATOM   220 H  "H2'"  . DT  A 1 7 ? -16.61315 10.59859  -13.98900 1.000 42.37666 ? 7   DT  A "H2'"  1 
ATOM   221 H  "H2''" . DT  A 1 7 ? -16.86500 9.41211   -15.01269 1.000 42.37666 ? 7   DT  A "H2''" 1 
ATOM   222 H  "H1'"  . DT  A 1 7 ? -15.19980 8.20489   -14.18305 1.000 40.39240 ? 7   DT  A "H1'"  1 
ATOM   223 H  H3     . DT  A 1 7 ? -16.26022 7.12962   -9.99555  1.000 30.67485 ? 7   DT  A H3     1 
ATOM   224 H  H71    . DT  A 1 7 ? -15.48625 12.18805  -10.00506 1.000 26.44146 ? 7   DT  A H71    1 
ATOM   225 H  H72    . DT  A 1 7 ? -15.74481 11.40734  -8.65201  1.000 26.44146 ? 7   DT  A H72    1 
ATOM   226 H  H73    . DT  A 1 7 ? -14.27790 11.51502  -9.23633  1.000 26.44146 ? 7   DT  A H73    1 
ATOM   227 H  H6     . DT  A 1 7 ? -14.99118 10.93088  -11.97497 1.000 29.94410 ? 7   DT  A H6     1 
ATOM   228 O  "O5'"  . DT  B 1 1 ? 17.04600  -10.72961 -8.20949  1.000 38.89353 ? 1   DT  B "O5'"  1 
ATOM   229 C  "C5'"  . DT  B 1 1 ? 17.39374  -12.05687 -7.89108  1.000 35.70977 ? 1   DT  B "C5'"  1 
ATOM   230 C  "C4'"  . DT  B 1 1 ? 16.55981  -12.55754 -6.73296  1.000 33.10262 ? 1   DT  B "C4'"  1 
ATOM   231 O  "O4'"  . DT  B 1 1 ? 16.86775  -11.78611 -5.53768  1.000 29.48545 ? 1   DT  B "O4'"  1 
ATOM   232 C  "C3'"  . DT  B 1 1 ? 15.03127  -12.44613 -6.88250  1.000 33.02025 ? 1   DT  B "C3'"  1 
ATOM   233 O  "O3'"  . DT  B 1 1 ? 14.44844  -13.54772 -6.20864  1.000 36.54237 ? 1   DT  B "O3'"  1 
ATOM   234 C  "C2'"  . DT  B 1 1 ? 14.71909  -11.12035 -6.19897  1.000 29.91029 ? 1   DT  B "C2'"  1 
ATOM   235 C  "C1'"  . DT  B 1 1 ? 15.67766  -11.21133 -5.02741  1.000 28.69289 ? 1   DT  B "C1'"  1 
ATOM   236 N  N1     . DT  B 1 1 ? 16.03412  -9.93581  -4.36904  1.000 24.79565 ? 1   DT  B N1     1 
ATOM   237 C  C2     . DT  B 1 1 ? 15.89187  -9.85418  -3.00640  1.000 23.75647 ? 1   DT  B C2     1 
ATOM   238 O  O2     . DT  B 1 1 ? 15.45935  -10.78741 -2.32565  1.000 24.41824 ? 1   DT  B O2     1 
ATOM   239 N  N3     . DT  B 1 1 ? 16.25305  -8.64204  -2.46033  1.000 20.60371 ? 1   DT  B N3     1 
ATOM   240 C  C4     . DT  B 1 1 ? 16.76914  -7.55024  -3.12870  1.000 20.86606 ? 1   DT  B C4     1 
ATOM   241 O  O4     . DT  B 1 1 ? 17.08907  -6.51683  -2.53955  1.000 18.55038 ? 1   DT  B O4     1 
ATOM   242 C  C5     . DT  B 1 1 ? 16.92577  -7.72784  -4.56077  1.000 21.51026 ? 1   DT  B C5     1 
ATOM   243 C  C7     . DT  B 1 1 ? 17.47037  -6.63266  -5.40580  1.000 19.87721 ? 1   DT  B C7     1 
ATOM   244 C  C6     . DT  B 1 1 ? 16.55459  -8.89587  -5.10386  1.000 21.89870 ? 1   DT  B C6     1 
ATOM   245 H  "H5'"  . DT  B 1 1 ? 18.33167  -12.09177 -7.64835  1.000 42.85210 ? 1   DT  B "H5'"  1 
ATOM   246 H  "H5''" . DT  B 1 1 ? 17.24014  -12.62250 -8.66445  1.000 42.85210 ? 1   DT  B "H5''" 1 
ATOM   247 H  "H4'"  . DT  B 1 1 ? 16.78657  -13.48568 -6.56882  1.000 39.72352 ? 1   DT  B "H4'"  1 
ATOM   248 H  "H3'"  . DT  B 1 1 ? 14.77333  -12.42858 -7.81739  1.000 39.62468 ? 1   DT  B "H3'"  1 
ATOM   249 H  "H2'"  . DT  B 1 1 ? 14.93463  -10.36936 -6.77352  1.000 35.89273 ? 1   DT  B "H2'"  1 
ATOM   250 H  "H2''" . DT  B 1 1 ? 13.79728  -11.08723 -5.89854  1.000 35.89273 ? 1   DT  B "H2''" 1 
ATOM   251 H  "H1'"  . DT  B 1 1 ? 15.29635  -11.80543 -4.36999  1.000 34.43185 ? 1   DT  B "H1'"  1 
ATOM   252 H  H3     . DT  B 1 1 ? 16.17224  -8.56621  -1.60771  1.000 24.72483 ? 1   DT  B H3     1 
ATOM   253 H  H71    . DT  B 1 1 ? 17.30709  -6.83355  -6.34072  1.000 23.85303 ? 1   DT  B H71    1 
ATOM   254 H  H72    . DT  B 1 1 ? 17.03376  -5.79964  -5.17319  1.000 23.85303 ? 1   DT  B H72    1 
ATOM   255 H  H73    . DT  B 1 1 ? 18.42455  -6.55158  -5.25475  1.000 23.85303 ? 1   DT  B H73    1 
ATOM   256 H  H6     . DT  B 1 1 ? 16.65013  -9.00749  -6.02260  1.000 26.27881 ? 1   DT  B H6     1 
ATOM   257 H  "HO5'" . DT  B 1 1 ? 17.43867  -10.33136 -8.83672  1.000 46.67261 ? 1   DT  B "HO5'" 1 
ATOM   258 P  P      . DG  B 1 2 ? 12.87406  -13.86601 -6.26555  1.000 40.83796 ? 2   DG  B P      1 
ATOM   259 O  OP1    . DG  B 1 2 ? 12.78706  -15.32678 -6.57817  1.000 43.14658 ? 2   DG  B OP1    1 
ATOM   260 O  OP2    . DG  B 1 2 ? 12.19670  -12.85847 -7.12904  1.000 42.56991 ? 2   DG  B OP2    1 
ATOM   261 O  "O5'"  . DG  B 1 2 ? 12.35981  -13.62141 -4.75481  1.000 38.16680 ? 2   DG  B "O5'"  1 
ATOM   262 C  "C5'"  . DG  B 1 2 ? 12.91504  -14.36029 -3.62825  1.000 33.38206 ? 2   DG  B "C5'"  1 
ATOM   263 C  "C4'"  . DG  B 1 2 ? 11.94893  -14.34971 -2.42982  1.000 25.59907 ? 2   DG  B "C4'"  1 
ATOM   264 O  "O4'"  . DG  B 1 2 ? 12.13264  -13.15344 -1.63163  1.000 22.48781 ? 2   DG  B "O4'"  1 
ATOM   265 C  "C3'"  . DG  B 1 2 ? 10.48059  -14.36219 -2.78575  1.000 22.03819 ? 2   DG  B "C3'"  1 
ATOM   266 O  "O3'"  . DG  B 1 2 ? 9.76353   -15.09306 -1.80685  1.000 22.01060 ? 2   DG  B "O3'"  1 
ATOM   267 C  "C2'"  . DG  B 1 2 ? 10.11102  -12.87718 -2.81799  1.000 20.09299 ? 2   DG  B "C2'"  1 
ATOM   268 C  "C1'"  . DG  B 1 2 ? 11.00185  -12.28808 -1.74721  1.000 20.84222 ? 2   DG  B "C1'"  1 
ATOM   269 N  N9     . DG  B 1 2 ? 11.54157  -10.95450 -2.01155  1.000 17.85404 ? 2   DG  B N9     1 
ATOM   270 C  C8     . DG  B 1 2 ? 12.05399  -10.45408 -3.19355  1.000 17.47874 ? 2   DG  B C8     1 
ATOM   271 N  N7     . DG  B 1 2 ? 12.53165  -9.24055  -3.08107  1.000 15.42017 ? 2   DG  B N7     1 
ATOM   272 C  C5     . DG  B 1 2 ? 12.35133  -8.93689  -1.73936  1.000 17.16118 ? 2   DG  B C5     1 
ATOM   273 C  C6     . DG  B 1 2 ? 12.67539  -7.76287  -1.02304  1.000 15.54047 ? 2   DG  B C6     1 
ATOM   274 O  O6     . DG  B 1 2 ? 13.23389  -6.72632  -1.43356  1.000 16.51148 ? 2   DG  B O6     1 
ATOM   275 N  N1     . DG  B 1 2 ? 12.32925  -7.87339  0.31635   1.000 14.68527 ? 2   DG  B N1     1 
ATOM   276 C  C2     . DG  B 1 2 ? 11.73053  -8.99000  0.90421   1.000 16.02192 ? 2   DG  B C2     1 
ATOM   277 N  N2     . DG  B 1 2 ? 11.46266  -8.89859  2.21707   1.000 17.05153 ? 2   DG  B N2     1 
ATOM   278 N  N3     . DG  B 1 2 ? 11.40372  -10.09527 0.24533   1.000 16.74492 ? 2   DG  B N3     1 
ATOM   279 C  C4     . DG  B 1 2 ? 11.75301  -9.99546  -1.06992  1.000 16.74504 ? 2   DG  B C4     1 
ATOM   280 H  "H5'"  . DG  B 1 2 ? 13.75452  -13.95362 -3.36316  1.000 40.05885 ? 2   DG  B "H5'"  1 
ATOM   281 H  "H5''" . DG  B 1 2 ? 13.07703  -15.27774 -3.89781  1.000 40.05885 ? 2   DG  B "H5''" 1 
ATOM   282 H  "H4'"  . DG  B 1 2 ? 12.13777  -15.12278 -1.87554  1.000 30.71926 ? 2   DG  B "H4'"  1 
ATOM   283 H  "H3'"  . DG  B 1 2 ? 10.35270  -14.75798 -3.66166  1.000 26.44621 ? 2   DG  B "H3'"  1 
ATOM   284 H  "H2'"  . DG  B 1 2 ? 10.31312  -12.49240 -3.68427  1.000 24.11197 ? 2   DG  B "H2'"  1 
ATOM   285 H  "H2''" . DG  B 1 2 ? 9.17625   -12.75113 -2.59347  1.000 24.11197 ? 2   DG  B "H2''" 1 
ATOM   286 H  "H1'"  . DG  B 1 2 ? 10.52254  -12.27649 -0.90416  1.000 25.01104 ? 2   DG  B "H1'"  1 
ATOM   287 H  H8     . DG  B 1 2 ? 12.04328  -10.92647 -3.99465  1.000 20.97487 ? 2   DG  B H8     1 
ATOM   288 H  H1     . DG  B 1 2 ? 12.49380  -7.19885  0.82392   1.000 17.62270 ? 2   DG  B H1     1 
ATOM   289 H  H21    . DG  B 1 2 ? 11.08175  -9.55285  2.62487   1.000 20.46221 ? 2   DG  B H21    1 
ATOM   290 H  H22    . DG  B 1 2 ? 11.67163  -8.18558  2.65030   1.000 20.46221 ? 2   DG  B H22    1 
ATOM   291 P  P      . DG  B 1 3 ? 8.21703   -15.40975 -2.01860  1.000 23.48717 ? 3   DG  B P      1 
ATOM   292 O  OP1    . DG  B 1 3 ? 7.96785   -16.69161 -1.34804  1.000 26.87422 ? 3   DG  B OP1    1 
ATOM   293 O  OP2    . DG  B 1 3 ? 7.81945   -15.13871 -3.41885  1.000 26.16761 ? 3   DG  B OP2    1 
ATOM   294 O  "O5'"  . DG  B 1 3 ? 7.49832   -14.25794 -1.18348  1.000 18.60811 ? 3   DG  B "O5'"  1 
ATOM   295 C  "C5'"  . DG  B 1 3 ? 7.62169   -14.22793 0.22717   1.000 17.38224 ? 3   DG  B "C5'"  1 
ATOM   296 C  "C4'"  . DG  B 1 3 ? 7.07305   -12.94441 0.77753   1.000 14.46102 ? 3   DG  B "C4'"  1 
ATOM   297 O  "O4'"  . DG  B 1 3 ? 7.96087   -11.84881 0.41428   1.000 12.97590 ? 3   DG  B "O4'"  1 
ATOM   298 C  "C3'"  . DG  B 1 3 ? 5.69154   -12.55543 0.22685   1.000 13.08873 ? 3   DG  B "C3'"  1 
ATOM   299 O  "O3'"  . DG  B 1 3 ? 4.75577   -12.33448 1.28864   1.000 13.12894 ? 3   DG  B "O3'"  1 
ATOM   300 C  "C2'"  . DG  B 1 3 ? 5.96056   -11.26339 -0.51927  1.000 11.74191 ? 3   DG  B "C2'"  1 
ATOM   301 C  "C1'"  . DG  B 1 3 ? 7.15139   -10.73188 0.24285   1.000 10.57214 ? 3   DG  B "C1'"  1 
ATOM   302 N  N9     . DG  B 1 3 ? 7.87955   -9.67292  -0.41728  1.000 10.07284 ? 3   DG  B N9     1 
ATOM   303 C  C8     . DG  B 1 3 ? 8.20789   -9.58045  -1.74511  1.000 10.76387 ? 3   DG  B C8     1 
ATOM   304 N  N7     . DG  B 1 3 ? 8.82459   -8.47554  -2.04421  1.000 10.41988 ? 3   DG  B N7     1 
ATOM   305 C  C5     . DG  B 1 3 ? 8.88128   -7.77708  -0.85017  1.000 11.13116 ? 3   DG  B C5     1 
ATOM   306 C  C6     . DG  B 1 3 ? 9.45108   -6.50410  -0.55087  1.000 10.75335 ? 3   DG  B C6     1 
ATOM   307 O  O6     . DG  B 1 3 ? 9.99071   -5.68850  -1.33313  1.000 10.57529 ? 3   DG  B O6     1 
ATOM   308 N  N1     . DG  B 1 3 ? 9.26043   -6.17697  0.79999   1.000 11.42353 ? 3   DG  B N1     1 
ATOM   309 C  C2     . DG  B 1 3 ? 8.65698   -7.00403  1.73504   1.000 11.07818 ? 3   DG  B C2     1 
ATOM   310 N  N2     . DG  B 1 3 ? 8.61889   -6.55356  2.99513   1.000 11.98811 ? 3   DG  B N2     1 
ATOM   311 N  N3     . DG  B 1 3 ? 8.16647   -8.18246  1.46289   1.000 10.51049 ? 3   DG  B N3     1 
ATOM   312 C  C4     . DG  B 1 3 ? 8.30809   -8.50342  0.16298   1.000 10.44711 ? 3   DG  B C4     1 
ATOM   313 H  "H5'"  . DG  B 1 3 ? 8.55823   -14.30511 0.46766   1.000 20.85906 ? 3   DG  B "H5'"  1 
ATOM   314 H  "H5''" . DG  B 1 3 ? 7.13213   -14.97425 0.60718   1.000 20.85906 ? 3   DG  B "H5''" 1 
ATOM   315 H  "H4'"  . DG  B 1 3 ? 7.02374   -13.00742 1.74462   1.000 17.35360 ? 3   DG  B "H4'"  1 
ATOM   316 H  "H3'"  . DG  B 1 3 ? 5.36370   -13.23700 -0.38118  1.000 15.70686 ? 3   DG  B "H3'"  1 
ATOM   317 H  "H2'"  . DG  B 1 3 ? 6.18906   -11.43837 -1.44540  1.000 14.09067 ? 3   DG  B "H2'"  1 
ATOM   318 H  "H2''" . DG  B 1 3 ? 5.20503   -10.65835 -0.45128  1.000 14.09067 ? 3   DG  B "H2''" 1 
ATOM   319 H  "H1'"  . DG  B 1 3 ? 6.85573   -10.41912 1.11204   1.000 12.68694 ? 3   DG  B "H1'"  1 
ATOM   320 H  H8     . DG  B 1 3 ? 8.02206   -10.24689 -2.36627  1.000 12.91702 ? 3   DG  B H8     1 
ATOM   321 H  H1     . DG  B 1 3 ? 9.58591   -5.43187  1.07872   1.000 13.70861 ? 3   DG  B H1     1 
ATOM   322 H  H21    . DG  B 1 3 ? 8.27406   -7.03921  3.61472   1.000 14.38611 ? 3   DG  B H21    1 
ATOM   323 H  H22    . DG  B 1 3 ? 8.93973   -5.77827  3.18439   1.000 14.38611 ? 3   DG  B H22    1 
ATOM   324 P  P      . DT  B 1 4 ? 3.93691   -13.54911 1.92853   1.000 14.33260 ? 4   DT  B P      1 
ATOM   325 O  OP1    . DT  B 1 4 ? 4.90314   -14.43273 2.61749   1.000 16.54191 ? 4   DT  B OP1    1 
ATOM   326 O  OP2    . DT  B 1 4 ? 3.06064   -14.11616 0.86476   1.000 16.50113 ? 4   DT  B OP2    1 
ATOM   327 O  "O5'"  . DT  B 1 4 ? 3.08148   -12.82051 3.05943   1.000 13.22124 ? 4   DT  B "O5'"  1 
ATOM   328 C  "C5'"  . DT  B 1 4 ? 1.95792   -11.99330 2.72942   1.000 12.82806 ? 4   DT  B "C5'"  1 
ATOM   329 C  "C4'"  . DT  B 1 4 ? 1.28386   -11.52969 4.01494   1.000 13.03737 ? 4   DT  B "C4'"  1 
ATOM   330 O  "O4'"  . DT  B 1 4 ? 0.74926   -12.69568 4.71771   1.000 14.10917 ? 4   DT  B "O4'"  1 
ATOM   331 C  "C3'"  . DT  B 1 4 ? 2.21803   -10.85440 5.02005   1.000 11.75601 ? 4   DT  B "C3'"  1 
ATOM   332 O  "O3'"  . DT  B 1 4 ? 1.52050   -9.89001  5.78003   1.000 11.72568 ? 4   DT  B "O3'"  1 
ATOM   333 C  "C2'"  . DT  B 1 4 ? 2.65992   -12.01849 5.89566   1.000 12.89670 ? 4   DT  B "C2'"  1 
ATOM   334 C  "C1'"  . DT  B 1 4 ? 1.36770   -12.79722 5.99523   1.000 13.73596 ? 4   DT  B "C1'"  1 
ATOM   335 N  N1     . DT  B 1 4 ? 1.56072   -14.22010 6.36374   1.000 15.29719 ? 4   DT  B N1     1 
ATOM   336 C  C2     . DT  B 1 4 ? 1.13394   -14.63747 7.58476   1.000 16.11771 ? 4   DT  B C2     1 
ATOM   337 O  O2     . DT  B 1 4 ? 0.61361   -13.90192 8.40785   1.000 15.80291 ? 4   DT  B O2     1 
ATOM   338 N  N3     . DT  B 1 4 ? 1.35962   -15.95058 7.84360   1.000 18.77711 ? 4   DT  B N3     1 
ATOM   339 C  C4     . DT  B 1 4 ? 1.93744   -16.88440 7.02162   1.000 21.03440 ? 4   DT  B C4     1 
ATOM   340 O  O4     . DT  B 1 4 ? 2.08053   -18.05587 7.36981   1.000 22.97413 ? 4   DT  B O4     1 
ATOM   341 C  C5     . DT  B 1 4 ? 2.38374   -16.38840 5.75303   1.000 19.34395 ? 4   DT  B C5     1 
ATOM   342 C  C7     . DT  B 1 4 ? 3.03965   -17.32086 4.79121   1.000 21.52624 ? 4   DT  B C7     1 
ATOM   343 C  C6     . DT  B 1 4 ? 2.17287   -15.08469 5.47827   1.000 17.37153 ? 4   DT  B C6     1 
ATOM   344 H  "H5'"  . DT  B 1 4 ? 1.32627   -12.50156 2.19701   1.000 15.39404 ? 4   DT  B "H5'"  1 
ATOM   345 H  "H5''" . DT  B 1 4 ? 2.25991   -11.22130 2.22529   1.000 15.39404 ? 4   DT  B "H5''" 1 
ATOM   346 H  "H4'"  . DT  B 1 4 ? 0.55713   -10.92603 3.79647   1.000 15.64522 ? 4   DT  B "H4'"  1 
ATOM   347 H  "H3'"  . DT  B 1 4 ? 2.97839   -10.45589 4.56831   1.000 14.10758 ? 4   DT  B "H3'"  1 
ATOM   348 H  "H2'"  . DT  B 1 4 ? 3.35052   -12.54127 5.46016   1.000 15.47642 ? 4   DT  B "H2'"  1 
ATOM   349 H  "H2''" . DT  B 1 4 ? 2.94849   -11.70831 6.76847   1.000 15.47642 ? 4   DT  B "H2''" 1 
ATOM   350 H  "H1'"  . DT  B 1 4 ? 0.79627   -12.37468 6.65412   1.000 16.48353 ? 4   DT  B "H1'"  1 
ATOM   351 H  H3     . DT  B 1 4 ? 1.09235   -16.23540 8.60901   1.000 22.53291 ? 4   DT  B H3     1 
ATOM   352 H  H71    . DT  B 1 4 ? 2.52903   -17.34754 3.96701   1.000 25.83187 ? 4   DT  B H71    1 
ATOM   353 H  H72    . DT  B 1 4 ? 3.93925   -17.01143 4.60377   1.000 25.83187 ? 4   DT  B H72    1 
ATOM   354 H  H73    . DT  B 1 4 ? 3.07750   -18.21039 5.17699   1.000 25.83187 ? 4   DT  B H73    1 
ATOM   355 H  H6     . DT  B 1 4 ? 2.44840   -14.75417 4.65382   1.000 20.84621 ? 4   DT  B H6     1 
ATOM   356 P  P      . DG  B 1 5 ? 1.42965   -8.35311  5.33245   1.000 10.98435 ? 5   DG  B P      1 
ATOM   357 O  OP1    . DG  B 1 5 ? 0.69016   -7.70223  6.43759   1.000 12.41891 ? 5   DG  B OP1    1 
ATOM   358 O  OP2    . DG  B 1 5 ? 0.95185   -8.23481  3.96364   1.000 11.83522 ? 5   DG  B OP2    1 
ATOM   359 O  "O5'"  . DG  B 1 5 ? 2.95460   -7.85951  5.30340   1.000 11.25669 ? 5   DG  B "O5'"  1 
ATOM   360 C  "C5'"  . DG  B 1 5 ? 3.78191   -8.01117  6.46760   1.000 10.96546 ? 5   DG  B "C5'"  1 
ATOM   361 C  "C4'"  . DG  B 1 5 ? 4.36102   -6.67899  6.91024   1.000 11.68463 ? 5   DG  B "C4'"  1 
ATOM   362 O  "O4'"  . DG  B 1 5 ? 5.32711   -6.19174  5.91614   1.000 11.69506 ? 5   DG  B "O4'"  1 
ATOM   363 C  "C3'"  . DG  B 1 5 ? 3.34221   -5.55092  7.06645   1.000 11.40225 ? 5   DG  B "C3'"  1 
ATOM   364 O  "O3'"  . DG  B 1 5 ? 3.73469   -4.70232  8.15729   1.000 11.52017 ? 5   DG  B "O3'"  1 
ATOM   365 C  "C2'"  . DG  B 1 5 ? 3.41384   -4.85203  5.71624   1.000 12.46360 ? 5   DG  B "C2'"  1 
ATOM   366 C  "C1'"  . DG  B 1 5 ? 4.90354   -4.93778  5.40090   1.000 11.89572 ? 5   DG  B "C1'"  1 
ATOM   367 N  N9     . DG  B 1 5 ? 5.24516   -4.87760  3.97696   1.000 11.26877 ? 5   DG  B N9     1 
ATOM   368 C  C8     . DG  B 1 5 ? 5.09808   -5.86845  3.02834   1.000 10.09191 ? 5   DG  B C8     1 
ATOM   369 N  N7     . DG  B 1 5 ? 5.53347   -5.52650  1.83965   1.000 9.66338  ? 5   DG  B N7     1 
ATOM   370 C  C5     . DG  B 1 5 ? 6.00636   -4.23793  2.02636   1.000 9.49767  ? 5   DG  B C5     1 
ATOM   371 C  C6     . DG  B 1 5 ? 6.59045   -3.34825  1.09993   1.000 8.06501  ? 5   DG  B C6     1 
ATOM   372 O  O6     . DG  B 1 5 ? 6.82326   -3.54176  -0.10398  1.000 9.08389  ? 5   DG  B O6     1 
ATOM   373 N  N1     . DG  B 1 5 ? 6.93777   -2.13044  1.69408   1.000 9.48697  ? 5   DG  B N1     1 
ATOM   374 C  C2     . DG  B 1 5 ? 6.72236   -1.80891  3.02194   1.000 9.94958  ? 5   DG  B C2     1 
ATOM   375 N  N2     . DG  B 1 5 ? 7.10579   -0.59642  3.42281   1.000 10.21077 ? 5   DG  B N2     1 
ATOM   376 N  N3     . DG  B 1 5 ? 6.17677   -2.64824  3.89921   1.000 10.34912 ? 5   DG  B N3     1 
ATOM   377 C  C4     . DG  B 1 5 ? 5.85052   -3.83356  3.33218   1.000 10.60885 ? 5   DG  B C4     1 
ATOM   378 H  "H5'"  . DG  B 1 5 ? 4.50814   -8.62095  6.26348   1.000 13.15893 ? 5   DG  B "H5'"  1 
ATOM   379 H  "H5''" . DG  B 1 5 ? 3.24972   -8.38112  7.18950   1.000 13.15893 ? 5   DG  B "H5''" 1 
ATOM   380 H  "H4'"  . DG  B 1 5 ? 4.81998   -6.80388  7.75564   1.000 14.02193 ? 5   DG  B "H4'"  1 
ATOM   381 H  "H3'"  . DG  B 1 5 ? 2.45505   -5.91340  7.21598   1.000 13.68307 ? 5   DG  B "H3'"  1 
ATOM   382 H  "H2'"  . DG  B 1 5 ? 2.89113   -5.32778  5.05205   1.000 14.95670 ? 5   DG  B "H2'"  1 
ATOM   383 H  "H2''" . DG  B 1 5 ? 3.12810   -3.92731  5.78945   1.000 14.95670 ? 5   DG  B "H2''" 1 
ATOM   384 H  "H1'"  . DG  B 1 5 ? 5.36924   -4.22850  5.87008   1.000 14.27524 ? 5   DG  B "H1'"  1 
ATOM   385 H  H8     . DG  B 1 5 ? 4.72530   -6.70034  3.21447   1.000 12.11067 ? 5   DG  B H8     1 
ATOM   386 H  H1     . DG  B 1 5 ? 7.29596   -1.53061  1.19242   1.000 11.38474 ? 5   DG  B H1     1 
ATOM   387 H  H21    . DG  B 1 5 ? 7.00009   -0.36150  4.24347   1.000 12.25331 ? 5   DG  B H21    1 
ATOM   388 H  H22    . DG  B 1 5 ? 7.45924   -0.04929  2.86077   1.000 12.25331 ? 5   DG  B H22    1 
ATOM   389 P  P      . DG  B 1 6 ? 2.78670   -3.57135  8.74813   1.000 11.73168 ? 6   DG  B P      1 
ATOM   390 O  OP1    . DG  B 1 6 ? 3.21019   -3.44681  10.16305  1.000 12.86248 ? 6   DG  B OP1    1 
ATOM   391 O  OP2    . DG  B 1 6 ? 1.36930   -3.84565  8.42049   1.000 12.33704 ? 6   DG  B OP2    1 
ATOM   392 O  "O5'"  . DG  B 1 6 ? 3.18687   -2.26112  7.93403   1.000 11.63001 ? 6   DG  B "O5'"  1 
ATOM   393 C  "C5'"  . DG  B 1 6 ? 4.42043   -1.59677  8.21589   1.000 11.95193 ? 6   DG  B "C5'"  1 
ATOM   394 C  "C4'"  . DG  B 1 6 ? 4.42280   -0.21189  7.59410   1.000 11.36787 ? 6   DG  B "C4'"  1 
ATOM   395 O  "O4'"  . DG  B 1 6 ? 4.67556   -0.28657  6.16397   1.000 10.42945 ? 6   DG  B "O4'"  1 
ATOM   396 C  "C3'"  . DG  B 1 6 ? 3.11019   0.56213   7.72392   1.000 11.00728 ? 6   DG  B "C3'"  1 
ATOM   397 O  "O3'"  . DG  B 1 6 ? 3.42067   1.90155   7.96616   1.000 11.55875 ? 6   DG  B "O3'"  1 
ATOM   398 C  "C2'"  . DG  B 1 6 ? 2.43738   0.36513   6.36504   1.000 9.66193  ? 6   DG  B "C2'"  1 
ATOM   399 C  "C1'"  . DG  B 1 6 ? 3.64103   0.43855   5.46252   1.000 9.26936  ? 6   DG  B "C1'"  1 
ATOM   400 N  N9     . DG  B 1 6 ? 3.51172   -0.17293  4.14195   1.000 9.66334  ? 6   DG  B N9     1 
ATOM   401 C  C8     . DG  B 1 6 ? 3.06896   -1.44352  3.87550   1.000 9.69124  ? 6   DG  B C8     1 
ATOM   402 N  N7     . DG  B 1 6 ? 3.14098   -1.75651  2.60757   1.000 9.32429  ? 6   DG  B N7     1 
ATOM   403 C  C5     . DG  B 1 6 ? 3.75600   -0.64769  2.02138   1.000 9.26288  ? 6   DG  B C5     1 
ATOM   404 C  C6     . DG  B 1 6 ? 4.11882   -0.40556  0.66767   1.000 9.61959  ? 6   DG  B C6     1 
ATOM   405 O  O6     . DG  B 1 6 ? 4.02079   -1.17002  -0.29989  1.000 9.87651  ? 6   DG  B O6     1 
ATOM   406 N  N1     . DG  B 1 6 ? 4.69467   0.87274   0.51106   1.000 9.18197  ? 6   DG  B N1     1 
ATOM   407 C  C2     . DG  B 1 6 ? 4.86102   1.77718   1.53266   1.000 10.21800 ? 6   DG  B C2     1 
ATOM   408 N  N2     . DG  B 1 6 ? 5.37213   2.98229   1.19476   1.000 10.02588 ? 6   DG  B N2     1 
ATOM   409 N  N3     . DG  B 1 6 ? 4.53349   1.53826   2.79621   1.000 8.99584  ? 6   DG  B N3     1 
ATOM   410 C  C4     . DG  B 1 6 ? 4.00195   0.31705   2.96431   1.000 9.53396  ? 6   DG  B C4     1 
ATOM   411 H  "H5'"  . DG  B 1 6 ? 5.15477   -2.11404  7.85029   1.000 14.34270 ? 6   DG  B "H5'"  1 
ATOM   412 H  "H5''" . DG  B 1 6 ? 4.53037   -1.51793  9.17640   1.000 14.34270 ? 6   DG  B "H5''" 1 
ATOM   413 H  "H4'"  . DG  B 1 6 ? 5.13000   0.30954   8.00572   1.000 13.64183 ? 6   DG  B "H4'"  1 
ATOM   414 H  "H3'"  . DG  B 1 6 ? 2.56404   0.19663   8.43698   1.000 13.20912 ? 6   DG  B "H3'"  1 
ATOM   415 H  "H2'"  . DG  B 1 6 ? 2.00848   -0.50310  6.30865   1.000 11.59470 ? 6   DG  B "H2'"  1 
ATOM   416 H  "H2''" . DG  B 1 6 ? 1.81300   1.08238   6.17596   1.000 11.59470 ? 6   DG  B "H2''" 1 
ATOM   417 H  "H1'"  . DG  B 1 6 ? 3.91089   1.36538   5.36277   1.000 11.12361 ? 6   DG  B "H1'"  1 
ATOM   418 H  H8     . DG  B 1 6 ? 2.72634   -2.01365  4.52594   1.000 11.62987 ? 6   DG  B H8     1 
ATOM   419 H  H1     . DG  B 1 6 ? 4.92231   1.11611   -0.28164  1.000 11.01874 ? 6   DG  B H1     1 
ATOM   420 H  H21    . DG  B 1 6 ? 5.48290   3.58677   1.79670   1.000 12.03144 ? 6   DG  B H21    1 
ATOM   421 H  H22    . DG  B 1 6 ? 5.58707   3.14475   0.37760   1.000 12.03144 ? 6   DG  B H22    1 
ATOM   422 P  P      . DT  B 1 7 ? 2.52050   2.82975   8.91263   1.000 13.05769 ? 7   DT  B P      1 
ATOM   423 O  OP1    . DT  B 1 7 ? 2.94784   2.65702   10.32276  1.000 14.28946 ? 7   DT  B OP1    1 
ATOM   424 O  OP2    . DT  B 1 7 ? 1.08331   2.60667   8.60714   1.000 13.56189 ? 7   DT  B OP2    1 
ATOM   425 O  "O5'"  . DT  B 1 7 ? 3.02013   4.26967   8.50963   1.000 13.88071 ? 7   DT  B "O5'"  1 
ATOM   426 C  "C5'"  . DT  B 1 7 ? 2.69577   4.84813   7.23344   1.000 14.11490 ? 7   DT  B "C5'"  1 
ATOM   427 C  "C4'"  . DT  B 1 7 ? 2.58677   6.35721   7.39222   1.000 12.97499 ? 7   DT  B "C4'"  1 
ATOM   428 O  "O4'"  . DT  B 1 7 ? 2.46933   6.99396   6.11000   1.000 11.60063 ? 7   DT  B "O4'"  1 
ATOM   429 C  "C3'"  . DT  B 1 7 ? 1.37506   6.80819   8.19937   1.000 12.46018 ? 7   DT  B "C3'"  1 
ATOM   430 O  "O3'"  . DT  B 1 7 ? 1.71994   7.88653   9.02919   1.000 15.84952 ? 7   DT  B "O3'"  1 
ATOM   431 C  "C2'"  . DT  B 1 7 ? 0.37203   7.21233   7.11463   1.000 12.54603 ? 7   DT  B "C2'"  1 
ATOM   432 C  "C1'"  . DT  B 1 7 ? 1.30324   7.79537   6.07298   1.000 11.79113 ? 7   DT  B "C1'"  1 
ATOM   433 N  N1     . DT  B 1 7 ? 0.77617   7.82763   4.68447   1.000 11.52242 ? 7   DT  B N1     1 
ATOM   434 C  C2     . DT  B 1 7 ? 0.33930   6.66178   4.06523   1.000 11.46364 ? 7   DT  B C2     1 
ATOM   435 O  O2     . DT  B 1 7 ? 0.35015   5.55274   4.60275   1.000 11.89788 ? 7   DT  B O2     1 
ATOM   436 N  N3     . DT  B 1 7 ? -0.08340  6.83443   2.76372   1.000 11.19946 ? 7   DT  B N3     1 
ATOM   437 C  C4     . DT  B 1 7 ? -0.13099  8.01279   2.06572   1.000 9.95909  ? 7   DT  B C4     1 
ATOM   438 O  O4     . DT  B 1 7 ? -0.56015  8.06455   0.90708   1.000 11.30485 ? 7   DT  B O4     1 
ATOM   439 C  C5     . DT  B 1 7 ? 0.30341   9.17797   2.76785   1.000 11.52122 ? 7   DT  B C5     1 
ATOM   440 C  C7     . DT  B 1 7 ? 0.28477   10.50328  2.06685   1.000 13.11289 ? 7   DT  B C7     1 
ATOM   441 C  C6     . DT  B 1 7 ? 0.74751   9.03254   4.02402   1.000 12.64967 ? 7   DT  B C6     1 
ATOM   442 H  "H5'"  . DT  B 1 7 ? 1.84985   4.49158   6.92062   1.000 16.93826 ? 7   DT  B "H5'"  1 
ATOM   443 H  "H5''" . DT  B 1 7 ? 3.39367   4.63819   6.59411   1.000 16.93826 ? 7   DT  B "H5''" 1 
ATOM   444 H  "H4'"  . DT  B 1 7 ? 3.38993   6.68255   7.82896   1.000 15.57036 ? 7   DT  B "H4'"  1 
ATOM   445 H  "H3'"  . DT  B 1 7 ? 1.02674   6.07162   8.72523   1.000 14.95260 ? 7   DT  B "H3'"  1 
ATOM   446 H  "HO3'" . DT  B 1 7 ? 2.50212   8.19290   9.01786   1.000 19.01980 ? 7   DT  B "HO3'" 1 
ATOM   447 H  "H2'"  . DT  B 1 7 ? -0.09822  6.43805   6.76990   1.000 15.05561 ? 7   DT  B "H2'"  1 
ATOM   448 H  "H2''" . DT  B 1 7 ? -0.24609  7.88328   7.44442   1.000 15.05561 ? 7   DT  B "H2''" 1 
ATOM   449 H  "H1'"  . DT  B 1 7 ? 1.53817   8.69879   6.33701   1.000 14.14973 ? 7   DT  B "H1'"  1 
ATOM   450 H  H3     . DT  B 1 7 ? -0.36558  6.13302   2.35460   1.000 13.43973 ? 7   DT  B H3     1 
ATOM   451 H  H71    . DT  B 1 7 ? -0.01323  10.38188  1.15160   1.000 15.73585 ? 7   DT  B H71    1 
ATOM   452 H  H72    . DT  B 1 7 ? -0.32150  11.10397  2.52718   1.000 15.73585 ? 7   DT  B H72    1 
ATOM   453 H  H73    . DT  B 1 7 ? 1.17775   10.88215  2.06803   1.000 15.73585 ? 7   DT  B H73    1 
ATOM   454 H  H6     . DT  B 1 7 ? 1.04655   9.78913   4.47539   1.000 15.17998 ? 7   DT  B H6     1 
HETATM 455 K  K      . K   C 2 . ? -15.95338 6.53191   -6.52330  0.250 17.99895 ? 101 K   A K      1 
HETATM 456 K  K      . K   D 2 . ? -12.42178 5.19751   -5.82679  0.250 15.50788 ? 102 K   A K      1 
HETATM 457 K  K      . K   E 2 . ? -9.01070  3.90864   -5.15404  0.250 17.04365 ? 103 K   A K      1 
HETATM 458 K  K      . K   F 2 . ? -3.29704  1.74975   -4.02717  0.250 10.13101 ? 104 K   A K      1 
HETATM 459 K  K      . K   G 2 . ? -0.11122  0.54108   -3.40349  0.250 9.53363  ? 105 K   A K      1 
HETATM 460 K  K      . K   H 2 . ? 2.94741   -0.60970  -2.79561  0.250 8.89275  ? 106 K   A K      1 
HETATM 461 K  K      . K   I 2 . ? -21.58240 8.65882   -7.63348  0.250 12.54606 ? 107 K   A K      1 
HETATM 462 MG MG     . MG  J 3 . ? -2.17296  -5.94885  9.45427   0.500 13.16825 ? 108 MG  A MG     1 
HETATM 463 NA NA     . NA  K 4 . ? -18.62760 7.54236   -7.05073  0.250 22.88280 ? 109 NA  A NA     1 
HETATM 464 NA NA     . NA  L 4 . ? -6.53610  2.97362   -4.66599  0.250 37.81721 ? 110 NA  A NA     1 
HETATM 465 K  K      . K   M 2 . ? 6.06412   -1.78734  -2.18092  0.250 9.17341  ? 101 K   B K      1 
HETATM 466 K  K      . K   N 2 . ? 9.17347   -2.96219  -1.56768  0.250 8.90580  ? 102 K   B K      1 
HETATM 467 K  K      . K   O 2 . ? 12.33433  -4.15652  -0.94428  0.250 10.72076 ? 103 K   B K      1 
HETATM 468 K  K      . K   P 2 . ? 3.54040   -1.87774  12.13416  0.654 40.32466 ? 104 K   B K      1 
HETATM 469 O  O      . HOH Q 5 . ? -11.64861 14.98124  -7.68164  1.000 47.61291 ? 201 HOH A O      1 
HETATM 470 O  O      . HOH Q 5 . ? -2.87548  13.11160  5.02017   1.000 29.48237 ? 202 HOH A O      1 
HETATM 471 O  O      . HOH Q 5 . ? -1.99900  6.38284   9.99086   1.000 20.68585 ? 203 HOH A O      1 
HETATM 472 O  O      . HOH Q 5 . ? -2.92138  -0.81706  11.41234  1.000 31.14471 ? 204 HOH A O      1 
HETATM 473 O  O      A HOH Q 5 . ? -5.11895  0.04568   4.50882   0.712 23.31717 ? 205 HOH A O      1 
HETATM 474 O  O      B HOH Q 5 . ? -6.88732  -0.90713  3.68524   0.288 23.35715 ? 205 HOH A O      1 
HETATM 475 O  O      . HOH Q 5 . ? -5.91850  3.44440   8.79083   1.000 49.81189 ? 206 HOH A O      1 
HETATM 476 O  O      . HOH Q 5 . ? -7.04825  5.88755   4.69842   1.000 45.83937 ? 207 HOH A O      1 
HETATM 477 O  O      . HOH Q 5 . ? -12.05601 7.18642   -14.26059 1.000 41.72416 ? 208 HOH A O      1 
HETATM 478 O  O      . HOH Q 5 . ? -3.89403  2.37521   9.90421   1.000 40.80142 ? 209 HOH A O      1 
HETATM 479 O  O      . HOH Q 5 . ? -4.97389  -2.57550  9.38367   1.000 18.86514 ? 210 HOH A O      1 
HETATM 480 O  O      . HOH Q 5 . ? -2.20151  10.63685  -3.19893  1.000 40.63168 ? 211 HOH A O      1 
HETATM 481 O  O      . HOH Q 5 . ? -8.73036  9.28967   1.56204   1.000 40.20160 ? 212 HOH A O      1 
HETATM 482 O  O      . HOH Q 5 . ? -2.54482  -3.92836  9.15327   1.000 14.08781 ? 213 HOH A O      1 
HETATM 483 O  O      . HOH Q 5 . ? -10.20308 11.30375  -0.47802  1.000 46.16637 ? 214 HOH A O      1 
HETATM 484 O  O      . HOH Q 5 . ? -3.72305  5.81003   12.00761  1.000 52.73458 ? 215 HOH A O      1 
HETATM 485 O  O      . HOH Q 5 . ? -0.49154  0.27234   12.84760  0.547 46.59643 ? 216 HOH A O      1 
HETATM 486 O  O      . HOH R 5 . ? 6.11870   -13.84439 4.81269   1.000 32.91546 ? 201 HOH B O      1 
HETATM 487 O  O      . HOH R 5 . ? -0.35816  -2.30371  9.73834   1.000 17.35593 ? 202 HOH B O      1 
HETATM 488 O  O      . HOH R 5 . ? -0.36733  -5.87914  8.41357   1.000 12.62517 ? 203 HOH B O      1 
HETATM 489 O  O      . HOH R 5 . ? 5.42679   -17.02320 2.06552   1.000 39.22949 ? 204 HOH B O      1 
HETATM 490 O  O      . HOH R 5 . ? 1.49246   1.94168   12.48441  1.000 47.18993 ? 205 HOH B O      1 
HETATM 491 O  O      . HOH R 5 . ? -1.94021  -8.33064  6.32361   1.000 16.96778 ? 206 HOH B O      1 
HETATM 492 O  O      . HOH R 5 . ? -0.13163  0.61023   10.00547  1.000 25.64493 ? 207 HOH B O      1 
HETATM 493 O  O      . HOH R 5 . ? -0.89430  3.84816   10.06100  1.000 22.43599 ? 208 HOH B O      1 
HETATM 494 O  O      . HOH R 5 . ? 2.81782   -8.25179  1.92734   1.000 13.13357 ? 209 HOH B O      1 
HETATM 495 O  O      . HOH R 5 . ? -0.31862  8.54520   10.78346  1.000 32.85121 ? 210 HOH B O      1 
HETATM 496 O  O      . HOH R 5 . ? 4.08987   4.76720   11.72216  1.000 42.56283 ? 211 HOH B O      1 
HETATM 497 O  O      . HOH R 5 . ? 1.57166   -19.50425 9.68849   1.000 31.33827 ? 212 HOH B O      1 
HETATM 498 O  O      . HOH R 5 . ? 0.62667   -9.10703  8.85788   1.000 15.54662 ? 213 HOH B O      1 
HETATM 499 O  O      . HOH R 5 . ? 3.59482   -15.61362 -1.47168  1.000 32.73571 ? 214 HOH B O      1 
HETATM 500 O  O      . HOH R 5 . ? 1.67132   -11.51770 9.58032   1.000 16.20932 ? 215 HOH B O      1 
HETATM 501 O  O      . HOH R 5 . ? 5.30749   -17.51450 -0.69599  1.000 45.07321 ? 216 HOH B O      1 
HETATM 502 O  O      . HOH R 5 . ? 0.63876   -14.53300 -0.66164  1.000 40.83748 ? 217 HOH B O      1 
HETATM 503 O  O      . HOH R 5 . ? 1.79976   3.04618   4.30626   1.000 10.90848 ? 218 HOH B O      1 
HETATM 504 O  O      . HOH R 5 . ? 4.07519   7.04781   10.57147  1.000 34.72112 ? 219 HOH B O      1 
HETATM 505 O  O      A HOH R 5 . ? 5.25318   -5.49282  10.89846  0.493 45.37071 ? 220 HOH B O      1 
HETATM 506 O  O      B HOH R 5 . ? 5.73502   -4.07134  10.82037  0.507 45.37129 ? 220 HOH B O      1 
HETATM 507 O  O      . HOH R 5 . ? 7.29022   -4.86618  7.79473   1.000 25.68521 ? 221 HOH B O      1 
HETATM 508 O  O      . HOH R 5 . ? 7.25778   -8.69173  4.73637   1.000 36.19516 ? 222 HOH B O      1 
HETATM 509 O  O      . HOH R 5 . ? 9.11073   -10.43363 3.51803   1.000 29.17092 ? 223 HOH B O      1 
HETATM 510 O  O      . HOH R 5 . ? 3.95597   4.78915   3.34331   1.000 11.22092 ? 224 HOH B O      1 
HETATM 511 O  O      . HOH R 5 . ? 5.04913   -9.52624  2.71204   1.000 19.29187 ? 225 HOH B O      1 
HETATM 512 O  O      . HOH R 5 . ? 4.40171   -14.41434 8.12743   1.000 40.76562 ? 226 HOH B O      1 
HETATM 513 O  O      . HOH R 5 . ? 15.04757  -8.03581  -8.72343  1.000 49.22903 ? 227 HOH B O      1 
HETATM 514 O  O      . HOH R 5 . ? 2.66989   -7.47334  9.92849   1.000 18.63050 ? 228 HOH B O      1 
HETATM 515 O  O      . HOH R 5 . ? -1.57044  -11.13694 7.13599   1.000 31.57054 ? 229 HOH B O      1 
HETATM 516 O  O      . HOH R 5 . ? 4.42912   -16.68206 10.30752  1.000 48.36026 ? 230 HOH B O      1 
HETATM 517 O  O      . HOH R 5 . ? 9.00818   -12.96790 4.15983   1.000 42.57845 ? 231 HOH B O      1 
HETATM 518 O  O      . HOH R 5 . ? 8.62395   -11.12266 -5.11719  1.000 38.60420 ? 232 HOH B O      1 
HETATM 519 O  O      . HOH R 5 . ? -1.74252  -8.02004  9.75244   1.000 13.19986 ? 233 HOH B O      1 
HETATM 520 O  O      . HOH R 5 . ? 6.08955   -10.68634 5.17936   1.000 43.31825 ? 234 HOH B O      1 
HETATM 521 O  O      . HOH R 5 . ? 19.78391  -13.58703 -10.01117 1.000 43.87723 ? 235 HOH B O      1 
HETATM 522 O  O      . HOH R 5 . ? 3.98216   1.19418   14.31340  1.000 36.24433 ? 236 HOH B O      1 
HETATM 523 O  O      . HOH R 5 . ? 5.81609   -10.56745 7.73616   1.000 35.54729 ? 237 HOH B O      1 
HETATM 524 O  O      . HOH R 5 . ? 4.20765   -19.38006 -2.45245  1.000 54.16722 ? 238 HOH B O      1 
HETATM 525 O  O      . HOH R 5 . ? 4.82069   -1.14144  14.29011  1.000 56.36071 ? 239 HOH B O      1 
HETATM 526 O  O      . HOH R 5 . ? 5.71530   -20.44625 4.89730   1.000 49.49888 ? 240 HOH B O      1 
HETATM 527 O  O      . HOH R 5 . ? 3.78948   -5.89418  14.55264  1.000 53.12335 ? 241 HOH B O      1 
HETATM 528 O  O      . HOH R 5 . ? 4.68593   -8.99555  11.20882  1.000 49.60558 ? 242 HOH B O      1 
HETATM 529 O  O      . HOH R 5 . ? 4.52342   -8.03905  13.98103  1.000 52.31034 ? 243 HOH B O      1 
HETATM 530 O  O      . HOH R 5 . ? -2.08496  -17.47409 -2.48424  1.000 41.54571 ? 244 HOH B O      1 
# 
loop_
_atom_site_anisotrop.id 
_atom_site_anisotrop.type_symbol 
_atom_site_anisotrop.pdbx_label_atom_id 
_atom_site_anisotrop.pdbx_label_alt_id 
_atom_site_anisotrop.pdbx_label_comp_id 
_atom_site_anisotrop.pdbx_label_asym_id 
_atom_site_anisotrop.pdbx_label_seq_id 
_atom_site_anisotrop.pdbx_PDB_ins_code 
_atom_site_anisotrop.U[1][1] 
_atom_site_anisotrop.U[2][2] 
_atom_site_anisotrop.U[3][3] 
_atom_site_anisotrop.U[1][2] 
_atom_site_anisotrop.U[1][3] 
_atom_site_anisotrop.U[2][3] 
_atom_site_anisotrop.pdbx_auth_seq_id 
_atom_site_anisotrop.pdbx_auth_comp_id 
_atom_site_anisotrop.pdbx_auth_asym_id 
_atom_site_anisotrop.pdbx_auth_atom_id 
1   O  "O5'" . DT  A 1 ? 0.13793 0.17191 0.14416 -0.00746 -0.00987 0.02083  1   DT  A "O5'" 
2   C  "C5'" . DT  A 1 ? 0.13080 0.14868 0.11600 0.01277  0.00798  0.02820  1   DT  A "C5'" 
3   C  "C4'" . DT  A 1 ? 0.14878 0.14427 0.13008 0.00338  0.00684  0.01913  1   DT  A "C4'" 
4   O  "O4'" . DT  A 1 ? 0.15182 0.13330 0.12074 -0.00991 -0.00212 0.02972  1   DT  A "O4'" 
5   C  "C3'" . DT  A 1 ? 0.17126 0.16534 0.10977 0.00071  -0.01163 0.01129  1   DT  A "C3'" 
6   O  "O3'" . DT  A 1 ? 0.17190 0.16803 0.12433 -0.01555 0.01117  -0.01434 1   DT  A "O3'" 
7   C  "C2'" . DT  A 1 ? 0.15160 0.16948 0.13816 0.00454  -0.01061 0.01548  1   DT  A "C2'" 
8   C  "C1'" . DT  A 1 ? 0.12644 0.16262 0.14120 -0.00778 -0.00548 0.02157  1   DT  A "C1'" 
9   N  N1    . DT  A 1 ? 0.10570 0.11590 0.13079 0.03721  -0.01210 0.01470  1   DT  A N1    
10  C  C2    . DT  A 1 ? 0.09803 0.11745 0.11985 0.00493  0.00464  -0.01569 1   DT  A C2    
11  O  O2    . DT  A 1 ? 0.13515 0.11797 0.12434 0.01542  0.00045  -0.01339 1   DT  A O2    
12  N  N3    . DT  A 1 ? 0.09600 0.14101 0.10822 -0.01001 -0.01026 0.01617  1   DT  A N3    
13  C  C4    . DT  A 1 ? 0.09417 0.14297 0.12820 0.00038  -0.00903 0.00896  1   DT  A C4    
14  O  O4    . DT  A 1 ? 0.09044 0.15690 0.11655 0.00504  -0.02233 0.00830  1   DT  A O4    
15  C  C5    . DT  A 1 ? 0.08164 0.11182 0.10517 0.01161  -0.00164 -0.02115 1   DT  A C5    
16  C  C7    . DT  A 1 ? 0.08838 0.11616 0.12164 0.02681  -0.01211 -0.00113 1   DT  A C7    
17  C  C6    . DT  A 1 ? 0.09784 0.11451 0.13802 0.01873  0.01654  -0.01669 1   DT  A C6    
31  P  P     . DG  A 2 ? 0.21489 0.15310 0.18080 -0.01475 0.07249  -0.01896 2   DG  A P     
32  O  OP1   . DG  A 2 ? 0.28133 0.15556 0.16972 0.00620  0.09270  0.00122  2   DG  A OP1   
33  O  OP2   . DG  A 2 ? 0.16770 0.16055 0.25725 -0.00376 0.07633  -0.04476 2   DG  A OP2   
34  O  "O5'" . DG  A 2 ? 0.16308 0.12956 0.19279 -0.02049 0.03985  -0.00073 2   DG  A "O5'" 
35  C  "C5'" . DG  A 2 ? 0.17099 0.16141 0.13339 -0.02688 0.03043  0.02264  2   DG  A "C5'" 
36  C  "C4'" . DG  A 2 ? 0.15252 0.16983 0.13119 -0.01100 -0.00315 0.00319  2   DG  A "C4'" 
37  O  "O4'" . DG  A 2 ? 0.13411 0.14937 0.14293 0.00669  0.01946  -0.00929 2   DG  A "O4'" 
38  C  "C3'" . DG  A 2 ? 0.14954 0.15036 0.15612 0.00135  0.03815  -0.01569 2   DG  A "C3'" 
39  O  "O3'" . DG  A 2 ? 0.16393 0.13887 0.15954 -0.00564 0.03624  -0.01678 2   DG  A "O3'" 
40  C  "C2'" . DG  A 2 ? 0.12136 0.13742 0.17288 0.01819  0.05204  -0.01977 2   DG  A "C2'" 
41  C  "C1'" . DG  A 2 ? 0.13724 0.10266 0.17137 0.03253  0.02045  -0.00633 2   DG  A "C1'" 
42  N  N9    . DG  A 2 ? 0.11195 0.11547 0.14711 -0.00190 0.01479  -0.01753 2   DG  A N9    
43  C  C8    . DG  A 2 ? 0.11426 0.12233 0.15914 -0.02839 -0.01941 -0.04741 2   DG  A C8    
44  N  N7    . DG  A 2 ? 0.12872 0.13520 0.12535 0.00564  -0.00976 -0.00825 2   DG  A N7    
45  C  C5    . DG  A 2 ? 0.08905 0.12952 0.14389 0.01284  -0.02347 -0.01345 2   DG  A C5    
46  C  C6    . DG  A 2 ? 0.07759 0.10980 0.13976 0.00392  -0.01246 -0.04091 2   DG  A C6    
47  O  O6    . DG  A 2 ? 0.09478 0.13732 0.12245 0.01184  -0.00366 -0.03346 2   DG  A O6    
48  N  N1    . DG  A 2 ? 0.07040 0.16696 0.15939 -0.00183 0.01161  -0.01549 2   DG  A N1    
49  C  C2    . DG  A 2 ? 0.09072 0.15753 0.11332 -0.02223 -0.01376 0.01377  2   DG  A C2    
50  N  N2    . DG  A 2 ? 0.10725 0.13668 0.11576 0.01396  0.00738  0.01051  2   DG  A N2    
51  N  N3    . DG  A 2 ? 0.10486 0.14034 0.12723 -0.01649 -0.01095 -0.00047 2   DG  A N3    
52  C  C4    . DG  A 2 ? 0.09544 0.12544 0.14990 -0.02614 0.00090  -0.00208 2   DG  A C4    
64  P  P     . DG  A 3 ? 0.19306 0.14666 0.20996 -0.00484 0.05315  -0.03243 3   DG  A P     
65  O  OP1   . DG  A 3 ? 0.23110 0.14072 0.22973 0.01682  0.03385  -0.05417 3   DG  A OP1   
66  O  OP2   . DG  A 3 ? 0.20538 0.13693 0.26323 -0.01156 0.09167  -0.02154 3   DG  A OP2   
67  O  "O5'" . DG  A 3 ? 0.15913 0.14355 0.20266 0.00592  0.04880  0.00121  3   DG  A "O5'" 
68  C  "C5'" . DG  A 3 ? 0.18075 0.15910 0.16823 -0.02241 0.01009  -0.00490 3   DG  A "C5'" 
69  C  "C4'" . DG  A 3 ? 0.16682 0.16319 0.19839 0.01568  0.00418  -0.02504 3   DG  A "C4'" 
70  O  "O4'" . DG  A 3 ? 0.15729 0.17753 0.22735 0.03542  0.00463  -0.05302 3   DG  A "O4'" 
71  C  "C3'" . DG  A 3 ? 0.16596 0.19504 0.22431 0.02948  -0.02111 -0.02390 3   DG  A "C3'" 
72  O  "O3'" . DG  A 3 ? 0.22179 0.19917 0.28552 0.02920  -0.04431 -0.03889 3   DG  A "O3'" 
73  C  "C2'" . DG  A 3 ? 0.14610 0.18586 0.22267 0.05283  0.01285  -0.04194 3   DG  A "C2'" 
74  C  "C1'" . DG  A 3 ? 0.14904 0.18438 0.20165 0.03113  -0.01566 -0.05214 3   DG  A "C1'" 
75  N  N9    . DG  A 3 ? 0.12946 0.17753 0.19675 0.03311  -0.00894 -0.03100 3   DG  A N9    
76  C  C8    . DG  A 3 ? 0.09923 0.19164 0.19539 0.04799  0.00323  -0.01376 3   DG  A C8    
77  N  N7    . DG  A 3 ? 0.10216 0.19026 0.16731 0.01471  -0.01568 -0.02681 3   DG  A N7    
78  C  C5    . DG  A 3 ? 0.09522 0.15822 0.17208 0.01156  0.00425  -0.00907 3   DG  A C5    
79  C  C6    . DG  A 3 ? 0.09523 0.16169 0.18133 0.02083  -0.00999 -0.01837 3   DG  A C6    
80  O  O6    . DG  A 3 ? 0.10432 0.16425 0.19408 0.02901  -0.02018 -0.01390 3   DG  A O6    
81  N  N1    . DG  A 3 ? 0.12224 0.15764 0.15324 0.02720  0.01930  0.01154  3   DG  A N1    
82  C  C2    . DG  A 3 ? 0.09619 0.18469 0.15622 0.02083  0.03142  0.00969  3   DG  A C2    
83  N  N2    . DG  A 3 ? 0.13457 0.15656 0.17735 0.02604  0.01027  -0.02019 3   DG  A N2    
84  N  N3    . DG  A 3 ? 0.11442 0.20608 0.16207 0.02741  0.02881  0.00152  3   DG  A N3    
85  C  C4    . DG  A 3 ? 0.10095 0.16869 0.18815 0.01990  -0.00376 -0.02894 3   DG  A C4    
97  P  P     . DT  A 4 ? 0.30555 0.19718 0.37487 0.05668  -0.11475 -0.03613 4   DT  A P     
98  O  OP1   . DT  A 4 ? 0.40673 0.23922 0.38426 0.07597  -0.14871 -0.00887 4   DT  A OP1   
99  O  OP2   . DT  A 4 ? 0.28682 0.22381 0.43842 0.11445  -0.05087 -0.03613 4   DT  A OP2   
100 O  "O5'" . DT  A 4 ? 0.31486 0.25200 0.35684 0.03536  -0.12067 -0.02263 4   DT  A "O5'" 
101 C  "C5'" . DT  A 4 ? 0.37715 0.26244 0.38654 0.03294  -0.12060 -0.01818 4   DT  A "C5'" 
102 C  "C4'" . DT  A 4 ? 0.40445 0.27202 0.39403 0.02175  -0.15841 -0.01394 4   DT  A "C4'" 
103 O  "O4'" . DT  A 4 ? 0.36742 0.24040 0.37949 0.02311  -0.18306 -0.02584 4   DT  A "O4'" 
104 C  "C3'" . DT  A 4 ? 0.47894 0.30770 0.41689 0.02076  -0.16376 -0.00969 4   DT  A "C3'" 
105 O  "O3'" . DT  A 4 ? 0.61684 0.36399 0.43905 0.03047  -0.17056 0.03192  4   DT  A "O3'" 
106 C  "C2'" . DT  A 4 ? 0.40127 0.29102 0.41389 0.01238  -0.16832 -0.02045 4   DT  A "C2'" 
107 C  "C1'" . DT  A 4 ? 0.35471 0.28039 0.39767 0.00679  -0.14600 -0.01678 4   DT  A "C1'" 
108 N  N1    . DT  A 4 ? 0.25872 0.30852 0.35982 0.00135  -0.13844 0.01389  4   DT  A N1    
109 C  C2    . DT  A 4 ? 0.21434 0.33516 0.36281 0.02950  -0.09547 0.01391  4   DT  A C2    
110 O  O2    . DT  A 4 ? 0.17470 0.36346 0.37057 0.04189  -0.08124 -0.02854 4   DT  A O2    
111 N  N3    . DT  A 4 ? 0.21334 0.27918 0.36611 0.06735  -0.10120 0.03454  4   DT  A N3    
112 C  C4    . DT  A 4 ? 0.20744 0.25341 0.35175 0.09980  -0.06478 0.06095  4   DT  A C4    
113 O  O4    . DT  A 4 ? 0.19441 0.29491 0.36533 0.06651  -0.03122 0.02979  4   DT  A O4    
114 C  C5    . DT  A 4 ? 0.20077 0.29380 0.36705 0.04987  -0.10829 0.05812  4   DT  A C5    
115 C  C7    . DT  A 4 ? 0.20118 0.28065 0.35170 0.06283  -0.10387 0.06932  4   DT  A C7    
116 C  C6    . DT  A 4 ? 0.21547 0.30803 0.36463 0.02097  -0.12749 0.03771  4   DT  A C6    
129 P  P     . DG  A 5 ? 0.74156 0.40158 0.46465 0.06098  -0.14653 0.11012  5   DG  A P     
130 O  OP1   . DG  A 5 ? 0.80006 0.45245 0.49515 0.03258  -0.16914 0.08705  5   DG  A OP1   
131 O  OP2   . DG  A 5 ? 0.76608 0.44335 0.49749 0.10656  -0.09356 0.12024  5   DG  A OP2   
132 O  "O5'" . DG  A 5 ? 0.64709 0.45338 0.46558 0.01161  -0.14603 0.11394  5   DG  A "O5'" 
133 C  "C5'" . DG  A 5 ? 0.54782 0.42926 0.47362 -0.00849 -0.14084 0.11859  5   DG  A "C5'" 
134 C  "C4'" . DG  A 5 ? 0.42965 0.38749 0.47093 -0.03638 -0.14076 0.10213  5   DG  A "C4'" 
135 O  "O4'" . DG  A 5 ? 0.31821 0.34770 0.47264 -0.04521 -0.13208 0.08815  5   DG  A "O4'" 
136 C  "C3'" . DG  A 5 ? 0.41102 0.39010 0.46419 -0.03540 -0.13529 0.10058  5   DG  A "C3'" 
137 O  "O3'" . DG  A 5 ? 0.49106 0.43891 0.49535 -0.03268 -0.13633 0.08542  5   DG  A "O3'" 
138 C  "C2'" . DG  A 5 ? 0.33051 0.35651 0.44731 -0.04308 -0.11075 0.08463  5   DG  A "C2'" 
139 C  "C1'" . DG  A 5 ? 0.27557 0.33331 0.43518 -0.02395 -0.09751 0.07276  5   DG  A "C1'" 
140 N  N9    . DG  A 5 ? 0.21373 0.28274 0.37221 0.02588  -0.05056 0.04253  5   DG  A N9    
141 C  C8    . DG  A 5 ? 0.20185 0.25940 0.35075 0.06157  -0.05419 0.03791  5   DG  A C8    
142 N  N7    . DG  A 5 ? 0.15141 0.24008 0.32597 0.04552  -0.04748 0.01778  5   DG  A N7    
143 C  C5    . DG  A 5 ? 0.15403 0.28134 0.30210 0.03843  -0.03612 0.02628  5   DG  A C5    
144 C  C6    . DG  A 5 ? 0.10975 0.30418 0.26403 0.02390  -0.04420 0.05616  5   DG  A C6    
145 O  O6    . DG  A 5 ? 0.11606 0.28275 0.29158 0.04434  -0.05155 0.05280  5   DG  A O6    
146 N  N1    . DG  A 5 ? 0.09015 0.31178 0.27888 0.02364  -0.02944 0.02863  5   DG  A N1    
147 C  C2    . DG  A 5 ? 0.13423 0.30352 0.29504 0.04391  -0.01798 0.03847  5   DG  A C2    
148 N  N2    . DG  A 5 ? 0.14000 0.30037 0.28833 0.06258  -0.00362 0.04512  5   DG  A N2    
149 N  N3    . DG  A 5 ? 0.15324 0.32188 0.31117 0.04054  -0.03456 0.03197  5   DG  A N3    
150 C  C4    . DG  A 5 ? 0.15073 0.28637 0.32871 0.02590  -0.06238 0.02429  5   DG  A C4    
162 P  P     . DG  A 6 ? 0.59056 0.49654 0.46070 -0.00294 -0.12425 0.13338  6   DG  A P     
163 O  OP1   . DG  A 6 ? 0.60889 0.57154 0.46779 -0.03055 -0.11894 0.11844  6   DG  A OP1   
164 O  OP2   . DG  A 6 ? 0.64578 0.52700 0.48248 0.02508  -0.11773 0.12570  6   DG  A OP2   
165 O  "O5'" . DG  A 6 ? 0.53436 0.47930 0.43194 -0.00178 -0.08039 0.12952  6   DG  A "O5'" 
166 C  "C5'" . DG  A 6 ? 0.43734 0.49317 0.41823 -0.02821 -0.04556 0.13121  6   DG  A "C5'" 
167 C  "C4'" . DG  A 6 ? 0.34541 0.48546 0.39864 -0.04715 -0.02269 0.12499  6   DG  A "C4'" 
168 O  "O4'" . DG  A 6 ? 0.25254 0.44635 0.37592 -0.03934 0.00378  0.11184  6   DG  A "O4'" 
169 C  "C3'" . DG  A 6 ? 0.31754 0.50380 0.40534 -0.07048 -0.02630 0.12407  6   DG  A "C3'" 
170 O  "O3'" . DG  A 6 ? 0.37904 0.54955 0.44983 -0.08824 -0.03448 0.12853  6   DG  A "O3'" 
171 C  "C2'" . DG  A 6 ? 0.26859 0.46086 0.37656 -0.04203 -0.03273 0.11741  6   DG  A "C2'" 
172 C  "C1'" . DG  A 6 ? 0.24198 0.42052 0.33367 -0.01574 -0.03208 0.10965  6   DG  A "C1'" 
173 N  N9    . DG  A 6 ? 0.18731 0.37984 0.29037 0.01187  -0.03475 0.07213  6   DG  A N9    
174 C  C8    . DG  A 6 ? 0.16243 0.33622 0.29080 0.03580  -0.03402 0.05278  6   DG  A C8    
175 N  N7    . DG  A 6 ? 0.15130 0.27002 0.30705 0.04358  -0.03823 0.03743  6   DG  A N7    
176 C  C5    . DG  A 6 ? 0.14259 0.29734 0.29030 0.03022  -0.04120 0.04661  6   DG  A C5    
177 C  C6    . DG  A 6 ? 0.13983 0.30794 0.29568 0.03575  -0.02894 0.05195  6   DG  A C6    
178 O  O6    . DG  A 6 ? 0.14093 0.28212 0.29915 0.05157  -0.00781 0.05164  6   DG  A O6    
179 N  N1    . DG  A 6 ? 0.13340 0.30543 0.27113 0.02171  -0.03151 0.04639  6   DG  A N1    
180 C  C2    . DG  A 6 ? 0.15197 0.29984 0.26946 0.02820  -0.02195 0.03277  6   DG  A C2    
181 N  N2    . DG  A 6 ? 0.16627 0.27763 0.26537 0.06194  -0.02116 0.02843  6   DG  A N2    
182 N  N3    . DG  A 6 ? 0.14654 0.33186 0.27324 0.02307  -0.03791 0.04679  6   DG  A N3    
183 C  C4    . DG  A 6 ? 0.13805 0.32413 0.27040 0.01816  -0.03113 0.04671  6   DG  A C4    
195 P  P     . DT  A 7 ? 0.44285 0.60090 0.48363 -0.10952 -0.02121 0.11722  7   DT  A P     
196 O  OP1   . DT  A 7 ? 0.43805 0.64042 0.48361 -0.13102 0.01126  0.13935  7   DT  A OP1   
197 O  OP2   . DT  A 7 ? 0.48846 0.53930 0.49899 -0.09260 -0.05265 0.07851  7   DT  A OP2   
198 O  "O5'" . DT  A 7 ? 0.42585 0.58581 0.50593 -0.10532 -0.04072 0.10041  7   DT  A "O5'" 
199 C  "C5'" . DT  A 7 ? 0.40573 0.58598 0.48811 -0.07106 -0.02424 0.10744  7   DT  A "C5'" 
200 C  "C4'" . DT  A 7 ? 0.39636 0.56964 0.46442 -0.01521 -0.01780 0.11447  7   DT  A "C4'" 
201 O  "O4'" . DT  A 7 ? 0.35072 0.56478 0.40814 0.01798  -0.01132 0.13064  7   DT  A "O4'" 
202 C  "C3'" . DT  A 7 ? 0.38648 0.57043 0.45330 0.01948  -0.02786 0.12938  7   DT  A "C3'" 
203 O  "O3'" . DT  A 7 ? 0.39634 0.58619 0.45271 0.03903  -0.03620 0.13952  7   DT  A "O3'" 
204 C  "C2'" . DT  A 7 ? 0.35085 0.55810 0.43280 0.02892  -0.02921 0.12745  7   DT  A "C2'" 
205 C  "C1'" . DT  A 7 ? 0.32560 0.53797 0.41534 0.03835  -0.01469 0.11535  7   DT  A "C1'" 
206 N  N1    . DT  A 7 ? 0.23518 0.46303 0.40747 0.07880  -0.00881 0.09181  7   DT  A N1    
207 C  C2    . DT  A 7 ? 0.20107 0.43246 0.45815 0.10012  0.01371  0.04003  7   DT  A C2    
208 O  O2    . DT  A 7 ? 0.20635 0.44956 0.51206 0.07607  -0.02371 0.04522  7   DT  A O2    
209 N  N3    . DT  A 7 ? 0.16343 0.39711 0.41070 0.11189  0.03936  0.01596  7   DT  A N3    
210 C  C4    . DT  A 7 ? 0.15227 0.38718 0.39003 0.08746  0.06804  0.00235  7   DT  A C4    
211 O  O4    . DT  A 7 ? 0.13721 0.39469 0.39331 0.06452  0.05715  0.01825  7   DT  A O4    
212 C  C5    . DT  A 7 ? 0.14419 0.35274 0.37473 0.10207  0.02260  0.00988  7   DT  A C5    
213 C  C7    . DT  A 7 ? 0.14350 0.32831 0.36539 0.10437  -0.02068 0.00148  7   DT  A C7    
214 C  C6    . DT  A 7 ? 0.14990 0.41617 0.38203 0.07818  0.00204  0.04637  7   DT  A C6    
228 O  "O5'" . DT  B 1 ? 0.51024 0.60619 0.36136 -0.09127 0.02452  -0.00721 1   DT  B "O5'" 
229 C  "C5'" . DT  B 1 ? 0.47419 0.50439 0.37823 -0.05192 0.02602  -0.03769 1   DT  B "C5'" 
230 C  "C4'" . DT  B 1 ? 0.40366 0.42512 0.42897 -0.01749 0.04386  -0.08083 1   DT  B "C4'" 
231 O  "O4'" . DT  B 1 ? 0.34454 0.34442 0.43135 0.03414  0.04277  -0.11569 1   DT  B "O4'" 
232 C  "C3'" . DT  B 1 ? 0.36176 0.41925 0.47360 -0.03442 0.08592  -0.11723 1   DT  B "C3'" 
233 O  "O3'" . DT  B 1 ? 0.37839 0.45053 0.55952 -0.09371 0.12970  -0.13668 1   DT  B "O3'" 
234 C  "C2'" . DT  B 1 ? 0.32286 0.37404 0.43955 0.01592  0.06592  -0.12275 1   DT  B "C2'" 
235 C  "C1'" . DT  B 1 ? 0.32683 0.35305 0.41030 0.03615  0.04104  -0.10276 1   DT  B "C1'" 
236 N  N1    . DT  B 1 ? 0.24094 0.32725 0.37393 0.06938  0.00813  -0.05113 1   DT  B N1    
237 C  C2    . DT  B 1 ? 0.19101 0.35066 0.36096 0.06347  -0.00701 -0.01705 1   DT  B C2    
238 O  O2    . DT  B 1 ? 0.20523 0.37213 0.35042 0.04580  -0.02539 -0.00202 1   DT  B O2    
239 N  N3    . DT  B 1 ? 0.18952 0.23977 0.35356 0.08452  -0.04285 0.00678  1   DT  B N3    
240 C  C4    . DT  B 1 ? 0.19247 0.25186 0.34848 0.07176  -0.02064 0.00877  1   DT  B C4    
241 O  O4    . DT  B 1 ? 0.16604 0.20828 0.33052 0.06956  -0.00013 -0.00716 1   DT  B O4    
242 C  C5    . DT  B 1 ? 0.21409 0.25561 0.34759 0.07965  -0.04662 0.00695  1   DT  B C5    
243 C  C7    . DT  B 1 ? 0.19259 0.22998 0.33267 0.10101  -0.06179 0.03242  1   DT  B C7    
244 C  C6    . DT  B 1 ? 0.21754 0.25822 0.35630 0.10209  -0.02529 -0.02272 1   DT  B C6    
258 P  P     . DG  B 2 ? 0.46956 0.47754 0.60456 -0.13828 0.14213  -0.12289 2   DG  B P     
259 O  OP1   . DG  B 2 ? 0.52745 0.48178 0.63015 -0.14865 0.13599  -0.12951 2   DG  B OP1   
260 O  OP2   . DG  B 2 ? 0.52001 0.48072 0.61673 -0.14313 0.13698  -0.10627 2   DG  B OP2   
261 O  "O5'" . DG  B 2 ? 0.40947 0.49338 0.54732 -0.10195 0.17420  -0.07656 2   DG  B "O5'" 
262 C  "C5'" . DG  B 2 ? 0.33804 0.41458 0.51574 -0.06030 0.15064  -0.04906 2   DG  B "C5'" 
263 C  "C4'" . DG  B 2 ? 0.25052 0.27663 0.44550 -0.02706 0.09684  -0.03761 2   DG  B "C4'" 
264 O  "O4'" . DG  B 2 ? 0.20925 0.21569 0.42950 -0.02604 0.01625  -0.03211 2   DG  B "O4'" 
265 C  "C3'" . DG  B 2 ? 0.19810 0.21085 0.42840 -0.02261 0.11294  -0.04598 2   DG  B "C3'" 
266 O  "O3'" . DG  B 2 ? 0.24705 0.18580 0.40345 -0.01164 0.10707  -0.06558 2   DG  B "O3'" 
267 C  "C2'" . DG  B 2 ? 0.16396 0.19351 0.40597 -0.02201 0.05596  -0.02732 2   DG  B "C2'" 
268 C  "C1'" . DG  B 2 ? 0.19722 0.19969 0.39500 -0.01738 0.01317  -0.02808 2   DG  B "C1'" 
269 N  N9    . DG  B 2 ? 0.14058 0.22511 0.31268 0.01407  -0.01859 0.00368  2   DG  B N9    
270 C  C8    . DG  B 2 ? 0.16070 0.20317 0.30025 0.01258  -0.03858 0.01618  2   DG  B C8    
271 N  N7    . DG  B 2 ? 0.12947 0.18160 0.27483 0.03508  -0.03031 -0.04003 2   DG  B N7    
272 C  C5    . DG  B 2 ? 0.14538 0.21635 0.29032 0.03202  -0.01813 -0.01009 2   DG  B C5    
273 C  C6    . DG  B 2 ? 0.14542 0.15838 0.28667 0.04429  -0.01915 0.01421  2   DG  B C6    
274 O  O6    . DG  B 2 ? 0.13890 0.15892 0.32954 0.02034  -0.05638 -0.00424 2   DG  B O6    
275 N  N1    . DG  B 2 ? 0.14717 0.18794 0.22286 0.08272  -0.00542 0.03239  2   DG  B N1    
276 C  C2    . DG  B 2 ? 0.15149 0.20003 0.25725 0.05855  0.00835  0.02433  2   DG  B C2    
277 N  N2    . DG  B 2 ? 0.13174 0.21704 0.29910 0.00338  -0.00008 0.05086  2   DG  B N2    
278 N  N3    . DG  B 2 ? 0.14332 0.23290 0.26000 0.05300  0.01465  0.02803  2   DG  B N3    
279 C  C4    . DG  B 2 ? 0.15348 0.19123 0.29152 0.04721  -0.01584 -0.00936 2   DG  B C4    
291 P  P     . DG  B 3 ? 0.27418 0.20618 0.41204 -0.03393 0.13844  -0.09335 3   DG  B P     
292 O  OP1   . DG  B 3 ? 0.33963 0.20039 0.48108 0.01135  0.16753  -0.08401 3   DG  B OP1   
293 O  OP2   . DG  B 3 ? 0.27276 0.32039 0.40109 -0.07407 0.13775  -0.13917 3   DG  B OP2   
294 O  "O5'" . DG  B 3 ? 0.23430 0.16982 0.30289 0.02161  0.06635  -0.02633 3   DG  B "O5'" 
295 C  "C5'" . DG  B 3 ? 0.21199 0.17477 0.27368 0.01546  0.03224  -0.00821 3   DG  B "C5'" 
296 C  "C4'" . DG  B 3 ? 0.17472 0.16352 0.21122 -0.00685 0.02139  0.02703  3   DG  B "C4'" 
297 O  "O4'" . DG  B 3 ? 0.15233 0.14448 0.19620 0.01265  0.00519  0.03762  3   DG  B "O4'" 
298 C  "C3'" . DG  B 3 ? 0.15501 0.16830 0.17400 -0.02077 0.01491  0.00825  3   DG  B "C3'" 
299 O  "O3'" . DG  B 3 ? 0.16852 0.15640 0.17391 -0.00843 0.01303  0.00590  3   DG  B "O3'" 
300 C  "C2'" . DG  B 3 ? 0.13613 0.15531 0.15469 -0.01992 0.01275  -0.00718 3   DG  B "C2'" 
301 C  "C1'" . DG  B 3 ? 0.10244 0.14219 0.15706 0.00049  -0.00987 0.02087  3   DG  B "C1'" 
302 N  N9    . DG  B 3 ? 0.12619 0.12824 0.12829 0.01027  -0.02008 -0.00396 3   DG  B N9    
303 C  C8    . DG  B 3 ? 0.12122 0.14880 0.13897 0.01400  -0.01786 0.01838  3   DG  B C8    
304 N  N7    . DG  B 3 ? 0.10415 0.12803 0.16373 0.01600  -0.01044 0.00691  3   DG  B N7    
305 C  C5    . DG  B 3 ? 0.11700 0.14700 0.15893 0.01100  -0.00464 0.00448  3   DG  B C5    
306 C  C6    . DG  B 3 ? 0.10818 0.16517 0.13523 0.01289  0.00201  0.00750  3   DG  B C6    
307 O  O6    . DG  B 3 ? 0.12381 0.13157 0.14644 0.01897  -0.01123 0.00500  3   DG  B O6    
308 N  N1    . DG  B 3 ? 0.14071 0.14682 0.14652 0.01884  -0.00692 0.00332  3   DG  B N1    
309 C  C2    . DG  B 3 ? 0.11044 0.17541 0.13506 -0.00018 0.00800  0.00694  3   DG  B C2    
310 N  N2    . DG  B 3 ? 0.11206 0.20107 0.14236 -0.00745 0.00848  0.01956  3   DG  B N2    
311 N  N3    . DG  B 3 ? 0.13167 0.13425 0.13343 0.00566  0.01951  -0.00484 3   DG  B N3    
312 C  C4    . DG  B 3 ? 0.13207 0.12643 0.13844 0.01340  -0.00418 -0.01165 3   DG  B C4    
324 P  P     . DT  B 4 ? 0.18113 0.15561 0.20783 0.01377  0.04107  0.00788  4   DT  B P     
325 O  OP1   . DT  B 4 ? 0.22570 0.18438 0.21843 0.03690  0.03973  0.04975  4   DT  B OP1   
326 O  OP2   . DT  B 4 ? 0.20667 0.18052 0.23977 -0.00611 0.06932  -0.02611 4   DT  B OP2   
327 O  "O5'" . DT  B 4 ? 0.16634 0.14066 0.19535 0.01934  0.03027  0.01426  4   DT  B "O5'" 
328 C  "C5'" . DT  B 4 ? 0.18343 0.13821 0.16576 0.00061  0.02242  0.01203  4   DT  B "C5'" 
329 C  "C4'" . DT  B 4 ? 0.18521 0.14804 0.16211 0.00535  0.02177  -0.00004 4   DT  B "C4'" 
330 O  "O4'" . DT  B 4 ? 0.17116 0.18544 0.17949 -0.00193 0.00982  -0.00049 4   DT  B "O4'" 
331 C  "C3'" . DT  B 4 ? 0.18362 0.13294 0.13012 0.01576  0.00380  0.01320  4   DT  B "C3'" 
332 O  "O3'" . DT  B 4 ? 0.15326 0.15173 0.14053 0.03603  0.01846  0.00007  4   DT  B "O3'" 
333 C  "C2'" . DT  B 4 ? 0.18155 0.15193 0.15654 -0.01174 -0.01335 -0.00271 4   DT  B "C2'" 
334 C  "C1'" . DT  B 4 ? 0.18806 0.17360 0.16024 0.01163  0.01543  0.02994  4   DT  B "C1'" 
335 N  N1    . DT  B 4 ? 0.24293 0.13848 0.19981 0.02779  0.04413  0.00670  4   DT  B N1    
336 C  C2    . DT  B 4 ? 0.27128 0.12799 0.21313 0.04095  0.07481  0.00059  4   DT  B C2    
337 O  O2    . DT  B 4 ? 0.26433 0.14285 0.19326 0.03933  0.06609  0.02002  4   DT  B O2    
338 N  N3    . DT  B 4 ? 0.33439 0.15493 0.22413 0.04159  0.07833  0.02873  4   DT  B N3    
339 C  C4    . DT  B 4 ? 0.38492 0.18329 0.23100 0.02672  0.10777  0.02967  4   DT  B C4    
340 O  O4    . DT  B 4 ? 0.43698 0.15277 0.28316 0.02367  0.13299  0.00253  4   DT  B O4    
341 C  C5    . DT  B 4 ? 0.35815 0.16417 0.21266 0.03056  0.11131  0.00277  4   DT  B C5    
342 C  C7    . DT  B 4 ? 0.42821 0.15284 0.23686 0.04632  0.12439  -0.01761 4   DT  B C7    
343 C  C6    . DT  B 4 ? 0.29133 0.14137 0.22734 0.02523  0.09094  -0.02018 4   DT  B C6    
356 P  P     . DG  B 5 ? 0.13796 0.13461 0.14478 -0.00239 -0.01298 0.01365  5   DG  B P     
357 O  OP1   . DG  B 5 ? 0.14904 0.17132 0.15151 0.02007  0.02171  -0.00191 5   DG  B OP1   
358 O  OP2   . DG  B 5 ? 0.15941 0.16876 0.12152 0.00197  -0.02688 -0.00589 5   DG  B OP2   
359 O  "O5'" . DG  B 5 ? 0.13463 0.13719 0.15588 0.01396  -0.02066 0.01703  5   DG  B "O5'" 
360 C  "C5'" . DG  B 5 ? 0.12778 0.14670 0.14215 -0.00093 -0.04588 0.00915  5   DG  B "C5'" 
361 C  "C4'" . DG  B 5 ? 0.13588 0.16481 0.14328 0.03338  -0.01953 0.01966  5   DG  B "C4'" 
362 O  "O4'" . DG  B 5 ? 0.12523 0.18016 0.13898 0.03281  -0.00891 0.02381  5   DG  B "O4'" 
363 C  "C3'" . DG  B 5 ? 0.16690 0.14605 0.12028 0.03651  0.00065  0.02894  5   DG  B "C3'" 
364 O  "O3'" . DG  B 5 ? 0.16233 0.14720 0.12819 0.02811  0.00621  0.00613  5   DG  B "O3'" 
365 C  "C2'" . DG  B 5 ? 0.15505 0.17866 0.13985 0.02478  0.02973  0.02567  5   DG  B "C2'" 
366 C  "C1'" . DG  B 5 ? 0.15163 0.16967 0.13068 0.02476  0.00239  0.02626  5   DG  B "C1'" 
367 N  N9    . DG  B 5 ? 0.11826 0.16491 0.14499 0.00973  0.00052  -0.00285 5   DG  B N9    
368 C  C8    . DG  B 5 ? 0.09209 0.17670 0.11466 0.01071  0.00799  -0.00564 5   DG  B C8    
369 N  N7    . DG  B 5 ? 0.08554 0.13995 0.14167 -0.01706 0.00114  0.00596  5   DG  B N7    
370 C  C5    . DG  B 5 ? 0.09857 0.12348 0.13882 -0.03128 0.01860  0.02004  5   DG  B C5    
371 C  C6    . DG  B 5 ? 0.09204 0.09384 0.12054 0.02438  0.03296  0.00656  5   DG  B C6    
372 O  O6    . DG  B 5 ? 0.10672 0.12081 0.11762 0.02818  0.03832  0.00032  5   DG  B O6    
373 N  N1    . DG  B 5 ? 0.12353 0.09073 0.14620 0.02654  -0.01097 -0.00797 5   DG  B N1    
374 C  C2    . DG  B 5 ? 0.12968 0.11521 0.13315 0.01845  -0.03649 -0.02485 5   DG  B C2    
375 N  N2    . DG  B 5 ? 0.10966 0.14220 0.13609 0.00984  -0.02263 -0.01465 5   DG  B N2    
376 N  N3    . DG  B 5 ? 0.12061 0.13571 0.13690 0.00443  -0.01701 0.01262  5   DG  B N3    
377 C  C4    . DG  B 5 ? 0.11165 0.15098 0.14046 0.00270  0.00696  0.02235  5   DG  B C4    
389 P  P     . DG  B 6 ? 0.15265 0.15607 0.13702 0.01176  0.00428  0.01645  6   DG  B P     
390 O  OP1   . DG  B 6 ? 0.17122 0.18916 0.12833 -0.00421 -0.00266 -0.01255 6   DG  B OP1   
391 O  OP2   . DG  B 6 ? 0.13534 0.16920 0.16422 -0.01988 0.01420  0.00845  6   DG  B OP2   
392 O  "O5'" . DG  B 6 ? 0.12516 0.15860 0.15813 0.00543  -0.01040 0.02599  6   DG  B "O5'" 
393 C  "C5'" . DG  B 6 ? 0.12462 0.17644 0.15307 -0.01601 0.01038  0.01264  6   DG  B "C5'" 
394 C  "C4'" . DG  B 6 ? 0.13004 0.15113 0.15075 -0.02131 -0.00030 0.00051  6   DG  B "C4'" 
395 O  "O4'" . DG  B 6 ? 0.12824 0.15466 0.11337 -0.00029 0.00364  0.00353  6   DG  B "O4'" 
396 C  "C3'" . DG  B 6 ? 0.15000 0.13733 0.13089 -0.01085 0.00503  -0.00207 6   DG  B "C3'" 
397 O  "O3'" . DG  B 6 ? 0.19097 0.13200 0.11621 0.00283  0.00951  -0.01573 6   DG  B "O3'" 
398 C  "C2'" . DG  B 6 ? 0.16398 0.10195 0.10118 0.02554  0.01765  0.01830  6   DG  B "C2'" 
399 C  "C1'" . DG  B 6 ? 0.12628 0.13470 0.09121 0.02235  0.01483  0.01617  6   DG  B "C1'" 
400 N  N9    . DG  B 6 ? 0.13250 0.10373 0.13094 0.02529  0.02941  -0.00361 6   DG  B N9    
401 C  C8    . DG  B 6 ? 0.15101 0.06202 0.15520 0.03964  0.00845  0.01711  6   DG  B C8    
402 N  N7    . DG  B 6 ? 0.12665 0.12439 0.10324 0.01634  -0.00326 0.01973  6   DG  B N7    
403 C  C5    . DG  B 6 ? 0.13499 0.10737 0.10959 0.01604  -0.02779 0.00905  6   DG  B C5    
404 C  C6    . DG  B 6 ? 0.09160 0.14155 0.13236 -0.01018 -0.03083 -0.00366 6   DG  B C6    
405 O  O6    . DG  B 6 ? 0.09810 0.15076 0.12639 0.01831  -0.00242 -0.00748 6   DG  B O6    
406 N  N1    . DG  B 6 ? 0.09571 0.13457 0.11860 -0.00895 0.00226  0.01026  6   DG  B N1    
407 C  C2    . DG  B 6 ? 0.09751 0.16383 0.12690 0.00456  -0.01072 -0.01333 6   DG  B C2    
408 N  N2    . DG  B 6 ? 0.12667 0.12407 0.13020 0.00923  -0.02082 -0.01416 6   DG  B N2    
409 N  N3    . DG  B 6 ? 0.10304 0.11908 0.11969 0.02537  -0.00681 -0.01742 6   DG  B N3    
410 C  C4    . DG  B 6 ? 0.09315 0.14390 0.12520 0.02761  0.01528  -0.01524 6   DG  B C4    
422 P  P     . DT  B 7 ? 0.20040 0.15520 0.14054 -0.01349 0.00083  -0.01595 7   DT  B P     
423 O  OP1   . DT  B 7 ? 0.20447 0.21189 0.12657 0.00106  0.00289  -0.02330 7   DT  B OP1   
424 O  OP2   . DT  B 7 ? 0.16685 0.18198 0.16646 -0.02235 0.02558  -0.00973 7   DT  B OP2   
425 O  "O5'" . DT  B 7 ? 0.23925 0.15711 0.13104 0.01365  0.00264  -0.00421 7   DT  B "O5'" 
426 C  "C5'" . DT  B 7 ? 0.21672 0.19072 0.12886 0.03459  0.00683  -0.00153 7   DT  B "C5'" 
427 C  "C4'" . DT  B 7 ? 0.19487 0.17771 0.12041 0.03252  -0.02008 -0.00307 7   DT  B "C4'" 
428 O  "O4'" . DT  B 7 ? 0.17896 0.12713 0.13468 0.01402  -0.01475 0.00373  7   DT  B "O4'" 
429 C  "C3'" . DT  B 7 ? 0.18128 0.14149 0.15066 0.02602  0.00609  -0.02012 7   DT  B "C3'" 
430 O  "O3'" . DT  B 7 ? 0.24685 0.15533 0.20003 0.02768  -0.02919 -0.04445 7   DT  B "O3'" 
431 C  "C2'" . DT  B 7 ? 0.13897 0.15973 0.17799 0.00941  0.00398  -0.03292 7   DT  B "C2'" 
432 C  "C1'" . DT  B 7 ? 0.14735 0.13186 0.16880 0.00452  -0.00693 -0.02026 7   DT  B "C1'" 
433 N  N1    . DT  B 7 ? 0.14376 0.12172 0.17231 0.01535  0.00050  -0.02120 7   DT  B N1    
434 C  C2    . DT  B 7 ? 0.14907 0.11078 0.17572 0.01165  -0.01195 -0.00162 7   DT  B C2    
435 O  O2    . DT  B 7 ? 0.12946 0.13387 0.18874 0.02497  -0.02731 -0.01407 7   DT  B O2    
436 N  N3    . DT  B 7 ? 0.16217 0.09807 0.16529 0.00794  0.00093  0.01936  7   DT  B N3    
437 C  C4    . DT  B 7 ? 0.12485 0.11890 0.13465 0.00055  0.01643  -0.01255 7   DT  B C4    
438 O  O4    . DT  B 7 ? 0.17466 0.12702 0.12785 0.00895  -0.00208 0.00295  7   DT  B O4    
439 C  C5    . DT  B 7 ? 0.16154 0.13006 0.14616 0.00751  0.01353  0.01240  7   DT  B C5    
440 C  C7    . DT  B 7 ? 0.18340 0.15313 0.16171 -0.00732 0.00885  0.00579  7   DT  B C7    
441 C  C6    . DT  B 7 ? 0.16374 0.12562 0.19128 0.01214  -0.00379 -0.01518 7   DT  B C6    
455 K  K     . K   C . ? 0.15374 0.25871 0.27143 0.04627  -0.02415 0.00912  101 K   A K     
456 K  K     . K   D . ? 0.11719 0.22923 0.24281 0.04938  -0.02578 0.00974  102 K   A K     
457 K  K     . K   E . ? 0.14414 0.24558 0.25787 0.04471  -0.02334 0.00882  103 K   A K     
458 K  K     . K   F . ? 0.10661 0.13731 0.14103 0.01353  -0.00706 0.00267  104 K   A K     
459 K  K     . K   G . ? 0.10167 0.11647 0.14410 0.03479  0.01304  -0.00132 105 K   A K     
460 K  K     . K   H . ? 0.09061 0.12175 0.12553 0.01373  -0.00717 0.00271  106 K   A K     
461 K  K     . K   I . ? 0.12311 0.17373 0.17986 0.02231  -0.01165 0.00440  107 K   A K     
462 MG MG    . MG  J . ? 0.15259 0.17924 0.16850 -0.00223 0.01732  0.00121  108 MG  A MG    
463 NA NA    . NA  K . ? 0.20200 0.32620 0.34124 0.05474  -0.02857 0.01080  109 NA  A NA    
464 NA NA    . NA  L . ? 0.46481 0.48483 0.48725 0.00882  -0.00460 0.00174  110 NA  A NA    
465 K  K     . K   M . ? 0.10132 0.12234 0.12489 0.00926  -0.00484 0.00183  101 K   B K     
466 K  K     . K   N . ? 0.08111 0.12592 0.13135 0.01975  -0.01031 0.00390  102 K   B K     
467 K  K     . K   O . ? 0.10650 0.14791 0.15293 0.01825  -0.00953 0.00360  103 K   B K     
468 K  K     . K   P . ? 0.42603 0.64546 0.46066 -0.17336 0.15020  -0.00491 104 K   B K     
469 O  O     . HOH Q . ? 0.51925 0.55595 0.73387 0.26528  -0.11373 0.14719  201 HOH A O     
470 O  O     . HOH Q . ? 0.35471 0.31141 0.45408 0.01665  -0.09802 -0.06492 202 HOH A O     
471 O  O     . HOH Q . ? 0.31537 0.25240 0.21821 0.02598  0.00892  -0.00027 203 HOH A O     
472 O  O     . HOH Q . ? 0.60166 0.32181 0.25988 0.11413  0.14593  0.10025  204 HOH A O     
473 O  O     A HOH Q . ? 0.13115 0.39355 0.36124 -0.03509 0.02453  0.10030  205 HOH A O     
474 O  O     B HOH Q . ? 0.13191 0.39379 0.36176 -0.03478 0.02438  0.10054  205 HOH A O     
475 O  O     . HOH Q . ? 0.40528 0.59855 0.88879 0.12254  0.26424  0.00430  206 HOH A O     
476 O  O     . HOH Q . ? 0.38956 0.71173 0.64039 -0.25759 -0.11416 -0.03605 207 HOH A O     
477 O  O     . HOH Q . ? 0.57078 0.62687 0.38768 0.31929  0.16506  0.21145  208 HOH A O     
478 O  O     . HOH Q . ? 0.61425 0.55029 0.38573 0.25676  0.18704  0.01314  209 HOH A O     
479 O  O     . HOH Q . ? 0.19386 0.20731 0.31561 0.04302  0.03360  0.02840  210 HOH A O     
480 O  O     . HOH Q . ? 0.66689 0.39438 0.48254 0.20686  -0.07638 -0.09014 211 HOH A O     
481 O  O     . HOH Q . ? 0.51860 0.52848 0.48039 0.06109  0.01488  0.15458  212 HOH A O     
482 O  O     . HOH Q . ? 0.15956 0.18301 0.19270 0.00782  0.05355  0.03147  213 HOH A O     
483 O  O     . HOH Q . ? 0.43273 0.60340 0.71798 -0.03362 0.05096  -0.38375 214 HOH A O     
484 O  O     . HOH Q . ? 0.58423 1.00714 0.41231 -0.03647 0.02486  0.14294  215 HOH A O     
485 O  O     . HOH Q . ? 0.75507 0.51110 0.50429 -0.08326 0.01568  -0.01821 216 HOH A O     
486 O  O     . HOH R . ? 0.42400 0.41942 0.40722 0.06733  -0.12235 0.05753  201 HOH B O     
487 O  O     . HOH R . ? 0.16506 0.26716 0.22723 0.00372  0.04055  -0.04104 202 HOH B O     
488 O  O     . HOH R . ? 0.15371 0.17766 0.14833 -0.00224 -0.00921 -0.00634 203 HOH B O     
489 O  O     . HOH R . ? 0.63025 0.25704 0.60325 0.08470  0.26339  0.10508  204 HOH B O     
490 O  O     . HOH R . ? 0.58992 0.87754 0.32554 -0.06266 0.14159  0.13845  205 HOH B O     
491 O  O     . HOH R . ? 0.20105 0.22670 0.21695 -0.00498 0.01731  -0.01455 206 HOH B O     
492 O  O     . HOH R . ? 0.39454 0.21593 0.36391 0.04147  0.05731  0.10383  207 HOH B O     
493 O  O     . HOH R . ? 0.35231 0.29555 0.20461 0.02106  0.07720  0.00200  208 HOH B O     
494 O  O     . HOH R . ? 0.18280 0.16036 0.15585 -0.00308 -0.02305 0.01386  209 HOH B O     
495 O  O     . HOH R . ? 0.34547 0.40249 0.50022 -0.08664 0.03390  0.01990  210 HOH B O     
496 O  O     . HOH R . ? 0.66917 0.35570 0.59232 -0.04899 0.14440  0.00591  211 HOH B O     
497 O  O     . HOH R . ? 0.58773 0.25825 0.34474 0.15320  0.22153  0.07464  212 HOH B O     
498 O  O     . HOH R . ? 0.14287 0.24388 0.20396 0.06125  0.01736  0.04395  213 HOH B O     
499 O  O     . HOH R . ? 0.46292 0.38343 0.39746 -0.05003 -0.02283 -0.15229 214 HOH B O     
500 O  O     . HOH R . ? 0.24534 0.18609 0.18445 0.02646  0.02838  -0.00302 215 HOH B O     
501 O  O     . HOH R . ? 0.72741 0.40922 0.57594 -0.06249 0.20529  0.06341  216 HOH B O     
502 O  O     . HOH R . ? 0.45970 0.29156 0.80039 0.01097  0.06182  -0.19874 217 HOH B O     
503 O  O     . HOH R . ? 0.14347 0.15335 0.11767 -0.00818 -0.00959 0.01860  218 HOH B O     
504 O  O     . HOH R . ? 0.44519 0.42148 0.45258 -0.08159 -0.05111 -0.22410 219 HOH B O     
505 O  O     A HOH R . ? 0.46405 0.86508 0.39474 -0.17279 -0.07445 0.22680  220 HOH B O     
506 O  O     B HOH R . ? 0.46408 0.86503 0.39479 -0.17279 -0.07452 0.22674  220 HOH B O     
507 O  O     . HOH R . ? 0.18488 0.37405 0.41698 -0.08219 -0.03576 0.05601  221 HOH B O     
508 O  O     . HOH R . ? 0.38427 0.53948 0.45150 0.06894  0.13893  0.26300  222 HOH B O     
509 O  O     . HOH R . ? 0.29721 0.37492 0.43624 -0.09348 -0.10258 0.14623  223 HOH B O     
510 O  O     . HOH R . ? 0.11333 0.14158 0.17143 0.02404  0.00512  -0.00807 224 HOH B O     
511 O  O     . HOH R . ? 0.26189 0.20554 0.26558 0.06419  0.07933  -0.01597 225 HOH B O     
512 O  O     . HOH R . ? 0.42002 0.37559 0.75328 -0.02384 -0.29480 -0.00315 226 HOH B O     
513 O  O     . HOH R . ? 0.81937 0.50923 0.54188 0.17464  0.09639  0.23544  227 HOH B O     
514 O  O     . HOH R . ? 0.23805 0.19886 0.27098 0.00199  0.03742  0.02196  228 HOH B O     
515 O  O     . HOH R . ? 0.38462 0.33892 0.47599 0.02770  0.17667  0.17100  229 HOH B O     
516 O  O     . HOH R . ? 0.73078 0.50821 0.59848 0.11897  0.24265  -0.16423 230 HOH B O     
517 O  O     . HOH R . ? 0.55003 0.50611 0.56166 -0.13261 -0.20481 0.23834  231 HOH B O     
518 O  O     . HOH R . ? 0.48061 0.40555 0.58063 0.06151  -0.17738 -0.16707 232 HOH B O     
519 O  O     . HOH R . ? 0.16672 0.19789 0.13692 0.03044  -0.00459 0.03624  233 HOH B O     
520 O  O     . HOH R . ? 0.43145 0.76568 0.44876 -0.04471 -0.06680 0.09938  234 HOH B O     
521 O  O     . HOH R . ? 0.31278 0.66238 0.69198 0.09383  -0.02856 -0.02626 235 HOH B O     
522 O  O     . HOH R . ? 0.47955 0.45457 0.44299 0.00796  0.03975  0.03359  236 HOH B O     
523 O  O     . HOH R . ? 0.29374 0.53127 0.52562 0.01188  -0.12504 0.17478  237 HOH B O     
524 O  O     . HOH R . ? 0.76096 0.54519 0.75197 -0.33018 -0.20033 0.03025  238 HOH B O     
525 O  O     . HOH R . ? 0.63092 0.99708 0.51345 -0.13524 0.18442  0.12729  239 HOH B O     
526 O  O     . HOH R . ? 0.54405 0.63909 0.69759 0.05737  0.14645  0.08728  240 HOH B O     
527 O  O     . HOH R . ? 0.48565 0.68453 0.84826 0.06864  -0.00186 0.27384  241 HOH B O     
528 O  O     . HOH R . ? 0.34448 0.90350 0.63680 -0.12132 0.04966  -0.15095 242 HOH B O     
529 O  O     . HOH R . ? 0.76633 0.45566 0.76557 0.13172  -0.03657 -0.16262 243 HOH B O     
530 O  O     . HOH R . ? 0.46515 0.44833 0.66507 -0.19862 0.05976  -0.11019 244 HOH B O     
# 
